data_8WGB
#
_entry.id   8WGB
#
_cell.length_a   1.00
_cell.length_b   1.00
_cell.length_c   1.00
_cell.angle_alpha   90.00
_cell.angle_beta   90.00
_cell.angle_gamma   90.00
#
_symmetry.space_group_name_H-M   'P 1'
#
loop_
_entity.id
_entity.type
_entity.pdbx_description
1 polymer 'Guanine nucleotide-binding protein G(I)/G(S)/G(T) subunit beta-1'
2 polymer 'Guanine nucleotide-binding protein G(I)/G(S)/G(O) subunit gamma-2'
3 polymer 'Metabotropic glutamate receptor 2'
4 polymer 'Guanine nucleotide-binding protein G(i) subunit alpha-3'
5 polymer 'Metabotropic glutamate receptor 4'
6 non-polymer 'GLUTAMIC ACID'
7 non-polymer '(1R,2S)-2-[[3,5-bis(chloranyl)phenyl]carbamoyl]cyclohexane-1-carboxylic acid'
#
loop_
_entity_poly.entity_id
_entity_poly.type
_entity_poly.pdbx_seq_one_letter_code
_entity_poly.pdbx_strand_id
1 'polypeptide(L)'
;SELDQLRQEAEQLKNQIRDARKACADATLSQITNNIDPVGRIQMRTRRTLRGHLAKIYAMHWGTDSRLLVSASQDGKLII
WDSYTTNKVHAIPLRSSWVMTCAYAPSGNYVACGGLDNICSIYNLKTREGNVRVSRELAGHTGYLSCCRFLDDNQIVTSS
GDTTCALWDIETGQQTTTFTGHTGDVMSLSLAPDTRLFVSGACDASAKLWDVREGMCRQTFTGHESDINAICFFPNGNAF
ATGSDDATCRLFDLRADQELMTYSHDNIICGITSVSFSKSGRLLLAGYDDFNCNVWDALKADRAGVLAGHDNRVSCLGVT
DDGMAVATGSWDSFLKIWN
;
D
2 'polypeptide(L)' MASNNTASIAQARKLVEQLKMEANIDRIKVSKAAADLMAYCEAHAKEDPLLTPVPASENPFREKKFFCAIL E
3 'polypeptide(L)'
;EGPAKKVLTLEGDLVLGGLFPVHQKGGPAEDCGPVNEHRGIQRLEAMLFALDRINRDPHLLPGVRLGAHILDSCSKDTHA
LEQALDFVRASLSRGADGSRHICPDGSYATHGDAPTAITGVIGGSYSDVSIQVANLLRLFQIPQISYASTSAKLSDKSRY
DYFARTVPPDFFQAKAMAEILRFFNWTYVSTVASEGDYGETGIEAFELEARARNICVATSEKVGRAMSRAAFEGVVRALL
QKPSARVAVLFTRSEDARELLAASQRLNASFTWVASDGWGALESVVAGSEGAAEGAITIELASYPISDFASYFQSLDPWN
NSRNPWFREFWEQRFRCSFRQRDCAAHSLRAVPFEQESKIMFVVNAVYAMAHALHNMHRALCPNTTRLCDAMRPVNGRRL
YKDFVLNVKFDAPFRPADTHNEVRFDRFGDGIGRYNIFTYLRAGSGRYRYQKVGYWAEGLTLDTSLIPWASPSAGPLPAS
RCSEPCLQNEVKSVQPGEVCCWLCIPCQPYEYRLDEFTCADCGLGYWPNASLTGCFELPQEYIRWGDAWAVGPVTIACLG
ALATLFVLGVFVRHNATPVVKASGRELCYILLGGVFLCYCMTFIFIAKPSTAVCTLRRLGLGTAFSVCYSALLTKTNRIA
RIFGGAREGAQRPRFISPASQVAICLALISGQLLIVVAWLVVEAPGTGKETAPERREVVTLRCNHRDASMLGSLAYNVLL
IALCTLYAFKTRKCPENFNEAKFIGFTMYTTCIIWLAFLPIFYVTSSDYRVQTTTMCVSVSLSGSVVLGCLFAPKLHIIL
FQPQKNVVSHRAPTSRFGSAAARASSSLGQGSGSQFVPTVCNGREVVDSTTSSL
;
B
4 'polypeptide(L)'
;MGCTLSAEDKAAVERSKMIDRNLREDGEKAAKEVKLLLLGAGESGKNTIVKQMKIIHEDGYSEDECKQYKVVVYSNTIQS
IIAIIRAMGRLKIDFGEAARADDARQLFVLAGSAEEGVMTPELAGVIKRLWRDGGVQACFSRSREYQLNDSASYYLNDLD
RISQSNYIPTQQDVLRTRVKTTGIVETHFTFKDLYFKMFDVGAQRSERKKWIHCFEGVTAIIFCVALSDYDLVLAEDEEM
NRMHASMKLFDSICNNKWFTETSIILFLNKKDLFEEKIKRSPLTICYPEYTGSNTYEEAAAYIQCQFEDLNRRKDTKEIY
THFTCSTDTKNVQFVFDAVTDVIIKNNLKECGLY
;
C
5 'polypeptide(L)'
;KPKGHPHMNSIRIDGDITLGGLFPVHGRGSEGKPCGELKKEKGIHRLEAMLFALDRINNDPDLLPNITLGARILDTCSRD
THALEQSLTFVQALIEKDGTEVRCGSGGPPIITKPERVVGVIGASGSSVSIMVANILRLFKIPQISYASTAPDLSDNSRY
DFFSRVVPSDTYQAQAMVDIVRALKWNYVSTVASEGSYGESGVEAFIQKSREDGGVCIAQSVKIPREPKAGEFDKIIRRL
LETSNARAVIIFANEDDIRRVLEAARRANQTGHFFWMGSDSWGSKIAPVLHLEEVAEGAVTILPKRMSVRGFDRYFSSRT
LDNNRRNIWFAEFWEDNFHCKLSRHALKKGSHVKKCTNRERIGQDSAYEQEGKVQFVIDAVYAMGHALHAMHRDLCPGRV
GLCPRMDPVDGTQLLKYIRNVNFSGIAGNPVTFNENGDAPGRYDIYQYQLRNDSAEYKVIGSWTDHLHLRIERMHWPGSG
QQLPRSICSLPCQPGERKKTVKGMPCCWHCEPCTGYQYQVDRYTCKTCPYDMRPTENRTGCRPIPIIKLEWGSPWAVLPL
FLAVVGIAATLFVVITFVRYNDTPIVKASGRELSYVLLAGIFLCYATTFLMIAEPDLGTCSLRRIFLGLGMSISYAALLT
KTNRIYRIFEQGKRSVSAPRFISPASQLAITFSLISLQLLGICVWFVVDPSHSVVDFQDQRTLDPRFARGVLKCDISDLS
LICLLGYSMLLMVTCTVYAIKTRGVPETFNEAKPIGFTMYTTCIVWLAFIPIFFGTSQSADKLYIQTTTLTVSVSLSASV
SLGMLYMPKVYIILFHPEQNVPKRKRSLKAVVTAATMSNKFTQKGNFRPNGEAKSELCENLEAPALATKQTYVTYTNHAI
;
R
#
# COMPACT_ATOMS: atom_id res chain seq x y z
N GLU A 2 47.62 100.49 -55.19
CA GLU A 2 46.38 100.78 -55.89
C GLU A 2 45.28 100.01 -55.17
N LEU A 3 45.54 98.74 -54.85
CA LEU A 3 44.56 97.95 -54.13
C LEU A 3 44.30 98.53 -52.73
N ASP A 4 45.36 98.97 -52.06
CA ASP A 4 45.19 99.61 -50.76
C ASP A 4 44.43 100.92 -50.89
N GLN A 5 44.59 101.61 -52.02
CA GLN A 5 43.81 102.83 -52.26
C GLN A 5 42.32 102.52 -52.34
N LEU A 6 41.96 101.44 -53.06
CA LEU A 6 40.56 101.06 -53.11
C LEU A 6 40.07 100.59 -51.75
N ARG A 7 40.93 99.94 -50.98
CA ARG A 7 40.55 99.54 -49.63
C ARG A 7 40.27 100.76 -48.76
N GLN A 8 41.08 101.82 -48.93
CA GLN A 8 40.82 103.03 -48.16
C GLN A 8 39.51 103.70 -48.58
N GLU A 9 39.17 103.72 -49.89
CA GLU A 9 37.88 104.34 -50.19
C GLU A 9 36.78 103.49 -49.55
N ALA A 10 36.78 102.20 -49.87
CA ALA A 10 35.76 101.28 -49.37
C ALA A 10 35.53 101.53 -47.88
N GLU A 11 36.60 101.56 -47.08
CA GLU A 11 36.29 101.72 -45.67
C GLU A 11 36.10 103.19 -45.32
N GLN A 12 36.28 104.08 -46.30
CA GLN A 12 35.98 105.48 -46.06
C GLN A 12 34.48 105.62 -46.10
N LEU A 13 33.85 104.77 -46.91
CA LEU A 13 32.41 104.88 -47.04
C LEU A 13 31.72 104.05 -45.97
N LYS A 14 32.24 102.87 -45.62
CA LYS A 14 31.64 102.17 -44.48
C LYS A 14 31.66 103.04 -43.23
N ASN A 15 32.70 103.85 -43.05
CA ASN A 15 32.72 104.80 -41.92
C ASN A 15 31.54 105.78 -42.02
N GLN A 16 31.31 106.32 -43.22
CA GLN A 16 30.19 107.23 -43.43
C GLN A 16 28.85 106.53 -43.20
N ILE A 17 28.75 105.26 -43.63
CA ILE A 17 27.54 104.47 -43.43
C ILE A 17 27.27 104.30 -41.95
N ARG A 18 28.32 104.00 -41.17
CA ARG A 18 28.15 103.87 -39.73
C ARG A 18 27.70 105.20 -39.13
N ASP A 19 28.25 106.30 -39.63
CA ASP A 19 27.83 107.62 -39.17
C ASP A 19 26.36 107.88 -39.48
N ALA A 20 25.92 107.52 -40.69
CA ALA A 20 24.53 107.69 -41.09
C ALA A 20 23.61 106.84 -40.21
N ARG A 21 24.03 105.61 -39.90
CA ARG A 21 23.23 104.76 -39.02
C ARG A 21 23.18 105.34 -37.62
N LYS A 22 24.26 106.03 -37.20
CA LYS A 22 24.27 106.64 -35.89
C LYS A 22 23.37 107.88 -35.87
N ALA A 23 23.24 108.57 -36.99
CA ALA A 23 22.43 109.79 -37.01
C ALA A 23 20.95 109.50 -36.75
N CYS A 24 20.47 108.33 -37.15
CA CYS A 24 19.05 108.02 -36.99
C CYS A 24 18.69 107.59 -35.57
N ALA A 25 19.66 107.07 -34.82
CA ALA A 25 19.41 106.43 -33.53
C ALA A 25 19.07 107.49 -32.47
N ASP A 26 17.82 107.95 -32.51
CA ASP A 26 17.36 108.85 -31.44
C ASP A 26 17.23 108.09 -30.12
N ALA A 27 16.59 106.93 -30.14
CA ALA A 27 16.44 106.07 -28.97
C ALA A 27 16.20 104.65 -29.45
N THR A 28 16.57 103.68 -28.60
CA THR A 28 16.31 102.29 -28.93
C THR A 28 14.82 101.98 -28.83
N LEU A 29 14.45 100.79 -29.29
CA LEU A 29 13.06 100.35 -29.23
C LEU A 29 12.56 100.23 -27.80
N SER A 30 13.42 99.83 -26.87
CA SER A 30 13.00 99.68 -25.48
C SER A 30 12.56 101.00 -24.87
N GLN A 31 13.29 102.09 -25.15
CA GLN A 31 12.95 103.37 -24.54
C GLN A 31 11.58 103.88 -24.95
N ILE A 32 11.05 103.43 -26.08
CA ILE A 32 9.74 103.86 -26.52
C ILE A 32 8.68 102.83 -26.15
N THR A 33 9.06 101.56 -26.12
CA THR A 33 8.12 100.49 -25.82
C THR A 33 8.01 100.19 -24.33
N ASN A 34 8.73 100.92 -23.48
CA ASN A 34 8.61 100.73 -22.03
C ASN A 34 7.17 100.89 -21.54
N ASN A 35 6.36 101.70 -22.21
CA ASN A 35 4.99 101.94 -21.78
C ASN A 35 4.00 100.89 -22.29
N ILE A 36 4.46 99.91 -23.05
CA ILE A 36 3.57 98.88 -23.58
C ILE A 36 3.24 97.88 -22.49
N ASP A 37 1.97 97.48 -22.41
CA ASP A 37 1.56 96.45 -21.48
C ASP A 37 2.21 95.12 -21.82
N PRO A 38 2.64 94.34 -20.83
CA PRO A 38 3.24 93.04 -21.11
C PRO A 38 2.24 92.09 -21.74
N VAL A 39 2.75 91.18 -22.57
CA VAL A 39 1.89 90.20 -23.22
C VAL A 39 1.28 89.25 -22.20
N GLY A 40 2.00 88.92 -21.16
CA GLY A 40 1.54 87.95 -20.17
C GLY A 40 2.11 86.57 -20.43
N ARG A 41 2.21 85.79 -19.36
CA ARG A 41 2.71 84.42 -19.46
C ARG A 41 1.85 83.62 -20.43
N ILE A 42 2.50 82.93 -21.36
CA ILE A 42 1.83 82.19 -22.42
C ILE A 42 1.89 80.71 -22.09
N GLN A 43 0.72 80.07 -22.03
CA GLN A 43 0.59 78.66 -21.70
C GLN A 43 0.19 77.85 -22.92
N MET A 44 0.78 78.18 -24.06
CA MET A 44 0.53 77.44 -25.30
C MET A 44 0.88 75.97 -25.10
N ARG A 45 -0.03 75.10 -25.51
CA ARG A 45 0.11 73.66 -25.30
C ARG A 45 0.04 72.93 -26.63
N THR A 46 0.50 71.67 -26.60
CA THR A 46 0.49 70.84 -27.78
C THR A 46 -0.92 70.32 -28.06
N ARG A 47 -1.35 70.41 -29.30
CA ARG A 47 -2.65 69.88 -29.72
C ARG A 47 -2.54 68.71 -30.69
N ARG A 48 -1.47 68.63 -31.46
CA ARG A 48 -1.30 67.56 -32.43
C ARG A 48 0.16 67.11 -32.45
N THR A 49 0.37 65.80 -32.47
CA THR A 49 1.68 65.21 -32.70
C THR A 49 1.60 64.29 -33.90
N LEU A 50 2.50 64.48 -34.86
CA LEU A 50 2.45 63.77 -36.13
C LEU A 50 3.50 62.66 -36.12
N ARG A 51 3.04 61.41 -36.02
CA ARG A 51 3.92 60.25 -35.99
C ARG A 51 4.22 59.83 -37.44
N GLY A 52 5.15 60.56 -38.06
CA GLY A 52 5.41 60.36 -39.47
C GLY A 52 6.76 59.76 -39.80
N HIS A 53 7.69 60.62 -40.21
CA HIS A 53 9.02 60.16 -40.60
C HIS A 53 9.66 59.39 -39.46
N LEU A 54 10.48 58.41 -39.81
CA LEU A 54 11.13 57.61 -38.78
C LEU A 54 12.44 58.22 -38.31
N ALA A 55 13.26 58.75 -39.22
CA ALA A 55 14.61 59.15 -38.88
C ALA A 55 14.67 60.56 -38.29
N LYS A 56 14.31 61.57 -39.09
CA LYS A 56 14.69 62.93 -38.78
C LYS A 56 13.92 63.95 -39.62
N ILE A 57 13.29 64.94 -38.97
CA ILE A 57 12.65 66.04 -39.67
C ILE A 57 13.66 67.18 -39.83
N TYR A 58 13.68 67.79 -41.02
CA TYR A 58 14.68 68.81 -41.31
C TYR A 58 14.08 70.13 -41.77
N ALA A 59 12.96 70.09 -42.47
CA ALA A 59 12.29 71.31 -42.89
C ALA A 59 10.80 71.10 -42.90
N MET A 60 10.06 72.20 -42.74
CA MET A 60 8.61 72.16 -42.67
C MET A 60 8.07 73.51 -43.11
N HIS A 61 7.04 73.48 -43.96
CA HIS A 61 6.41 74.70 -44.47
C HIS A 61 4.90 74.54 -44.47
N TRP A 62 4.20 75.61 -44.13
CA TRP A 62 2.75 75.62 -44.15
C TRP A 62 2.22 75.99 -45.53
N GLY A 63 1.20 75.28 -45.98
CA GLY A 63 0.48 75.69 -47.16
C GLY A 63 -0.32 76.95 -46.92
N THR A 64 -0.60 77.68 -48.00
CA THR A 64 -1.35 78.92 -47.89
C THR A 64 -2.76 78.70 -47.36
N ASP A 65 -3.29 77.48 -47.49
CA ASP A 65 -4.59 77.17 -46.91
C ASP A 65 -4.57 77.12 -45.40
N SER A 66 -3.38 77.17 -44.78
CA SER A 66 -3.18 77.04 -43.34
C SER A 66 -3.63 75.68 -42.82
N ARG A 67 -3.87 74.72 -43.71
CA ARG A 67 -4.30 73.38 -43.34
C ARG A 67 -3.32 72.31 -43.79
N LEU A 68 -2.91 72.33 -45.05
CA LEU A 68 -1.95 71.36 -45.56
C LEU A 68 -0.54 71.76 -45.13
N LEU A 69 0.26 70.75 -44.77
CA LEU A 69 1.57 71.00 -44.16
C LEU A 69 2.57 70.01 -44.72
N VAL A 70 3.62 70.52 -45.34
CA VAL A 70 4.66 69.71 -45.98
C VAL A 70 5.83 69.56 -45.01
N SER A 71 6.35 68.34 -44.89
CA SER A 71 7.48 68.05 -44.03
C SER A 71 8.49 67.18 -44.78
N ALA A 72 9.77 67.35 -44.45
CA ALA A 72 10.86 66.69 -45.17
C ALA A 72 11.77 65.99 -44.17
N SER A 73 12.38 64.89 -44.63
CA SER A 73 13.17 64.03 -43.77
C SER A 73 14.61 63.90 -44.27
N GLN A 74 15.53 63.64 -43.33
CA GLN A 74 16.93 63.42 -43.67
C GLN A 74 17.11 62.33 -44.71
N ASP A 75 16.38 61.23 -44.58
CA ASP A 75 16.35 60.20 -45.61
C ASP A 75 14.93 59.68 -45.76
N GLY A 76 14.49 59.55 -47.02
CA GLY A 76 13.15 59.07 -47.27
C GLY A 76 12.31 59.99 -48.11
N LYS A 77 11.18 60.42 -47.55
CA LYS A 77 10.08 60.97 -48.34
C LYS A 77 9.63 62.31 -47.77
N LEU A 78 8.91 63.05 -48.60
CA LEU A 78 8.20 64.25 -48.19
C LEU A 78 6.76 63.89 -47.85
N ILE A 79 6.33 64.26 -46.64
CA ILE A 79 5.00 63.93 -46.14
C ILE A 79 4.18 65.21 -46.11
N ILE A 80 3.05 65.20 -46.80
CA ILE A 80 2.11 66.32 -46.81
C ILE A 80 0.94 65.92 -45.92
N TRP A 81 0.79 66.65 -44.81
CA TRP A 81 -0.23 66.34 -43.82
C TRP A 81 -1.46 67.22 -43.98
N ASP A 82 -2.60 66.66 -43.61
CA ASP A 82 -3.81 67.44 -43.32
C ASP A 82 -3.77 67.71 -41.81
N SER A 83 -3.37 68.93 -41.45
CA SER A 83 -3.05 69.21 -40.05
C SER A 83 -4.28 69.14 -39.15
N TYR A 84 -5.47 69.35 -39.71
CA TYR A 84 -6.67 69.36 -38.86
C TYR A 84 -6.99 67.96 -38.37
N THR A 85 -6.82 66.94 -39.22
CA THR A 85 -7.15 65.57 -38.88
C THR A 85 -5.94 64.66 -38.82
N THR A 86 -4.73 65.21 -38.93
CA THR A 86 -3.46 64.47 -38.85
C THR A 86 -3.34 63.42 -39.95
N ASN A 87 -4.14 63.51 -41.00
CA ASN A 87 -4.00 62.57 -42.11
C ASN A 87 -2.71 62.85 -42.88
N LYS A 88 -2.29 61.85 -43.65
CA LYS A 88 -1.17 61.99 -44.58
C LYS A 88 -1.75 62.07 -45.99
N VAL A 89 -1.86 63.30 -46.51
CA VAL A 89 -2.44 63.49 -47.83
C VAL A 89 -1.55 62.88 -48.91
N HIS A 90 -0.23 63.04 -48.80
CA HIS A 90 0.67 62.56 -49.83
C HIS A 90 1.99 62.10 -49.22
N ALA A 91 2.62 61.13 -49.88
CA ALA A 91 3.97 60.69 -49.59
C ALA A 91 4.75 60.71 -50.90
N ILE A 92 5.83 61.48 -50.93
CA ILE A 92 6.60 61.71 -52.15
C ILE A 92 7.91 60.91 -52.04
N PRO A 93 8.12 59.89 -52.86
CA PRO A 93 9.33 59.08 -52.72
C PRO A 93 10.55 59.78 -53.31
N LEU A 94 11.18 60.60 -52.47
CA LEU A 94 12.25 61.49 -52.93
C LEU A 94 13.37 60.72 -53.61
N ARG A 95 13.87 61.28 -54.72
CA ARG A 95 15.00 60.68 -55.41
C ARG A 95 16.27 60.77 -54.57
N SER A 96 16.69 62.00 -54.24
CA SER A 96 17.84 62.20 -53.36
C SER A 96 17.40 62.25 -51.92
N SER A 97 17.96 61.37 -51.09
CA SER A 97 17.54 61.27 -49.70
C SER A 97 17.89 62.52 -48.90
N TRP A 98 19.07 63.09 -49.13
CA TRP A 98 19.62 64.12 -48.26
C TRP A 98 18.91 65.45 -48.48
N VAL A 99 18.14 65.87 -47.48
CA VAL A 99 17.28 67.04 -47.57
C VAL A 99 17.78 68.10 -46.61
N MET A 100 17.64 69.36 -47.00
CA MET A 100 17.86 70.48 -46.10
C MET A 100 16.72 71.48 -46.07
N THR A 101 15.89 71.57 -47.11
CA THR A 101 14.80 72.53 -47.14
C THR A 101 13.64 71.96 -47.93
N CYS A 102 12.45 72.48 -47.65
CA CYS A 102 11.25 72.17 -48.41
C CYS A 102 10.38 73.42 -48.49
N ALA A 103 9.59 73.51 -49.56
CA ALA A 103 8.74 74.67 -49.78
C ALA A 103 7.42 74.23 -50.40
N TYR A 104 6.34 74.89 -49.99
CA TYR A 104 5.00 74.63 -50.50
C TYR A 104 4.53 75.83 -51.31
N ALA A 105 4.05 75.59 -52.53
CA ALA A 105 3.70 76.68 -53.42
C ALA A 105 2.51 77.47 -52.87
N PRO A 106 2.46 78.77 -53.12
CA PRO A 106 1.32 79.57 -52.64
C PRO A 106 -0.01 79.11 -53.19
N SER A 107 -0.06 78.62 -54.44
CA SER A 107 -1.30 78.10 -54.99
C SER A 107 -1.63 76.72 -54.47
N GLY A 108 -0.64 75.99 -53.95
CA GLY A 108 -0.87 74.64 -53.46
C GLY A 108 -0.72 73.55 -54.49
N ASN A 109 -0.49 73.90 -55.76
CA ASN A 109 -0.37 72.88 -56.80
C ASN A 109 0.98 72.18 -56.77
N TYR A 110 2.02 72.86 -56.32
CA TYR A 110 3.39 72.35 -56.38
C TYR A 110 4.01 72.34 -54.99
N VAL A 111 5.01 71.49 -54.83
CA VAL A 111 5.93 71.56 -53.69
C VAL A 111 7.34 71.50 -54.25
N ALA A 112 8.30 71.82 -53.40
CA ALA A 112 9.71 71.76 -53.80
C ALA A 112 10.53 71.25 -52.64
N CYS A 113 11.44 70.32 -52.93
CA CYS A 113 12.45 69.88 -51.99
C CYS A 113 13.80 70.39 -52.51
N GLY A 114 14.41 71.30 -51.76
CA GLY A 114 15.68 71.85 -52.20
C GLY A 114 16.77 70.79 -52.27
N GLY A 115 16.86 69.98 -51.23
CA GLY A 115 17.83 68.91 -51.21
C GLY A 115 19.25 69.39 -50.98
N LEU A 116 20.09 68.49 -50.48
CA LEU A 116 21.50 68.76 -50.29
C LEU A 116 22.36 68.27 -51.47
N ASP A 117 21.74 67.65 -52.48
CA ASP A 117 22.43 67.24 -53.70
C ASP A 117 22.53 68.36 -54.74
N ASN A 118 22.37 69.61 -54.33
CA ASN A 118 22.51 70.79 -55.19
C ASN A 118 21.45 70.85 -56.28
N ILE A 119 20.44 69.99 -56.23
CA ILE A 119 19.41 69.94 -57.26
C ILE A 119 18.05 70.20 -56.60
N CYS A 120 17.43 71.31 -56.98
CA CYS A 120 16.08 71.62 -56.51
C CYS A 120 15.07 70.80 -57.29
N SER A 121 14.26 70.02 -56.60
CA SER A 121 13.30 69.12 -57.22
C SER A 121 11.89 69.67 -57.01
N ILE A 122 11.20 69.97 -58.10
CA ILE A 122 9.82 70.46 -58.06
C ILE A 122 8.89 69.29 -58.30
N TYR A 123 7.88 69.14 -57.45
CA TYR A 123 6.91 68.05 -57.57
C TYR A 123 5.51 68.61 -57.81
N ASN A 124 4.87 68.13 -58.87
CA ASN A 124 3.51 68.52 -59.21
C ASN A 124 2.53 67.58 -58.51
N LEU A 125 1.60 68.16 -57.75
CA LEU A 125 0.69 67.38 -56.91
C LEU A 125 -0.60 67.03 -57.65
N LYS A 126 -1.19 68.00 -58.35
CA LYS A 126 -2.48 67.81 -59.02
C LYS A 126 -2.25 67.15 -60.38
N THR A 127 -1.83 65.89 -60.33
CA THR A 127 -1.53 65.13 -61.54
C THR A 127 -2.75 64.31 -61.95
N ARG A 128 -2.85 64.03 -63.25
CA ARG A 128 -3.95 63.23 -63.77
C ARG A 128 -3.98 61.82 -63.19
N GLU A 129 -2.82 61.17 -63.09
CA GLU A 129 -2.76 59.79 -62.62
C GLU A 129 -2.60 59.68 -61.11
N GLY A 130 -2.96 60.73 -60.37
CA GLY A 130 -3.01 60.66 -58.92
C GLY A 130 -1.67 60.60 -58.22
N ASN A 131 -0.64 60.15 -58.93
CA ASN A 131 0.69 60.05 -58.33
C ASN A 131 1.41 61.38 -58.42
N VAL A 132 2.20 61.68 -57.39
CA VAL A 132 3.03 62.88 -57.43
C VAL A 132 4.16 62.68 -58.43
N ARG A 133 4.17 63.51 -59.46
CA ARG A 133 5.19 63.44 -60.50
C ARG A 133 6.29 64.44 -60.20
N VAL A 134 7.46 64.21 -60.79
CA VAL A 134 8.59 65.14 -60.69
C VAL A 134 8.57 66.03 -61.92
N SER A 135 8.40 67.33 -61.70
CA SER A 135 8.46 68.31 -62.78
C SER A 135 9.92 68.66 -63.05
N ARG A 136 10.14 69.75 -63.80
CA ARG A 136 11.50 70.11 -64.20
C ARG A 136 12.37 70.39 -62.98
N GLU A 137 13.33 69.51 -62.71
CA GLU A 137 14.31 69.76 -61.67
C GLU A 137 15.22 70.93 -62.06
N LEU A 138 15.59 71.73 -61.06
CA LEU A 138 16.38 72.93 -61.26
C LEU A 138 17.81 72.66 -60.82
N ALA A 139 18.71 72.51 -61.79
CA ALA A 139 20.10 72.18 -61.52
C ALA A 139 21.01 73.30 -62.01
N GLY A 140 22.15 73.46 -61.33
CA GLY A 140 23.15 74.42 -61.73
C GLY A 140 23.56 75.41 -60.67
N HIS A 141 23.31 75.08 -59.40
CA HIS A 141 23.59 75.99 -58.30
C HIS A 141 24.89 75.66 -57.58
N THR A 142 25.61 74.64 -58.03
CA THR A 142 26.97 74.28 -57.62
C THR A 142 27.15 74.34 -56.10
N GLY A 143 26.09 74.08 -55.37
CA GLY A 143 26.16 74.04 -53.92
C GLY A 143 24.87 73.53 -53.33
N TYR A 144 24.96 73.03 -52.10
CA TYR A 144 23.80 72.47 -51.42
C TYR A 144 22.75 73.55 -51.19
N LEU A 145 21.50 73.21 -51.49
CA LEU A 145 20.40 74.16 -51.43
C LEU A 145 19.93 74.31 -49.99
N SER A 146 20.41 75.35 -49.32
CA SER A 146 20.07 75.56 -47.91
C SER A 146 18.59 75.89 -47.73
N CYS A 147 18.06 76.74 -48.59
CA CYS A 147 16.67 77.15 -48.46
C CYS A 147 16.11 77.50 -49.84
N CYS A 148 14.85 77.15 -50.06
CA CYS A 148 14.14 77.46 -51.29
C CYS A 148 12.75 77.98 -50.94
N ARG A 149 12.30 78.99 -51.66
CA ARG A 149 11.03 79.63 -51.38
C ARG A 149 10.32 79.97 -52.68
N PHE A 150 9.01 79.76 -52.71
CA PHE A 150 8.22 79.99 -53.90
C PHE A 150 7.84 81.46 -54.02
N LEU A 151 8.35 82.13 -55.05
CA LEU A 151 7.84 83.43 -55.41
C LEU A 151 6.40 83.32 -55.90
N ASP A 152 6.15 82.38 -56.79
CA ASP A 152 4.83 81.95 -57.20
C ASP A 152 5.03 80.65 -57.99
N ASP A 153 3.93 80.15 -58.57
CA ASP A 153 3.99 78.85 -59.25
C ASP A 153 5.00 78.83 -60.38
N ASN A 154 5.39 80.00 -60.88
CA ASN A 154 6.36 80.07 -61.96
C ASN A 154 7.74 80.55 -61.54
N GLN A 155 7.92 81.03 -60.31
CA GLN A 155 9.19 81.60 -59.89
C GLN A 155 9.57 81.10 -58.51
N ILE A 156 10.81 80.65 -58.36
CA ILE A 156 11.31 80.17 -57.07
C ILE A 156 12.62 80.90 -56.77
N VAL A 157 12.89 81.06 -55.48
CA VAL A 157 14.13 81.65 -55.01
C VAL A 157 14.85 80.61 -54.17
N THR A 158 16.10 80.34 -54.47
CA THR A 158 16.85 79.28 -53.82
C THR A 158 18.16 79.82 -53.26
N SER A 159 18.46 79.41 -52.04
CA SER A 159 19.74 79.72 -51.40
C SER A 159 20.62 78.49 -51.43
N SER A 160 21.91 78.69 -51.70
CA SER A 160 22.84 77.60 -51.90
C SER A 160 24.01 77.74 -50.94
N GLY A 161 24.69 76.61 -50.70
CA GLY A 161 25.96 76.68 -49.99
C GLY A 161 26.97 77.52 -50.73
N ASP A 162 26.99 77.41 -52.05
CA ASP A 162 27.64 78.42 -52.87
C ASP A 162 26.97 79.77 -52.62
N THR A 163 27.80 80.80 -52.40
CA THR A 163 27.31 82.08 -51.88
C THR A 163 26.24 82.73 -52.77
N THR A 164 26.01 82.22 -53.97
CA THR A 164 25.07 82.83 -54.91
C THR A 164 23.65 82.36 -54.64
N CYS A 165 22.76 83.31 -54.36
CA CYS A 165 21.32 83.04 -54.41
C CYS A 165 20.84 83.11 -55.86
N ALA A 166 19.76 82.38 -56.14
CA ALA A 166 19.30 82.24 -57.51
C ALA A 166 17.78 82.37 -57.59
N LEU A 167 17.32 82.80 -58.76
CA LEU A 167 15.91 82.85 -59.11
C LEU A 167 15.69 82.06 -60.40
N TRP A 168 14.80 81.07 -60.36
CA TRP A 168 14.59 80.16 -61.47
C TRP A 168 13.21 80.36 -62.10
N ASP A 169 13.19 80.36 -63.44
CA ASP A 169 11.96 80.24 -64.22
C ASP A 169 11.68 78.76 -64.45
N ILE A 170 10.57 78.27 -63.90
CA ILE A 170 10.33 76.82 -63.81
C ILE A 170 10.08 76.16 -65.18
N GLU A 171 9.43 76.82 -66.15
CA GLU A 171 9.15 76.11 -67.39
C GLU A 171 10.44 75.69 -68.09
N THR A 172 11.42 76.58 -68.16
CA THR A 172 12.67 76.29 -68.83
C THR A 172 13.80 75.93 -67.89
N GLY A 173 13.64 76.10 -66.58
CA GLY A 173 14.71 75.70 -65.68
C GLY A 173 15.93 76.60 -65.66
N GLN A 174 15.96 77.67 -66.45
CA GLN A 174 17.13 78.52 -66.49
C GLN A 174 17.23 79.37 -65.22
N GLN A 175 18.46 79.58 -64.76
CA GLN A 175 18.74 80.47 -63.63
C GLN A 175 18.62 81.91 -64.11
N THR A 176 17.38 82.40 -64.13
CA THR A 176 17.08 83.66 -64.80
C THR A 176 17.65 84.87 -64.06
N THR A 177 18.03 84.72 -62.80
CA THR A 177 18.68 85.79 -62.06
C THR A 177 19.62 85.18 -61.02
N THR A 178 20.71 85.90 -60.74
CA THR A 178 21.68 85.47 -59.74
C THR A 178 22.08 86.64 -58.88
N PHE A 179 22.09 86.45 -57.57
CA PHE A 179 22.54 87.45 -56.60
C PHE A 179 23.82 86.95 -55.94
N THR A 180 24.88 87.76 -56.03
CA THR A 180 26.22 87.32 -55.67
C THR A 180 26.84 88.18 -54.56
N GLY A 181 26.10 89.18 -54.04
CA GLY A 181 26.70 90.10 -53.09
C GLY A 181 27.25 89.44 -51.84
N HIS A 182 26.73 88.27 -51.47
CA HIS A 182 27.19 87.63 -50.25
C HIS A 182 28.61 87.09 -50.40
N THR A 183 29.32 87.04 -49.28
CA THR A 183 30.66 86.47 -49.23
C THR A 183 30.68 85.09 -48.58
N GLY A 184 29.74 84.82 -47.67
CA GLY A 184 29.62 83.53 -47.04
C GLY A 184 28.48 82.71 -47.62
N ASP A 185 28.34 81.51 -47.07
CA ASP A 185 27.32 80.56 -47.51
C ASP A 185 25.96 80.99 -46.98
N VAL A 186 24.99 81.14 -47.89
CA VAL A 186 23.67 81.66 -47.55
C VAL A 186 22.88 80.58 -46.82
N MET A 187 22.82 80.67 -45.49
CA MET A 187 22.13 79.65 -44.72
C MET A 187 20.61 79.75 -44.81
N SER A 188 20.08 80.97 -44.79
CA SER A 188 18.65 81.17 -44.66
C SER A 188 18.16 82.23 -45.64
N LEU A 189 16.87 82.15 -45.95
CA LEU A 189 16.24 83.07 -46.88
C LEU A 189 14.79 83.24 -46.46
N SER A 190 14.25 84.44 -46.71
CA SER A 190 12.86 84.74 -46.41
C SER A 190 12.31 85.71 -47.44
N LEU A 191 11.04 85.53 -47.79
CA LEU A 191 10.38 86.39 -48.77
C LEU A 191 9.44 87.36 -48.06
N ALA A 192 9.51 88.63 -48.46
CA ALA A 192 8.60 89.63 -47.92
C ALA A 192 7.17 89.35 -48.38
N PRO A 193 6.18 89.78 -47.60
CA PRO A 193 4.78 89.51 -47.98
C PRO A 193 4.41 90.05 -49.34
N ASP A 194 4.93 91.22 -49.73
CA ASP A 194 4.66 91.74 -51.07
C ASP A 194 5.36 90.96 -52.16
N THR A 195 6.32 90.10 -51.79
CA THR A 195 7.07 89.25 -52.71
C THR A 195 7.91 90.08 -53.68
N ARG A 196 7.83 91.42 -53.56
CA ARG A 196 8.61 92.28 -54.43
C ARG A 196 10.11 92.14 -54.18
N LEU A 197 10.50 91.83 -52.95
CA LEU A 197 11.90 91.67 -52.58
C LEU A 197 12.01 90.66 -51.46
N PHE A 198 13.23 90.16 -51.25
CA PHE A 198 13.47 89.19 -50.20
C PHE A 198 14.78 89.52 -49.49
N VAL A 199 15.06 88.76 -48.42
CA VAL A 199 16.27 88.93 -47.63
C VAL A 199 16.89 87.56 -47.39
N SER A 200 18.19 87.56 -47.14
CA SER A 200 18.90 86.31 -46.89
C SER A 200 20.08 86.57 -45.97
N GLY A 201 20.41 85.57 -45.17
CA GLY A 201 21.51 85.67 -44.22
C GLY A 201 22.51 84.56 -44.44
N ALA A 202 23.79 84.90 -44.40
CA ALA A 202 24.87 83.98 -44.72
C ALA A 202 25.79 83.79 -43.50
N CYS A 203 26.81 82.97 -43.68
CA CYS A 203 27.74 82.66 -42.61
C CYS A 203 28.65 83.82 -42.24
N ASP A 204 28.67 84.89 -43.04
CA ASP A 204 29.52 86.04 -42.76
C ASP A 204 28.90 86.98 -41.74
N ALA A 205 27.89 86.53 -41.01
CA ALA A 205 27.19 87.34 -40.01
C ALA A 205 26.58 88.60 -40.62
N SER A 206 26.27 88.55 -41.90
CA SER A 206 25.70 89.69 -42.61
C SER A 206 24.44 89.27 -43.35
N ALA A 207 23.37 90.03 -43.18
CA ALA A 207 22.14 89.83 -43.92
C ALA A 207 22.04 90.88 -45.02
N LYS A 208 21.50 90.48 -46.17
CA LYS A 208 21.39 91.37 -47.32
C LYS A 208 19.97 91.31 -47.86
N LEU A 209 19.43 92.48 -48.17
CA LEU A 209 18.06 92.64 -48.68
C LEU A 209 18.13 92.80 -50.19
N TRP A 210 17.77 91.76 -50.92
CA TRP A 210 17.79 91.78 -52.37
C TRP A 210 16.39 91.99 -52.92
N ASP A 211 16.32 92.57 -54.12
CA ASP A 211 15.09 92.68 -54.88
C ASP A 211 15.14 91.73 -56.07
N VAL A 212 14.03 91.07 -56.35
CA VAL A 212 14.00 90.03 -57.37
C VAL A 212 14.03 90.58 -58.80
N ARG A 213 13.52 91.79 -59.05
CA ARG A 213 13.43 92.24 -60.43
C ARG A 213 14.80 92.66 -61.00
N GLU A 214 15.62 93.39 -60.25
CA GLU A 214 16.92 93.80 -60.79
C GLU A 214 18.07 92.98 -60.22
N GLY A 215 17.97 92.54 -58.96
CA GLY A 215 19.01 91.76 -58.33
C GLY A 215 20.02 92.57 -57.53
N MET A 216 19.97 93.89 -57.59
CA MET A 216 20.93 94.70 -56.86
C MET A 216 20.64 94.59 -55.36
N CYS A 217 21.71 94.48 -54.57
CA CYS A 217 21.64 94.44 -53.10
C CYS A 217 21.28 95.80 -52.53
N ARG A 218 20.01 95.97 -52.16
CA ARG A 218 19.54 97.27 -51.68
C ARG A 218 20.19 97.63 -50.34
N GLN A 219 20.35 96.66 -49.44
CA GLN A 219 20.84 96.96 -48.10
C GLN A 219 21.56 95.74 -47.54
N THR A 220 22.51 96.01 -46.64
CA THR A 220 23.18 94.97 -45.87
C THR A 220 23.07 95.30 -44.39
N PHE A 221 22.87 94.27 -43.57
CA PHE A 221 22.72 94.44 -42.13
C PHE A 221 23.71 93.54 -41.40
N THR A 222 24.39 94.10 -40.41
CA THR A 222 25.34 93.36 -39.58
C THR A 222 25.01 93.58 -38.12
N GLY A 223 25.81 92.98 -37.24
CA GLY A 223 25.58 93.08 -35.82
C GLY A 223 25.74 91.74 -35.13
N HIS A 224 25.44 90.66 -35.86
CA HIS A 224 25.59 89.32 -35.32
C HIS A 224 27.05 88.94 -35.21
N GLU A 225 27.39 88.19 -34.18
CA GLU A 225 28.76 87.75 -33.93
C GLU A 225 29.06 86.38 -34.52
N SER A 226 28.08 85.70 -35.11
CA SER A 226 28.30 84.36 -35.62
C SER A 226 27.43 84.16 -36.86
N ASP A 227 27.35 82.91 -37.32
CA ASP A 227 26.60 82.60 -38.52
C ASP A 227 25.13 82.89 -38.34
N ILE A 228 24.50 83.35 -39.41
CA ILE A 228 23.05 83.58 -39.43
C ILE A 228 22.39 82.33 -40.00
N ASN A 229 21.56 81.68 -39.20
CA ASN A 229 20.96 80.42 -39.60
C ASN A 229 19.48 80.50 -39.90
N ALA A 230 18.80 81.61 -39.57
CA ALA A 230 17.38 81.71 -39.83
C ALA A 230 16.98 83.18 -39.87
N ILE A 231 16.12 83.52 -40.82
CA ILE A 231 15.58 84.87 -40.97
C ILE A 231 14.10 84.78 -41.27
N CYS A 232 13.30 85.61 -40.63
CA CYS A 232 11.87 85.69 -40.89
C CYS A 232 11.45 87.15 -41.02
N PHE A 233 10.77 87.48 -42.12
CA PHE A 233 10.27 88.82 -42.32
C PHE A 233 9.17 89.16 -41.32
N PHE A 234 9.16 90.40 -40.84
CA PHE A 234 8.04 90.89 -40.08
C PHE A 234 6.80 90.93 -40.97
N PRO A 235 5.62 90.64 -40.43
CA PRO A 235 4.43 90.51 -41.29
C PRO A 235 4.12 91.74 -42.13
N ASN A 236 4.41 92.95 -41.64
CA ASN A 236 4.12 94.13 -42.46
C ASN A 236 5.16 94.28 -43.56
N GLY A 237 6.39 93.86 -43.33
CA GLY A 237 7.43 93.91 -44.35
C GLY A 237 8.49 94.98 -44.14
N ASN A 238 8.38 95.82 -43.11
CA ASN A 238 9.36 96.86 -42.88
C ASN A 238 10.55 96.38 -42.07
N ALA A 239 10.47 95.19 -41.50
CA ALA A 239 11.50 94.68 -40.60
C ALA A 239 11.64 93.19 -40.80
N PHE A 240 12.68 92.62 -40.19
CA PHE A 240 12.89 91.18 -40.23
C PHE A 240 13.75 90.78 -39.03
N ALA A 241 13.39 89.66 -38.42
CA ALA A 241 14.15 89.11 -37.31
C ALA A 241 15.12 88.05 -37.81
N THR A 242 16.23 87.91 -37.11
CA THR A 242 17.32 87.05 -37.54
C THR A 242 17.91 86.33 -36.35
N GLY A 243 18.00 85.01 -36.43
CA GLY A 243 18.66 84.22 -35.42
C GLY A 243 20.09 83.89 -35.82
N SER A 244 20.91 83.57 -34.81
CA SER A 244 22.32 83.30 -35.03
C SER A 244 22.83 82.36 -33.95
N ASP A 245 24.01 81.81 -34.19
CA ASP A 245 24.61 80.87 -33.26
C ASP A 245 25.01 81.51 -31.94
N ASP A 246 25.04 82.83 -31.85
CA ASP A 246 25.29 83.52 -30.59
C ASP A 246 24.06 83.57 -29.69
N ALA A 247 23.00 82.82 -30.02
CA ALA A 247 21.80 82.72 -29.20
C ALA A 247 21.08 84.06 -29.05
N THR A 248 21.21 84.94 -30.03
CA THR A 248 20.61 86.27 -29.96
C THR A 248 19.80 86.55 -31.22
N CYS A 249 18.51 86.78 -31.05
CA CYS A 249 17.64 87.22 -32.13
C CYS A 249 17.72 88.73 -32.25
N ARG A 250 17.82 89.22 -33.48
CA ARG A 250 17.91 90.65 -33.74
C ARG A 250 16.84 91.04 -34.74
N LEU A 251 16.20 92.20 -34.50
CA LEU A 251 15.08 92.67 -35.29
C LEU A 251 15.54 93.89 -36.10
N PHE A 252 16.04 93.64 -37.30
CA PHE A 252 16.52 94.72 -38.15
C PHE A 252 15.35 95.38 -38.87
N ASP A 253 15.53 96.65 -39.22
CA ASP A 253 14.53 97.44 -39.92
C ASP A 253 15.02 97.79 -41.32
N LEU A 254 14.10 97.75 -42.29
CA LEU A 254 14.46 97.97 -43.68
C LEU A 254 14.45 99.45 -44.07
N ARG A 255 13.38 100.16 -43.69
CA ARG A 255 13.36 101.60 -43.95
C ARG A 255 14.33 102.35 -43.04
N ALA A 256 14.67 101.79 -41.87
CA ALA A 256 15.85 102.19 -41.13
C ALA A 256 17.01 101.28 -41.57
N ASP A 257 18.14 101.33 -40.83
CA ASP A 257 19.26 100.50 -41.25
C ASP A 257 20.09 99.92 -40.09
N GLN A 258 19.54 99.83 -38.88
CA GLN A 258 20.36 99.48 -37.73
C GLN A 258 19.75 98.31 -36.95
N GLU A 259 20.41 98.01 -35.83
CA GLU A 259 20.08 96.85 -35.01
C GLU A 259 18.65 96.94 -34.47
N LEU A 260 18.38 98.00 -33.71
CA LEU A 260 17.05 98.39 -33.24
C LEU A 260 16.49 97.47 -32.16
N MET A 261 17.13 96.33 -31.92
CA MET A 261 16.64 95.41 -30.90
C MET A 261 17.63 94.26 -30.76
N THR A 262 17.55 93.57 -29.63
CA THR A 262 18.37 92.40 -29.38
C THR A 262 17.61 91.48 -28.41
N TYR A 263 17.50 90.20 -28.77
CA TYR A 263 16.80 89.21 -27.96
C TYR A 263 17.79 88.19 -27.42
N SER A 264 18.30 88.43 -26.22
CA SER A 264 19.25 87.51 -25.60
C SER A 264 19.00 87.46 -24.11
N HIS A 265 19.32 86.33 -23.51
CA HIS A 265 19.20 86.20 -22.06
C HIS A 265 20.34 85.26 -21.64
N ASP A 266 20.81 85.43 -20.41
CA ASP A 266 21.96 84.65 -19.95
C ASP A 266 21.66 83.16 -19.83
N ASN A 267 20.40 82.79 -19.61
CA ASN A 267 20.08 81.38 -19.37
C ASN A 267 20.31 80.53 -20.61
N ILE A 268 20.23 81.11 -21.80
CA ILE A 268 20.33 80.36 -23.05
C ILE A 268 21.69 80.64 -23.69
N ILE A 269 22.40 79.57 -24.04
CA ILE A 269 23.73 79.64 -24.63
C ILE A 269 23.71 79.19 -26.08
N CYS A 270 23.05 78.08 -26.37
CA CYS A 270 23.11 77.47 -27.68
C CYS A 270 22.44 78.35 -28.72
N GLY A 271 22.91 78.25 -29.96
CA GLY A 271 22.45 79.15 -30.99
C GLY A 271 21.05 78.85 -31.47
N ILE A 272 20.42 79.89 -32.00
CA ILE A 272 19.08 79.77 -32.56
C ILE A 272 19.14 78.98 -33.86
N THR A 273 18.01 78.39 -34.23
CA THR A 273 17.91 77.56 -35.42
C THR A 273 16.75 77.91 -36.34
N SER A 274 15.72 78.58 -35.85
CA SER A 274 14.59 78.96 -36.70
C SER A 274 13.83 80.08 -36.03
N VAL A 275 13.38 81.04 -36.83
CA VAL A 275 12.59 82.17 -36.35
C VAL A 275 11.33 82.27 -37.20
N SER A 276 10.22 82.61 -36.57
CA SER A 276 8.96 82.78 -37.28
C SER A 276 8.10 83.76 -36.52
N PHE A 277 7.96 84.98 -37.04
CA PHE A 277 7.02 85.93 -36.46
C PHE A 277 5.61 85.39 -36.54
N SER A 278 4.87 85.54 -35.44
CA SER A 278 3.45 85.24 -35.48
C SER A 278 2.73 86.29 -36.32
N LYS A 279 1.51 85.95 -36.74
CA LYS A 279 0.67 86.94 -37.40
C LYS A 279 0.46 88.13 -36.48
N SER A 280 0.42 89.33 -37.09
CA SER A 280 0.37 90.62 -36.40
C SER A 280 1.73 91.00 -35.80
N GLY A 281 2.70 90.09 -35.87
CA GLY A 281 4.08 90.43 -35.59
C GLY A 281 4.44 90.63 -34.13
N ARG A 282 3.49 90.48 -33.20
CA ARG A 282 3.79 90.80 -31.81
C ARG A 282 4.67 89.75 -31.15
N LEU A 283 4.57 88.50 -31.57
CA LEU A 283 5.35 87.42 -30.97
C LEU A 283 6.39 86.91 -31.96
N LEU A 284 7.60 86.64 -31.46
CA LEU A 284 8.65 86.00 -32.24
C LEU A 284 8.98 84.66 -31.61
N LEU A 285 8.80 83.59 -32.36
CA LEU A 285 9.03 82.23 -31.88
C LEU A 285 10.36 81.74 -32.44
N ALA A 286 11.33 81.49 -31.55
CA ALA A 286 12.67 81.08 -31.95
C ALA A 286 12.96 79.71 -31.35
N GLY A 287 13.32 78.75 -32.20
CA GLY A 287 13.77 77.45 -31.73
C GLY A 287 15.25 77.44 -31.42
N TYR A 288 15.63 76.62 -30.45
CA TYR A 288 17.00 76.58 -29.97
C TYR A 288 17.52 75.15 -29.97
N ASP A 289 18.84 75.03 -29.77
CA ASP A 289 19.51 73.75 -29.56
C ASP A 289 19.44 73.31 -28.10
N ASP A 290 18.81 74.10 -27.23
CA ASP A 290 18.49 73.84 -25.83
C ASP A 290 17.36 72.87 -25.67
N PHE A 291 17.04 72.21 -26.78
CA PHE A 291 16.04 71.16 -26.84
C PHE A 291 14.65 71.78 -26.68
N ASN A 292 14.52 73.02 -27.14
CA ASN A 292 13.50 73.91 -26.62
C ASN A 292 13.11 74.95 -27.66
N CYS A 293 12.02 75.67 -27.37
CA CYS A 293 11.55 76.80 -28.15
C CYS A 293 11.22 77.94 -27.21
N ASN A 294 11.30 79.17 -27.73
CA ASN A 294 11.11 80.38 -26.93
C ASN A 294 10.18 81.37 -27.62
N VAL A 295 9.27 81.95 -26.85
CA VAL A 295 8.35 82.97 -27.35
C VAL A 295 8.79 84.31 -26.79
N TRP A 296 9.32 85.17 -27.67
CA TRP A 296 9.80 86.49 -27.29
C TRP A 296 8.78 87.56 -27.64
N ASP A 297 8.68 88.57 -26.79
CA ASP A 297 7.97 89.80 -27.16
C ASP A 297 8.75 90.52 -28.25
N ALA A 298 8.05 90.87 -29.33
CA ALA A 298 8.73 91.55 -30.43
C ALA A 298 9.04 93.01 -30.12
N LEU A 299 8.37 93.59 -29.12
CA LEU A 299 8.55 94.98 -28.78
C LEU A 299 9.39 95.18 -27.53
N LYS A 300 9.19 94.34 -26.50
CA LYS A 300 10.02 94.34 -25.31
C LYS A 300 11.01 93.18 -25.37
N ALA A 301 12.26 93.44 -25.01
CA ALA A 301 13.30 92.41 -25.01
C ALA A 301 13.13 91.49 -23.79
N ASP A 302 11.97 90.85 -23.73
CA ASP A 302 11.63 89.98 -22.61
C ASP A 302 11.00 88.69 -23.12
N ARG A 303 11.30 87.60 -22.43
CA ARG A 303 10.73 86.30 -22.80
C ARG A 303 9.26 86.24 -22.39
N ALA A 304 8.39 85.91 -23.34
CA ALA A 304 6.97 85.80 -23.06
C ALA A 304 6.55 84.40 -22.64
N GLY A 305 7.19 83.37 -23.16
CA GLY A 305 6.83 82.01 -22.79
C GLY A 305 7.85 81.01 -23.30
N VAL A 306 7.69 79.77 -22.84
CA VAL A 306 8.52 78.66 -23.26
C VAL A 306 7.62 77.50 -23.68
N LEU A 307 7.99 76.83 -24.77
CA LEU A 307 7.22 75.69 -25.24
C LEU A 307 7.69 74.37 -24.63
N ALA A 308 8.95 73.99 -24.89
CA ALA A 308 9.62 72.88 -24.21
C ALA A 308 8.82 71.59 -24.35
N GLY A 309 8.72 71.11 -25.58
CA GLY A 309 7.97 69.91 -25.84
C GLY A 309 8.58 68.94 -26.84
N HIS A 310 9.90 68.95 -26.98
CA HIS A 310 10.56 68.06 -27.92
C HIS A 310 11.73 67.35 -27.23
N ASP A 311 12.08 66.19 -27.76
CA ASP A 311 13.18 65.38 -27.23
C ASP A 311 14.50 65.60 -27.96
N ASN A 312 14.48 66.16 -29.16
CA ASN A 312 15.67 66.45 -29.93
C ASN A 312 15.59 67.86 -30.49
N ARG A 313 16.64 68.28 -31.18
CA ARG A 313 16.74 69.69 -31.61
C ARG A 313 15.58 70.08 -32.49
N VAL A 314 15.04 71.27 -32.26
CA VAL A 314 13.98 71.83 -33.11
C VAL A 314 14.56 72.10 -34.50
N SER A 315 13.99 71.45 -35.52
CA SER A 315 14.47 71.68 -36.87
C SER A 315 14.02 73.03 -37.40
N CYS A 316 12.75 73.38 -37.20
CA CYS A 316 12.18 74.56 -37.84
C CYS A 316 10.87 74.91 -37.16
N LEU A 317 10.45 76.17 -37.35
CA LEU A 317 9.16 76.64 -36.87
C LEU A 317 8.38 77.24 -38.03
N GLY A 318 7.06 77.11 -37.96
CA GLY A 318 6.19 77.73 -38.95
C GLY A 318 4.84 78.11 -38.39
N VAL A 319 4.47 79.37 -38.54
CA VAL A 319 3.18 79.89 -38.08
C VAL A 319 2.24 79.98 -39.27
N THR A 320 1.02 79.50 -39.09
CA THR A 320 0.04 79.49 -40.17
C THR A 320 -0.23 80.91 -40.66
N ASP A 321 -0.68 81.01 -41.91
CA ASP A 321 -0.92 82.32 -42.51
C ASP A 321 -2.00 83.08 -41.74
N ASP A 322 -2.94 82.37 -41.12
CA ASP A 322 -3.94 83.01 -40.27
C ASP A 322 -3.55 83.01 -38.80
N GLY A 323 -2.38 82.47 -38.46
CA GLY A 323 -1.90 82.52 -37.09
C GLY A 323 -2.59 81.58 -36.12
N MET A 324 -3.38 80.63 -36.61
CA MET A 324 -4.16 79.79 -35.71
C MET A 324 -3.27 78.93 -34.84
N ALA A 325 -2.20 78.36 -35.40
CA ALA A 325 -1.33 77.48 -34.65
C ALA A 325 0.06 77.50 -35.27
N VAL A 326 1.04 77.09 -34.47
CA VAL A 326 2.43 77.05 -34.90
C VAL A 326 2.90 75.60 -34.89
N ALA A 327 3.42 75.15 -36.04
CA ALA A 327 4.00 73.82 -36.15
C ALA A 327 5.47 73.89 -35.83
N THR A 328 5.92 73.06 -34.89
CA THR A 328 7.33 72.96 -34.53
C THR A 328 7.81 71.58 -34.94
N GLY A 329 8.69 71.54 -35.94
CA GLY A 329 9.33 70.30 -36.36
C GLY A 329 10.71 70.21 -35.75
N SER A 330 11.00 69.06 -35.15
CA SER A 330 12.22 68.88 -34.40
C SER A 330 13.03 67.73 -34.97
N TRP A 331 14.24 67.55 -34.42
CA TRP A 331 15.08 66.45 -34.87
C TRP A 331 14.54 65.11 -34.40
N ASP A 332 13.80 65.09 -33.30
CA ASP A 332 12.96 63.94 -33.01
C ASP A 332 11.89 63.80 -34.08
N SER A 333 11.53 62.56 -34.40
CA SER A 333 10.76 62.32 -35.62
C SER A 333 9.38 62.96 -35.58
N PHE A 334 8.91 63.38 -34.41
CA PHE A 334 7.56 63.92 -34.29
C PHE A 334 7.55 65.38 -34.69
N LEU A 335 6.47 65.80 -35.35
CA LEU A 335 6.19 67.21 -35.61
C LEU A 335 4.98 67.62 -34.80
N LYS A 336 5.14 68.61 -33.93
CA LYS A 336 4.12 68.95 -32.96
C LYS A 336 3.53 70.32 -33.27
N ILE A 337 2.21 70.40 -33.29
CA ILE A 337 1.47 71.64 -33.53
C ILE A 337 1.06 72.23 -32.19
N TRP A 338 1.29 73.53 -32.01
CA TRP A 338 1.02 74.22 -30.76
C TRP A 338 0.04 75.36 -30.99
N ASN A 339 -0.76 75.64 -29.97
CA ASN A 339 -1.50 76.91 -29.89
C ASN A 339 -2.02 77.14 -28.48
N ALA B 7 39.51 94.20 -60.82
CA ALA B 7 39.43 93.41 -59.59
C ALA B 7 38.01 93.43 -59.03
N SER B 8 37.77 92.58 -58.02
CA SER B 8 36.46 92.52 -57.38
C SER B 8 36.22 93.71 -56.45
N ILE B 9 37.30 94.29 -55.91
CA ILE B 9 37.15 95.37 -54.95
C ILE B 9 36.44 96.56 -55.58
N ALA B 10 36.74 96.83 -56.86
CA ALA B 10 36.04 97.94 -57.53
C ALA B 10 34.54 97.68 -57.56
N GLN B 11 34.15 96.40 -57.58
CA GLN B 11 32.74 96.09 -57.49
C GLN B 11 32.25 96.35 -56.08
N ALA B 12 33.03 95.92 -55.08
CA ALA B 12 32.59 96.06 -53.71
C ALA B 12 32.31 97.54 -53.40
N ARG B 13 33.28 98.41 -53.70
CA ARG B 13 33.08 99.84 -53.51
C ARG B 13 31.91 100.39 -54.33
N LYS B 14 31.78 99.98 -55.59
CA LYS B 14 30.68 100.44 -56.43
C LYS B 14 29.36 100.09 -55.79
N LEU B 15 29.32 98.98 -55.06
CA LEU B 15 28.16 98.62 -54.24
C LEU B 15 28.05 99.52 -53.02
N VAL B 16 29.11 99.61 -52.23
CA VAL B 16 29.02 100.22 -50.90
C VAL B 16 28.64 101.70 -51.00
N GLU B 17 29.19 102.43 -51.98
CA GLU B 17 28.79 103.82 -52.19
C GLU B 17 27.28 103.93 -52.45
N GLN B 18 26.77 103.10 -53.35
CA GLN B 18 25.33 103.02 -53.59
C GLN B 18 24.57 102.73 -52.30
N LEU B 19 25.06 101.77 -51.51
CA LEU B 19 24.42 101.46 -50.25
C LEU B 19 24.39 102.69 -49.36
N LYS B 20 25.46 103.49 -49.35
CA LYS B 20 25.46 104.75 -48.63
C LYS B 20 24.32 105.66 -49.10
N MET B 21 24.16 105.78 -50.41
CA MET B 21 23.06 106.60 -50.92
C MET B 21 21.70 106.09 -50.43
N GLU B 22 21.49 104.78 -50.45
CA GLU B 22 20.26 104.23 -49.88
C GLU B 22 20.15 104.48 -48.39
N ALA B 23 21.25 104.35 -47.65
CA ALA B 23 21.28 104.70 -46.23
C ALA B 23 20.96 106.18 -45.98
N ASN B 24 21.25 107.05 -46.95
CA ASN B 24 20.82 108.44 -46.83
C ASN B 24 19.34 108.63 -47.15
N ILE B 25 18.80 107.93 -48.14
CA ILE B 25 17.35 108.07 -48.36
C ILE B 25 16.61 107.38 -47.21
N ASP B 26 17.09 106.22 -46.79
CA ASP B 26 16.55 105.47 -45.67
C ASP B 26 17.06 105.98 -44.32
N ARG B 27 17.51 107.23 -44.28
CA ARG B 27 17.98 107.86 -43.05
C ARG B 27 16.83 108.39 -42.19
N ILE B 28 15.62 107.84 -42.39
CA ILE B 28 14.52 108.15 -41.49
C ILE B 28 14.89 107.75 -40.07
N LYS B 29 14.35 108.50 -39.11
CA LYS B 29 14.74 108.32 -37.72
C LYS B 29 14.22 107.00 -37.15
N VAL B 30 15.01 106.41 -36.25
CA VAL B 30 14.64 105.14 -35.64
C VAL B 30 13.35 105.31 -34.85
N SER B 31 13.07 106.52 -34.36
CA SER B 31 11.82 106.76 -33.66
C SER B 31 10.63 106.49 -34.56
N LYS B 32 10.72 106.88 -35.83
CA LYS B 32 9.64 106.62 -36.77
C LYS B 32 9.45 105.13 -37.00
N ALA B 33 10.54 104.38 -37.14
CA ALA B 33 10.43 102.94 -37.32
C ALA B 33 9.82 102.28 -36.10
N ALA B 34 10.24 102.72 -34.90
CA ALA B 34 9.66 102.21 -33.67
C ALA B 34 8.17 102.51 -33.62
N ALA B 35 7.77 103.73 -34.00
CA ALA B 35 6.36 104.10 -33.97
C ALA B 35 5.56 103.25 -34.94
N ASP B 36 6.11 102.98 -36.13
CA ASP B 36 5.39 102.18 -37.12
C ASP B 36 5.26 100.75 -36.65
N LEU B 37 6.32 100.18 -36.09
CA LEU B 37 6.26 98.81 -35.58
C LEU B 37 5.25 98.70 -34.44
N MET B 38 5.29 99.65 -33.50
CA MET B 38 4.32 99.65 -32.41
C MET B 38 2.90 99.82 -32.92
N ALA B 39 2.70 100.70 -33.91
CA ALA B 39 1.36 100.92 -34.44
C ALA B 39 0.81 99.67 -35.09
N TYR B 40 1.64 98.96 -35.86
CA TYR B 40 1.17 97.71 -36.45
C TYR B 40 0.85 96.69 -35.38
N CYS B 41 1.73 96.55 -34.38
CA CYS B 41 1.50 95.56 -33.33
C CYS B 41 0.21 95.85 -32.57
N GLU B 42 -0.07 97.12 -32.28
CA GLU B 42 -1.29 97.47 -31.56
C GLU B 42 -2.53 97.31 -32.44
N ALA B 43 -2.46 97.77 -33.69
CA ALA B 43 -3.63 97.77 -34.56
C ALA B 43 -4.05 96.38 -34.98
N HIS B 44 -3.08 95.53 -35.33
CA HIS B 44 -3.42 94.18 -35.75
C HIS B 44 -3.55 93.21 -34.58
N ALA B 45 -3.47 93.70 -33.34
CA ALA B 45 -3.85 92.86 -32.22
C ALA B 45 -5.33 92.54 -32.27
N LYS B 46 -5.74 91.56 -31.45
CA LYS B 46 -7.03 90.87 -31.33
C LYS B 46 -7.29 89.89 -32.47
N GLU B 47 -6.46 89.87 -33.52
CA GLU B 47 -6.53 88.81 -34.53
C GLU B 47 -5.30 87.90 -34.42
N ASP B 48 -4.72 87.83 -33.22
CA ASP B 48 -3.58 86.98 -32.92
C ASP B 48 -4.06 85.79 -32.11
N PRO B 49 -4.32 84.64 -32.73
CA PRO B 49 -4.78 83.47 -31.97
C PRO B 49 -3.76 82.98 -30.96
N LEU B 50 -2.48 83.29 -31.15
CA LEU B 50 -1.47 82.87 -30.19
C LEU B 50 -1.42 83.83 -29.00
N LEU B 51 -1.52 85.14 -29.25
CA LEU B 51 -1.55 86.11 -28.17
C LEU B 51 -2.79 85.91 -27.30
N THR B 52 -3.97 86.06 -27.89
CA THR B 52 -5.22 85.85 -27.19
C THR B 52 -5.82 84.51 -27.59
N PRO B 53 -5.90 83.54 -26.68
CA PRO B 53 -6.47 82.23 -27.05
C PRO B 53 -7.95 82.36 -27.36
N VAL B 54 -8.41 81.47 -28.25
CA VAL B 54 -9.81 81.44 -28.64
C VAL B 54 -10.42 80.13 -28.14
N PRO B 55 -11.69 80.13 -27.73
CA PRO B 55 -12.29 78.90 -27.19
C PRO B 55 -12.41 77.79 -28.23
N ALA B 56 -12.92 76.63 -27.78
CA ALA B 56 -13.02 75.47 -28.66
C ALA B 56 -14.01 75.68 -29.80
N SER B 57 -14.86 76.70 -29.71
CA SER B 57 -15.89 76.90 -30.74
C SER B 57 -15.31 77.37 -32.07
N GLU B 58 -14.10 77.94 -32.08
CA GLU B 58 -13.54 78.43 -33.34
C GLU B 58 -12.12 77.95 -33.62
N ASN B 59 -11.37 77.46 -32.65
CA ASN B 59 -10.04 76.95 -32.94
C ASN B 59 -10.15 75.64 -33.72
N PRO B 60 -9.41 75.50 -34.83
CA PRO B 60 -9.56 74.28 -35.64
C PRO B 60 -8.84 73.08 -35.08
N PHE B 61 -7.89 73.27 -34.17
CA PHE B 61 -7.07 72.17 -33.67
C PHE B 61 -7.62 71.54 -32.40
N ARG B 62 -8.78 71.98 -31.91
CA ARG B 62 -9.55 71.22 -30.96
C ARG B 62 -10.96 70.96 -31.50
N GLU B 63 -11.64 72.01 -31.96
CA GLU B 63 -13.01 71.96 -32.49
C GLU B 63 -13.93 71.03 -31.69
N LYS C 5 -53.77 -62.14 37.33
CA LYS C 5 -54.95 -62.76 37.93
C LYS C 5 -55.16 -64.18 37.40
N LYS C 6 -55.50 -64.28 36.13
CA LYS C 6 -55.79 -65.57 35.52
C LYS C 6 -54.51 -66.28 35.13
N VAL C 7 -54.53 -67.61 35.23
CA VAL C 7 -53.42 -68.45 34.80
C VAL C 7 -53.95 -69.53 33.87
N LEU C 8 -53.20 -69.81 32.80
CA LEU C 8 -53.61 -70.79 31.81
C LEU C 8 -52.98 -72.14 32.18
N THR C 9 -53.82 -73.08 32.60
CA THR C 9 -53.37 -74.41 32.99
C THR C 9 -54.10 -75.45 32.15
N LEU C 10 -53.34 -76.24 31.40
CA LEU C 10 -53.89 -77.35 30.63
C LEU C 10 -53.90 -78.60 31.50
N GLU C 11 -54.15 -79.75 30.88
CA GLU C 11 -54.11 -81.02 31.59
C GLU C 11 -52.73 -81.27 32.20
N GLY C 12 -52.65 -82.28 33.04
CA GLY C 12 -51.41 -82.57 33.76
C GLY C 12 -50.41 -83.33 32.92
N ASP C 13 -49.84 -84.40 33.48
CA ASP C 13 -48.90 -85.27 32.78
C ASP C 13 -47.66 -84.50 32.31
N LEU C 14 -46.86 -84.07 33.30
CA LEU C 14 -45.59 -83.39 33.06
C LEU C 14 -45.79 -82.10 32.27
N VAL C 15 -46.49 -81.16 32.91
CA VAL C 15 -46.74 -79.87 32.28
C VAL C 15 -45.44 -79.08 32.15
N LEU C 16 -45.39 -78.22 31.13
CA LEU C 16 -44.29 -77.29 30.94
C LEU C 16 -44.80 -75.87 31.16
N GLY C 17 -44.26 -75.19 32.16
CA GLY C 17 -44.64 -73.82 32.41
C GLY C 17 -44.12 -72.87 31.34
N GLY C 18 -44.74 -71.71 31.27
CA GLY C 18 -44.37 -70.73 30.26
C GLY C 18 -44.60 -69.30 30.70
N LEU C 19 -43.65 -68.43 30.36
CA LEU C 19 -43.74 -67.01 30.66
C LEU C 19 -43.88 -66.23 29.36
N PHE C 20 -44.94 -65.44 29.26
CA PHE C 20 -45.19 -64.64 28.07
C PHE C 20 -45.63 -63.24 28.47
N PRO C 21 -45.25 -62.23 27.69
CA PRO C 21 -45.73 -60.87 27.93
C PRO C 21 -47.11 -60.64 27.33
N VAL C 22 -48.08 -61.40 27.83
CA VAL C 22 -49.43 -61.34 27.27
C VAL C 22 -50.03 -59.96 27.43
N HIS C 23 -49.76 -59.29 28.55
CA HIS C 23 -50.24 -57.94 28.77
C HIS C 23 -49.07 -56.96 28.70
N GLN C 24 -49.38 -55.73 28.28
CA GLN C 24 -48.40 -54.66 28.25
C GLN C 24 -48.07 -54.22 29.67
N LYS C 25 -46.88 -53.64 29.82
CA LYS C 25 -46.52 -52.99 31.07
C LYS C 25 -47.46 -51.84 31.37
N GLY C 26 -48.05 -51.85 32.57
CA GLY C 26 -48.96 -50.81 32.98
C GLY C 26 -48.22 -49.53 33.35
N GLY C 27 -49.02 -48.52 33.73
CA GLY C 27 -48.48 -47.25 34.15
C GLY C 27 -47.94 -47.27 35.56
N PRO C 28 -48.02 -46.12 36.24
CA PRO C 28 -47.59 -46.07 37.64
C PRO C 28 -48.43 -46.92 38.58
N ALA C 29 -49.66 -47.27 38.19
CA ALA C 29 -50.50 -48.09 39.04
C ALA C 29 -50.00 -49.53 39.08
N GLU C 30 -50.34 -50.22 40.16
CA GLU C 30 -49.96 -51.63 40.34
C GLU C 30 -50.89 -52.54 39.55
N ASP C 31 -50.87 -52.34 38.23
CA ASP C 31 -51.73 -53.10 37.33
C ASP C 31 -51.06 -53.20 35.97
N CYS C 32 -51.53 -54.17 35.19
CA CYS C 32 -51.00 -54.38 33.85
C CYS C 32 -51.71 -53.48 32.85
N GLY C 33 -51.15 -53.39 31.64
CA GLY C 33 -51.71 -52.57 30.60
C GLY C 33 -52.56 -53.35 29.62
N PRO C 34 -52.64 -52.88 28.38
CA PRO C 34 -53.43 -53.58 27.37
C PRO C 34 -52.79 -54.90 26.93
N VAL C 35 -53.49 -55.61 26.04
CA VAL C 35 -52.99 -56.90 25.55
C VAL C 35 -51.98 -56.65 24.44
N ASN C 36 -50.84 -57.33 24.53
CA ASN C 36 -49.79 -57.21 23.52
C ASN C 36 -50.11 -58.14 22.35
N GLU C 37 -50.36 -57.54 21.18
CA GLU C 37 -50.92 -58.30 20.06
C GLU C 37 -49.87 -59.23 19.47
N HIS C 38 -48.79 -58.66 18.93
CA HIS C 38 -47.79 -59.46 18.24
C HIS C 38 -46.83 -60.10 19.24
N ARG C 39 -46.16 -59.29 20.04
CA ARG C 39 -45.16 -59.78 20.99
C ARG C 39 -45.77 -60.62 22.10
N GLY C 40 -47.09 -60.58 22.26
CA GLY C 40 -47.78 -61.29 23.32
C GLY C 40 -48.58 -62.50 22.88
N ILE C 41 -49.88 -62.27 22.65
CA ILE C 41 -50.85 -63.35 22.37
C ILE C 41 -50.35 -64.29 21.29
N GLN C 42 -49.69 -63.76 20.26
CA GLN C 42 -49.27 -64.61 19.15
C GLN C 42 -48.27 -65.66 19.60
N ARG C 43 -47.31 -65.29 20.46
CA ARG C 43 -46.35 -66.26 20.95
C ARG C 43 -47.02 -67.32 21.84
N LEU C 44 -47.97 -66.89 22.67
CA LEU C 44 -48.70 -67.84 23.51
C LEU C 44 -49.47 -68.85 22.65
N GLU C 45 -50.17 -68.37 21.63
CA GLU C 45 -50.90 -69.27 20.76
C GLU C 45 -49.95 -70.15 19.96
N ALA C 46 -48.76 -69.64 19.63
CA ALA C 46 -47.78 -70.49 18.95
C ALA C 46 -47.31 -71.63 19.84
N MET C 47 -47.04 -71.34 21.12
CA MET C 47 -46.59 -72.43 21.98
C MET C 47 -47.74 -73.41 22.24
N LEU C 48 -48.97 -72.91 22.33
CA LEU C 48 -50.11 -73.82 22.44
C LEU C 48 -50.25 -74.70 21.21
N PHE C 49 -50.06 -74.12 20.02
CA PHE C 49 -50.10 -74.89 18.78
C PHE C 49 -48.98 -75.92 18.75
N ALA C 50 -47.78 -75.55 19.21
CA ALA C 50 -46.67 -76.49 19.26
C ALA C 50 -46.97 -77.64 20.21
N LEU C 51 -47.58 -77.34 21.37
CA LEU C 51 -47.94 -78.39 22.30
C LEU C 51 -49.00 -79.30 21.71
N ASP C 52 -49.98 -78.73 21.00
CA ASP C 52 -51.02 -79.55 20.36
C ASP C 52 -50.41 -80.45 19.31
N ARG C 53 -49.47 -79.94 18.50
CA ARG C 53 -48.83 -80.76 17.49
C ARG C 53 -47.97 -81.85 18.12
N ILE C 54 -47.28 -81.52 19.22
CA ILE C 54 -46.44 -82.50 19.91
C ILE C 54 -47.31 -83.63 20.46
N ASN C 55 -48.44 -83.27 21.07
CA ASN C 55 -49.37 -84.28 21.55
C ASN C 55 -49.92 -85.11 20.38
N ARG C 56 -50.22 -84.46 19.26
CA ARG C 56 -50.72 -85.17 18.09
C ARG C 56 -49.64 -86.04 17.46
N ASP C 57 -48.37 -85.66 17.63
CA ASP C 57 -47.28 -86.37 16.98
C ASP C 57 -47.21 -87.81 17.48
N PRO C 58 -47.23 -88.80 16.59
CA PRO C 58 -47.17 -90.21 17.04
C PRO C 58 -45.80 -90.63 17.53
N HIS C 59 -44.77 -89.83 17.30
CA HIS C 59 -43.41 -90.20 17.67
C HIS C 59 -42.91 -89.49 18.93
N LEU C 60 -43.20 -88.20 19.08
CA LEU C 60 -42.70 -87.44 20.22
C LEU C 60 -43.63 -87.67 21.41
N LEU C 61 -43.13 -88.42 22.41
CA LEU C 61 -43.87 -88.79 23.61
C LEU C 61 -45.22 -89.41 23.25
N PRO C 62 -45.24 -90.59 22.63
CA PRO C 62 -46.53 -91.19 22.26
C PRO C 62 -47.44 -91.46 23.45
N GLY C 63 -46.87 -91.85 24.59
CA GLY C 63 -47.63 -92.16 25.78
C GLY C 63 -47.73 -91.06 26.79
N VAL C 64 -47.13 -89.89 26.53
CA VAL C 64 -47.15 -88.76 27.46
C VAL C 64 -47.79 -87.58 26.75
N ARG C 65 -48.79 -86.98 27.40
CA ARG C 65 -49.44 -85.79 26.88
C ARG C 65 -48.92 -84.57 27.63
N LEU C 66 -48.37 -83.61 26.89
CA LEU C 66 -47.72 -82.46 27.50
C LEU C 66 -48.76 -81.38 27.80
N GLY C 67 -48.89 -81.04 29.08
CA GLY C 67 -49.72 -79.92 29.50
C GLY C 67 -48.96 -78.61 29.47
N ALA C 68 -49.55 -77.59 30.08
CA ALA C 68 -48.94 -76.29 30.16
C ALA C 68 -49.45 -75.55 31.39
N HIS C 69 -48.61 -74.67 31.93
CA HIS C 69 -48.98 -73.76 33.02
C HIS C 69 -48.44 -72.39 32.64
N ILE C 70 -49.23 -71.63 31.89
CA ILE C 70 -48.75 -70.40 31.28
C ILE C 70 -49.06 -69.22 32.19
N LEU C 71 -48.05 -68.38 32.43
CA LEU C 71 -48.16 -67.22 33.30
C LEU C 71 -48.06 -65.95 32.47
N ASP C 72 -48.57 -64.85 33.02
CA ASP C 72 -48.46 -63.54 32.42
C ASP C 72 -47.42 -62.73 33.18
N SER C 73 -46.42 -62.22 32.46
CA SER C 73 -45.36 -61.45 33.09
C SER C 73 -45.66 -59.95 33.15
N CYS C 74 -46.51 -59.46 32.24
CA CYS C 74 -46.84 -58.04 32.13
C CYS C 74 -45.61 -57.16 31.95
N SER C 75 -44.52 -57.72 31.44
CA SER C 75 -43.28 -57.02 31.12
C SER C 75 -42.64 -56.34 32.34
N LYS C 76 -43.07 -56.69 33.55
CA LYS C 76 -42.44 -56.19 34.77
C LYS C 76 -41.75 -57.34 35.48
N ASP C 77 -40.47 -57.16 35.80
CA ASP C 77 -39.71 -58.20 36.48
C ASP C 77 -40.27 -58.50 37.87
N THR C 78 -40.72 -57.47 38.58
CA THR C 78 -41.29 -57.68 39.91
C THR C 78 -42.54 -58.54 39.84
N HIS C 79 -43.49 -58.16 38.98
CA HIS C 79 -44.67 -58.99 38.78
C HIS C 79 -44.31 -60.35 38.22
N ALA C 80 -43.25 -60.42 37.40
CA ALA C 80 -42.80 -61.70 36.89
C ALA C 80 -42.37 -62.63 38.02
N LEU C 81 -41.65 -62.10 39.00
CA LEU C 81 -41.25 -62.92 40.15
C LEU C 81 -42.46 -63.29 41.00
N GLU C 82 -43.34 -62.33 41.28
CA GLU C 82 -44.53 -62.63 42.08
C GLU C 82 -45.40 -63.69 41.43
N GLN C 83 -45.40 -63.76 40.10
CA GLN C 83 -46.16 -64.80 39.41
C GLN C 83 -45.38 -66.12 39.37
N ALA C 84 -44.09 -66.06 39.03
CA ALA C 84 -43.28 -67.26 38.91
C ALA C 84 -43.03 -67.95 40.25
N LEU C 85 -43.38 -67.31 41.36
CA LEU C 85 -43.39 -68.04 42.63
C LEU C 85 -44.30 -69.26 42.57
N ASP C 86 -45.31 -69.25 41.70
CA ASP C 86 -46.18 -70.41 41.54
C ASP C 86 -45.43 -71.62 41.00
N PHE C 87 -44.36 -71.38 40.22
CA PHE C 87 -43.55 -72.48 39.73
C PHE C 87 -42.86 -73.21 40.87
N VAL C 88 -42.33 -72.46 41.85
CA VAL C 88 -41.61 -73.08 42.95
C VAL C 88 -42.53 -73.46 44.10
N ARG C 89 -43.78 -73.01 44.09
CA ARG C 89 -44.73 -73.42 45.12
C ARG C 89 -45.04 -74.92 45.07
N ALA C 90 -44.70 -75.58 43.97
CA ALA C 90 -44.89 -77.03 43.87
C ALA C 90 -43.96 -77.79 44.81
N SER C 91 -42.88 -77.17 45.27
CA SER C 91 -41.95 -77.83 46.19
C SER C 91 -41.72 -76.99 47.43
N THR C 116 -48.81 -78.55 41.08
CA THR C 116 -48.16 -79.66 40.40
C THR C 116 -46.74 -79.29 40.03
N ALA C 117 -45.82 -80.27 40.15
CA ALA C 117 -44.41 -80.04 39.87
C ALA C 117 -44.19 -79.63 38.43
N ILE C 118 -43.79 -78.38 38.21
CA ILE C 118 -43.49 -77.92 36.85
C ILE C 118 -42.18 -78.52 36.40
N THR C 119 -42.19 -79.14 35.21
CA THR C 119 -40.96 -79.71 34.67
C THR C 119 -39.95 -78.62 34.33
N GLY C 120 -40.38 -77.61 33.59
CA GLY C 120 -39.51 -76.50 33.23
C GLY C 120 -40.33 -75.31 32.80
N VAL C 121 -39.71 -74.14 32.89
CA VAL C 121 -40.36 -72.87 32.59
C VAL C 121 -39.76 -72.33 31.30
N ILE C 122 -40.55 -72.34 30.24
CA ILE C 122 -40.11 -71.88 28.93
C ILE C 122 -40.34 -70.38 28.84
N GLY C 123 -39.31 -69.64 28.46
CA GLY C 123 -39.49 -68.26 28.07
C GLY C 123 -38.90 -67.28 29.05
N GLY C 124 -39.67 -66.27 29.43
CA GLY C 124 -39.17 -65.08 30.08
C GLY C 124 -39.21 -63.84 29.21
N SER C 125 -39.26 -64.01 27.88
CA SER C 125 -39.37 -62.89 26.95
C SER C 125 -38.29 -61.85 27.19
N TYR C 126 -38.68 -60.70 27.75
CA TYR C 126 -37.73 -59.62 27.94
C TYR C 126 -36.66 -60.02 28.95
N SER C 127 -35.41 -59.70 28.63
CA SER C 127 -34.28 -60.37 29.25
C SER C 127 -34.19 -60.08 30.75
N ASP C 128 -34.68 -58.94 31.21
CA ASP C 128 -34.68 -58.67 32.65
C ASP C 128 -35.65 -59.59 33.40
N VAL C 129 -36.83 -59.83 32.82
CA VAL C 129 -37.76 -60.81 33.39
C VAL C 129 -37.11 -62.19 33.40
N SER C 130 -36.45 -62.55 32.29
CA SER C 130 -35.82 -63.86 32.21
C SER C 130 -34.72 -64.00 33.25
N ILE C 131 -33.95 -62.93 33.47
CA ILE C 131 -32.87 -62.99 34.46
C ILE C 131 -33.44 -63.16 35.86
N GLN C 132 -34.48 -62.39 36.20
CA GLN C 132 -35.07 -62.51 37.53
C GLN C 132 -35.65 -63.90 37.74
N VAL C 133 -36.37 -64.43 36.75
CA VAL C 133 -36.99 -65.74 36.90
C VAL C 133 -35.94 -66.83 36.95
N ALA C 134 -34.85 -66.69 36.19
CA ALA C 134 -33.78 -67.69 36.24
C ALA C 134 -33.07 -67.66 37.58
N ASN C 135 -32.86 -66.48 38.15
CA ASN C 135 -32.28 -66.38 39.48
C ASN C 135 -33.18 -67.04 40.52
N LEU C 136 -34.50 -66.86 40.39
CA LEU C 136 -35.42 -67.53 41.31
C LEU C 136 -35.38 -69.05 41.11
N LEU C 137 -35.33 -69.51 39.86
CA LEU C 137 -35.51 -70.92 39.55
C LEU C 137 -34.25 -71.74 39.78
N ARG C 138 -33.07 -71.12 39.74
CA ARG C 138 -31.84 -71.88 39.96
C ARG C 138 -31.77 -72.46 41.36
N LEU C 139 -32.53 -71.92 42.31
CA LEU C 139 -32.65 -72.52 43.63
C LEU C 139 -33.39 -73.85 43.56
N PHE C 140 -34.24 -74.04 42.55
CA PHE C 140 -35.03 -75.26 42.41
C PHE C 140 -34.67 -76.01 41.13
N GLN C 141 -33.51 -75.72 40.55
CA GLN C 141 -32.98 -76.37 39.35
C GLN C 141 -34.04 -76.59 38.28
N ILE C 142 -34.92 -75.62 38.08
CA ILE C 142 -35.91 -75.69 37.02
C ILE C 142 -35.27 -75.24 35.70
N PRO C 143 -35.21 -76.11 34.69
CA PRO C 143 -34.64 -75.69 33.41
C PRO C 143 -35.50 -74.63 32.75
N GLN C 144 -34.83 -73.59 32.22
CA GLN C 144 -35.52 -72.47 31.59
C GLN C 144 -34.98 -72.27 30.18
N ILE C 145 -35.80 -72.60 29.18
CA ILE C 145 -35.49 -72.35 27.78
C ILE C 145 -36.19 -71.05 27.39
N SER C 146 -35.41 -70.01 27.13
CA SER C 146 -35.98 -68.70 26.81
C SER C 146 -35.99 -68.49 25.30
N TYR C 147 -37.12 -68.01 24.79
CA TYR C 147 -37.32 -67.81 23.37
C TYR C 147 -36.92 -66.42 22.89
N ALA C 148 -36.75 -65.46 23.79
CA ALA C 148 -36.37 -64.12 23.38
C ALA C 148 -35.37 -63.42 24.30
N SER C 149 -34.86 -64.07 25.34
CA SER C 149 -33.88 -63.43 26.21
C SER C 149 -32.54 -63.35 25.48
N THR C 150 -32.15 -62.13 25.12
CA THR C 150 -31.01 -61.90 24.24
C THR C 150 -29.79 -61.35 24.97
N SER C 151 -29.99 -60.65 26.08
CA SER C 151 -28.90 -59.93 26.74
C SER C 151 -27.77 -60.87 27.15
N ALA C 152 -26.53 -60.43 26.89
CA ALA C 152 -25.36 -61.28 27.07
C ALA C 152 -25.17 -61.72 28.52
N LYS C 153 -25.79 -61.04 29.49
CA LYS C 153 -25.58 -61.40 30.89
C LYS C 153 -26.07 -62.81 31.22
N LEU C 154 -26.98 -63.36 30.42
CA LEU C 154 -27.46 -64.72 30.65
C LEU C 154 -26.54 -65.77 30.05
N SER C 155 -25.43 -65.37 29.45
CA SER C 155 -24.44 -66.30 28.92
C SER C 155 -23.52 -66.85 29.99
N ASP C 156 -23.50 -66.25 31.19
CA ASP C 156 -22.63 -66.69 32.27
C ASP C 156 -23.29 -67.86 32.98
N LYS C 157 -22.73 -69.07 32.80
CA LYS C 157 -23.31 -70.25 33.41
C LYS C 157 -22.93 -70.43 34.87
N SER C 158 -22.03 -69.59 35.40
CA SER C 158 -21.74 -69.66 36.83
C SER C 158 -22.93 -69.20 37.66
N ARG C 159 -23.71 -68.24 37.15
CA ARG C 159 -24.88 -67.73 37.85
C ARG C 159 -26.18 -68.31 37.33
N TYR C 160 -26.22 -68.77 36.09
CA TYR C 160 -27.45 -69.26 35.46
C TYR C 160 -27.28 -70.70 35.00
N ASP C 161 -26.76 -71.55 35.89
CA ASP C 161 -26.41 -72.93 35.56
C ASP C 161 -27.58 -73.75 35.03
N TYR C 162 -28.81 -73.23 35.09
CA TYR C 162 -29.98 -73.95 34.61
C TYR C 162 -30.75 -73.10 33.60
N PHE C 163 -30.02 -72.53 32.64
CA PHE C 163 -30.60 -71.65 31.64
C PHE C 163 -30.17 -72.09 30.24
N ALA C 164 -31.14 -72.21 29.34
CA ALA C 164 -30.89 -72.51 27.94
C ALA C 164 -31.61 -71.47 27.08
N ARG C 165 -31.17 -71.35 25.84
CA ARG C 165 -31.54 -70.20 25.04
C ARG C 165 -31.54 -70.59 23.57
N THR C 166 -32.64 -70.29 22.87
CA THR C 166 -32.74 -70.55 21.45
C THR C 166 -32.31 -69.38 20.57
N VAL C 167 -31.89 -68.28 21.17
CA VAL C 167 -31.52 -67.09 20.40
C VAL C 167 -30.05 -66.77 20.63
N PRO C 168 -29.39 -66.10 19.69
CA PRO C 168 -28.00 -65.70 19.90
C PRO C 168 -27.91 -64.55 20.89
N PRO C 169 -26.76 -64.38 21.55
CA PRO C 169 -26.59 -63.23 22.43
C PRO C 169 -26.59 -61.92 21.67
N ASP C 170 -26.87 -60.84 22.40
CA ASP C 170 -26.89 -59.51 21.81
C ASP C 170 -25.50 -59.00 21.45
N PHE C 171 -24.45 -59.59 22.00
CA PHE C 171 -23.09 -59.29 21.55
C PHE C 171 -22.98 -59.42 20.02
N PHE C 172 -23.64 -60.42 19.45
CA PHE C 172 -23.62 -60.56 18.01
C PHE C 172 -24.36 -59.41 17.34
N GLN C 173 -25.45 -58.94 17.96
CA GLN C 173 -26.12 -57.78 17.38
C GLN C 173 -25.27 -56.53 17.44
N ALA C 174 -24.49 -56.35 18.51
CA ALA C 174 -23.48 -55.30 18.53
C ALA C 174 -22.44 -55.47 17.42
N LYS C 175 -22.17 -56.70 17.03
CA LYS C 175 -21.37 -56.93 15.82
C LYS C 175 -22.10 -56.39 14.60
N ALA C 176 -23.29 -56.91 14.33
CA ALA C 176 -23.97 -56.60 13.07
C ALA C 176 -24.17 -55.09 12.98
N MET C 177 -24.65 -54.48 14.06
CA MET C 177 -24.85 -53.04 14.17
C MET C 177 -23.58 -52.27 13.87
N ALA C 178 -22.43 -52.73 14.38
CA ALA C 178 -21.18 -52.07 14.05
C ALA C 178 -20.88 -52.19 12.56
N GLU C 179 -21.05 -53.38 12.00
CA GLU C 179 -20.83 -53.60 10.58
C GLU C 179 -21.67 -52.63 9.74
N ILE C 180 -22.96 -52.51 10.08
CA ILE C 180 -23.84 -51.58 9.38
C ILE C 180 -23.33 -50.15 9.48
N LEU C 181 -22.94 -49.72 10.68
CA LEU C 181 -22.45 -48.35 10.83
C LEU C 181 -21.12 -48.15 10.13
N ARG C 182 -20.36 -49.22 9.89
CA ARG C 182 -19.12 -49.13 9.13
C ARG C 182 -19.37 -49.17 7.63
N PHE C 183 -20.50 -49.71 7.19
CA PHE C 183 -20.79 -49.80 5.76
C PHE C 183 -21.22 -48.45 5.20
N PHE C 184 -21.93 -47.65 5.98
CA PHE C 184 -22.36 -46.31 5.58
C PHE C 184 -21.39 -45.24 6.07
N ASN C 185 -20.24 -45.64 6.60
CA ASN C 185 -19.20 -44.72 7.09
C ASN C 185 -19.73 -43.79 8.18
N TRP C 186 -20.69 -44.27 8.97
CA TRP C 186 -21.28 -43.48 10.05
C TRP C 186 -20.31 -43.53 11.25
N THR C 187 -19.29 -42.67 11.18
CA THR C 187 -18.30 -42.64 12.25
C THR C 187 -18.84 -42.03 13.53
N TYR C 188 -19.84 -41.15 13.43
CA TYR C 188 -20.40 -40.46 14.57
C TYR C 188 -21.82 -40.96 14.80
N VAL C 189 -22.09 -41.45 16.01
CA VAL C 189 -23.37 -42.08 16.32
C VAL C 189 -23.67 -41.88 17.80
N SER C 190 -24.95 -41.75 18.12
CA SER C 190 -25.42 -41.58 19.49
C SER C 190 -26.19 -42.82 19.93
N THR C 191 -25.94 -43.26 21.16
CA THR C 191 -26.51 -44.48 21.72
C THR C 191 -27.59 -44.11 22.73
N VAL C 192 -28.75 -44.75 22.61
CA VAL C 192 -29.80 -44.68 23.62
C VAL C 192 -30.08 -46.09 24.15
N ALA C 193 -30.18 -46.20 25.47
CA ALA C 193 -30.34 -47.46 26.17
C ALA C 193 -31.50 -47.35 27.16
N SER C 194 -31.86 -48.47 27.76
CA SER C 194 -32.66 -48.45 28.98
C SER C 194 -31.95 -49.16 30.12
N GLU C 195 -32.18 -48.65 31.33
CA GLU C 195 -31.79 -49.32 32.55
C GLU C 195 -32.33 -50.75 32.60
N GLY C 196 -31.57 -51.63 33.23
CA GLY C 196 -31.72 -53.06 33.05
C GLY C 196 -30.69 -53.64 32.10
N ASP C 197 -30.72 -54.97 32.00
CA ASP C 197 -29.59 -55.71 31.44
C ASP C 197 -29.42 -55.43 29.95
N TYR C 198 -30.51 -55.46 29.18
CA TYR C 198 -30.40 -55.37 27.73
C TYR C 198 -29.69 -54.09 27.32
N GLY C 199 -30.20 -52.94 27.77
CA GLY C 199 -29.62 -51.67 27.35
C GLY C 199 -28.17 -51.55 27.77
N GLU C 200 -27.89 -51.76 29.06
CA GLU C 200 -26.54 -51.68 29.60
C GLU C 200 -25.56 -52.52 28.79
N THR C 201 -25.86 -53.80 28.59
CA THR C 201 -24.94 -54.69 27.90
C THR C 201 -24.85 -54.33 26.42
N GLY C 202 -25.95 -53.90 25.83
CA GLY C 202 -25.94 -53.54 24.42
C GLY C 202 -25.05 -52.34 24.15
N ILE C 203 -25.22 -51.26 24.93
CA ILE C 203 -24.34 -50.12 24.73
C ILE C 203 -22.91 -50.43 25.13
N GLU C 204 -22.68 -51.29 26.13
CA GLU C 204 -21.28 -51.61 26.44
C GLU C 204 -20.63 -52.36 25.29
N ALA C 205 -21.35 -53.31 24.69
CA ALA C 205 -20.79 -54.13 23.62
C ALA C 205 -20.61 -53.32 22.35
N PHE C 206 -21.58 -52.46 22.04
CA PHE C 206 -21.43 -51.59 20.88
C PHE C 206 -20.35 -50.55 21.08
N GLU C 207 -20.19 -50.01 22.28
CA GLU C 207 -19.08 -49.07 22.49
C GLU C 207 -17.74 -49.76 22.32
N LEU C 208 -17.62 -50.99 22.83
CA LEU C 208 -16.40 -51.77 22.60
C LEU C 208 -16.15 -51.97 21.11
N GLU C 209 -17.19 -52.37 20.36
CA GLU C 209 -17.02 -52.59 18.92
C GLU C 209 -16.72 -51.29 18.19
N ALA C 210 -17.37 -50.19 18.58
CA ALA C 210 -17.13 -48.91 17.93
C ALA C 210 -15.70 -48.45 18.13
N ARG C 211 -15.17 -48.60 19.35
CA ARG C 211 -13.76 -48.30 19.56
C ARG C 211 -12.87 -49.28 18.78
N ALA C 212 -13.35 -50.50 18.55
CA ALA C 212 -12.58 -51.44 17.74
C ALA C 212 -12.61 -51.10 16.26
N ARG C 213 -13.61 -50.36 15.79
CA ARG C 213 -13.74 -50.03 14.38
C ARG C 213 -13.72 -48.51 14.15
N ASN C 214 -13.06 -47.77 15.02
CA ASN C 214 -12.85 -46.32 14.90
C ASN C 214 -14.15 -45.53 14.90
N ILE C 215 -15.26 -46.13 15.32
CA ILE C 215 -16.54 -45.44 15.38
C ILE C 215 -16.66 -44.77 16.74
N CYS C 216 -17.06 -43.50 16.75
CA CYS C 216 -17.14 -42.70 17.96
C CYS C 216 -18.59 -42.62 18.44
N VAL C 217 -18.80 -42.89 19.72
CA VAL C 217 -20.11 -42.77 20.35
C VAL C 217 -20.24 -41.34 20.87
N ALA C 218 -21.09 -40.55 20.23
CA ALA C 218 -21.24 -39.14 20.62
C ALA C 218 -21.81 -39.00 22.02
N THR C 219 -22.96 -39.64 22.28
CA THR C 219 -23.63 -39.54 23.56
C THR C 219 -24.27 -40.88 23.91
N SER C 220 -24.51 -41.08 25.21
CA SER C 220 -25.11 -42.31 25.73
C SER C 220 -26.23 -41.96 26.71
N GLU C 221 -27.44 -41.80 26.19
CA GLU C 221 -28.63 -41.58 27.01
C GLU C 221 -29.22 -42.89 27.48
N LYS C 222 -29.86 -42.85 28.65
CA LYS C 222 -30.58 -43.99 29.20
C LYS C 222 -31.98 -43.55 29.58
N VAL C 223 -32.95 -44.47 29.46
CA VAL C 223 -34.30 -44.27 29.94
C VAL C 223 -34.58 -45.24 31.09
N GLY C 224 -35.11 -44.70 32.18
CA GLY C 224 -35.52 -45.50 33.31
C GLY C 224 -36.70 -46.40 33.02
N ARG C 225 -36.97 -47.32 33.95
CA ARG C 225 -37.88 -48.43 33.70
C ARG C 225 -39.29 -47.96 33.40
N ALA C 226 -39.67 -46.79 33.91
CA ALA C 226 -40.99 -46.24 33.69
C ALA C 226 -40.91 -44.71 33.71
N MET C 227 -39.89 -44.17 33.06
CA MET C 227 -39.62 -42.75 33.03
C MET C 227 -40.74 -42.01 32.29
N SER C 228 -40.86 -40.71 32.56
CA SER C 228 -42.03 -39.96 32.06
C SER C 228 -42.00 -39.72 30.56
N ARG C 229 -43.15 -39.30 30.04
CA ARG C 229 -43.30 -39.00 28.62
C ARG C 229 -42.45 -37.79 28.21
N ALA C 230 -42.46 -36.74 29.04
CA ALA C 230 -41.75 -35.51 28.71
C ALA C 230 -40.25 -35.73 28.73
N ALA C 231 -39.77 -36.60 29.60
CA ALA C 231 -38.35 -36.90 29.66
C ALA C 231 -37.87 -37.60 28.39
N PHE C 232 -38.76 -38.31 27.69
CA PHE C 232 -38.38 -38.84 26.37
C PHE C 232 -38.12 -37.73 25.37
N GLU C 233 -38.94 -36.67 25.38
CA GLU C 233 -38.63 -35.52 24.54
C GLU C 233 -37.37 -34.81 25.01
N GLY C 234 -37.11 -34.83 26.33
CA GLY C 234 -35.84 -34.33 26.83
C GLY C 234 -34.65 -35.11 26.28
N VAL C 235 -34.77 -36.43 26.26
CA VAL C 235 -33.73 -37.29 25.69
C VAL C 235 -33.56 -37.02 24.20
N VAL C 236 -34.66 -36.78 23.48
CA VAL C 236 -34.54 -36.37 22.07
C VAL C 236 -33.86 -35.02 21.92
N ARG C 237 -34.11 -34.08 22.83
CA ARG C 237 -33.36 -32.82 22.79
C ARG C 237 -31.88 -33.05 23.04
N ALA C 238 -31.54 -33.93 23.99
CA ALA C 238 -30.15 -34.27 24.24
C ALA C 238 -29.52 -34.91 23.00
N LEU C 239 -30.28 -35.75 22.30
CA LEU C 239 -29.81 -36.31 21.04
C LEU C 239 -29.53 -35.20 20.02
N LEU C 240 -30.41 -34.21 19.95
CA LEU C 240 -30.24 -33.10 19.01
C LEU C 240 -29.11 -32.16 19.41
N GLN C 241 -28.63 -32.24 20.65
CA GLN C 241 -27.55 -31.35 21.09
C GLN C 241 -26.28 -31.58 20.29
N LYS C 242 -26.08 -32.80 19.78
CA LYS C 242 -24.97 -33.08 18.87
C LYS C 242 -25.49 -33.17 17.44
N PRO C 243 -25.54 -32.06 16.71
CA PRO C 243 -26.12 -32.09 15.35
C PRO C 243 -25.34 -32.95 14.38
N SER C 244 -24.07 -33.23 14.65
CA SER C 244 -23.28 -34.06 13.73
C SER C 244 -23.81 -35.49 13.69
N ALA C 245 -24.25 -36.02 14.82
CA ALA C 245 -24.71 -37.40 14.92
C ALA C 245 -26.17 -37.46 14.46
N ARG C 246 -26.34 -37.56 13.14
CA ARG C 246 -27.68 -37.74 12.58
C ARG C 246 -28.19 -39.15 12.80
N VAL C 247 -27.30 -40.12 12.94
CA VAL C 247 -27.68 -41.51 13.16
C VAL C 247 -27.69 -41.79 14.67
N ALA C 248 -28.85 -42.11 15.21
CA ALA C 248 -29.02 -42.43 16.62
C ALA C 248 -29.31 -43.92 16.72
N VAL C 249 -28.31 -44.70 17.14
CA VAL C 249 -28.50 -46.12 17.35
C VAL C 249 -29.33 -46.38 18.60
N LEU C 250 -30.28 -47.31 18.50
CA LEU C 250 -31.25 -47.60 19.55
C LEU C 250 -31.07 -49.02 20.06
N PHE C 251 -30.87 -49.16 21.37
CA PHE C 251 -30.80 -50.47 22.02
C PHE C 251 -32.12 -50.83 22.70
N THR C 252 -33.17 -50.89 21.89
CA THR C 252 -34.35 -51.69 22.22
C THR C 252 -35.14 -51.07 23.38
N ARG C 253 -34.55 -50.11 24.08
CA ARG C 253 -35.05 -49.68 25.38
C ARG C 253 -35.30 -50.91 26.24
N SER C 254 -36.42 -50.97 26.95
CA SER C 254 -36.91 -52.27 27.41
C SER C 254 -37.44 -53.10 26.25
N GLU C 255 -38.36 -52.55 25.46
CA GLU C 255 -38.71 -53.11 24.16
C GLU C 255 -39.23 -52.00 23.26
N ASP C 256 -38.57 -51.81 22.12
CA ASP C 256 -38.97 -50.74 21.20
C ASP C 256 -40.44 -50.87 20.79
N ALA C 257 -40.93 -52.11 20.64
CA ALA C 257 -42.34 -52.37 20.40
C ALA C 257 -43.29 -51.60 21.32
N ARG C 258 -42.83 -51.18 22.50
CA ARG C 258 -43.74 -50.46 23.40
C ARG C 258 -43.06 -49.41 24.27
N GLU C 259 -41.73 -49.44 24.37
CA GLU C 259 -41.06 -48.29 24.97
C GLU C 259 -40.60 -47.25 23.96
N LEU C 260 -40.02 -47.66 22.83
CA LEU C 260 -39.76 -46.70 21.76
C LEU C 260 -41.04 -46.18 21.12
N LEU C 261 -42.17 -46.88 21.30
CA LEU C 261 -43.47 -46.28 21.00
C LEU C 261 -43.63 -44.93 21.68
N ALA C 262 -42.94 -44.73 22.81
CA ALA C 262 -42.97 -43.46 23.54
C ALA C 262 -41.73 -42.61 23.29
N ALA C 263 -40.82 -43.06 22.42
CA ALA C 263 -39.60 -42.32 22.14
C ALA C 263 -39.29 -42.15 20.66
N SER C 264 -40.01 -42.82 19.76
CA SER C 264 -40.12 -42.38 18.38
C SER C 264 -41.06 -41.18 18.32
N GLN C 265 -40.50 -40.01 18.66
CA GLN C 265 -41.29 -38.79 18.76
C GLN C 265 -41.12 -37.96 17.50
N ARG C 266 -42.20 -37.34 17.06
CA ARG C 266 -42.23 -36.52 15.84
C ARG C 266 -42.23 -35.02 16.14
N LEU C 267 -41.45 -34.59 17.12
CA LEU C 267 -41.30 -33.16 17.39
C LEU C 267 -40.39 -32.51 16.34
N ASN C 268 -40.70 -32.76 15.07
CA ASN C 268 -40.01 -32.18 13.92
C ASN C 268 -38.50 -32.46 13.94
N ALA C 269 -38.09 -33.53 14.62
CA ALA C 269 -36.69 -33.94 14.65
C ALA C 269 -36.58 -35.34 14.07
N SER C 270 -35.81 -35.48 12.99
CA SER C 270 -35.68 -36.74 12.27
C SER C 270 -34.27 -37.29 12.43
N PHE C 271 -34.15 -38.61 12.28
CA PHE C 271 -32.86 -39.28 12.36
C PHE C 271 -32.86 -40.46 11.39
N THR C 272 -31.75 -41.19 11.37
CA THR C 272 -31.65 -42.47 10.69
C THR C 272 -31.42 -43.53 11.78
N TRP C 273 -32.53 -43.99 12.37
CA TRP C 273 -32.41 -44.89 13.51
C TRP C 273 -31.78 -46.21 13.11
N VAL C 274 -30.92 -46.73 13.98
CA VAL C 274 -30.37 -48.08 13.86
C VAL C 274 -30.74 -48.86 15.10
N ALA C 275 -31.53 -49.92 14.94
CA ALA C 275 -32.29 -50.47 16.05
C ALA C 275 -32.01 -51.95 16.24
N SER C 276 -31.95 -52.36 17.51
CA SER C 276 -31.66 -53.72 17.92
C SER C 276 -32.94 -54.56 17.99
N ASP C 277 -32.76 -55.81 18.45
CA ASP C 277 -33.76 -56.87 18.44
C ASP C 277 -35.15 -56.44 18.91
N GLY C 278 -35.23 -55.38 19.72
CA GLY C 278 -36.52 -54.87 20.17
C GLY C 278 -37.31 -54.15 19.10
N TRP C 279 -36.66 -53.74 18.01
CA TRP C 279 -37.35 -53.14 16.87
C TRP C 279 -37.12 -54.00 15.65
N GLY C 280 -38.20 -54.51 15.07
CA GLY C 280 -38.14 -55.08 13.74
C GLY C 280 -39.35 -55.90 13.34
N ALA C 281 -39.82 -55.69 12.12
CA ALA C 281 -40.93 -56.42 11.51
C ALA C 281 -42.23 -56.34 12.32
N LEU C 282 -42.40 -55.33 13.16
CA LEU C 282 -43.69 -55.10 13.81
C LEU C 282 -44.09 -53.63 13.72
N GLU C 283 -45.39 -53.40 13.53
CA GLU C 283 -45.94 -52.08 13.31
C GLU C 283 -46.38 -51.40 14.60
N SER C 284 -46.27 -52.10 15.74
CA SER C 284 -46.71 -51.56 17.02
C SER C 284 -45.94 -50.31 17.44
N VAL C 285 -44.68 -50.20 17.03
CA VAL C 285 -43.89 -49.02 17.39
C VAL C 285 -43.97 -47.91 16.35
N VAL C 286 -44.27 -48.22 15.08
CA VAL C 286 -44.28 -47.20 14.04
C VAL C 286 -45.66 -46.67 13.74
N ALA C 287 -46.70 -47.26 14.31
CA ALA C 287 -48.06 -46.79 14.06
C ALA C 287 -48.26 -45.40 14.63
N GLY C 288 -48.71 -44.47 13.79
CA GLY C 288 -49.01 -43.13 14.22
C GLY C 288 -47.82 -42.24 14.50
N SER C 289 -46.60 -42.72 14.29
CA SER C 289 -45.39 -41.94 14.55
C SER C 289 -44.43 -42.15 13.38
N GLU C 290 -44.51 -41.27 12.40
CA GLU C 290 -43.63 -41.31 11.24
C GLU C 290 -42.37 -40.49 11.42
N GLY C 291 -42.10 -39.98 12.63
CA GLY C 291 -40.79 -39.40 12.90
C GLY C 291 -39.69 -40.41 12.68
N ALA C 292 -39.94 -41.66 13.07
CA ALA C 292 -39.11 -42.79 12.66
C ALA C 292 -39.49 -43.17 11.22
N ALA C 293 -39.16 -42.26 10.31
CA ALA C 293 -39.64 -42.34 8.94
C ALA C 293 -39.05 -43.53 8.22
N GLU C 294 -39.48 -43.70 6.96
CA GLU C 294 -38.99 -44.77 6.12
C GLU C 294 -37.47 -44.70 5.99
N GLY C 295 -36.83 -45.86 6.04
CA GLY C 295 -35.38 -45.92 6.01
C GLY C 295 -34.72 -46.17 7.35
N ALA C 296 -35.46 -46.15 8.45
CA ALA C 296 -34.87 -46.51 9.73
C ALA C 296 -34.46 -47.97 9.69
N ILE C 297 -33.21 -48.23 10.06
CA ILE C 297 -32.64 -49.57 9.94
C ILE C 297 -32.86 -50.33 11.23
N THR C 298 -33.42 -51.53 11.12
CA THR C 298 -33.65 -52.39 12.27
C THR C 298 -33.04 -53.76 11.98
N ILE C 299 -32.72 -54.47 13.07
CA ILE C 299 -32.16 -55.82 12.98
C ILE C 299 -33.06 -56.78 13.74
N GLU C 300 -33.45 -57.86 13.07
CA GLU C 300 -34.32 -58.88 13.63
C GLU C 300 -33.64 -60.23 13.46
N LEU C 301 -34.01 -61.19 14.30
CA LEU C 301 -33.48 -62.52 14.16
C LEU C 301 -33.88 -63.12 12.82
N ALA C 302 -32.98 -63.91 12.24
CA ALA C 302 -33.27 -64.56 10.97
C ALA C 302 -34.21 -65.73 11.20
N SER C 303 -35.37 -65.69 10.54
CA SER C 303 -36.39 -66.71 10.76
C SER C 303 -37.29 -66.76 9.53
N TYR C 304 -38.16 -67.76 9.52
CA TYR C 304 -39.16 -67.95 8.47
C TYR C 304 -40.51 -68.16 9.12
N PRO C 305 -41.59 -67.77 8.46
CA PRO C 305 -42.93 -68.01 9.02
C PRO C 305 -43.34 -69.46 8.81
N ILE C 306 -43.74 -70.11 9.90
CA ILE C 306 -44.23 -71.48 9.83
C ILE C 306 -45.65 -71.45 9.28
N SER C 307 -45.91 -72.29 8.28
CA SER C 307 -47.12 -72.18 7.47
C SER C 307 -48.37 -72.58 8.26
N ASP C 308 -48.31 -73.70 8.97
CA ASP C 308 -49.52 -74.24 9.59
C ASP C 308 -50.01 -73.37 10.74
N PHE C 309 -49.10 -72.66 11.42
CA PHE C 309 -49.53 -71.80 12.51
C PHE C 309 -50.41 -70.66 12.02
N ALA C 310 -50.17 -70.18 10.79
CA ALA C 310 -51.05 -69.15 10.23
C ALA C 310 -52.49 -69.65 10.15
N SER C 311 -52.66 -70.87 9.62
CA SER C 311 -54.00 -71.46 9.55
C SER C 311 -54.58 -71.67 10.94
N TYR C 312 -53.76 -72.17 11.87
CA TYR C 312 -54.25 -72.43 13.22
C TYR C 312 -54.74 -71.15 13.89
N PHE C 313 -53.99 -70.05 13.73
CA PHE C 313 -54.35 -68.81 14.38
C PHE C 313 -55.54 -68.15 13.70
N GLN C 314 -55.57 -68.13 12.37
CA GLN C 314 -56.67 -67.48 11.67
C GLN C 314 -57.98 -68.24 11.86
N SER C 315 -57.92 -69.58 11.93
CA SER C 315 -59.11 -70.40 12.13
C SER C 315 -59.61 -70.39 13.56
N LEU C 316 -58.90 -69.74 14.48
CA LEU C 316 -59.19 -69.87 15.90
C LEU C 316 -60.40 -69.03 16.29
N ASP C 317 -61.35 -69.67 16.97
CA ASP C 317 -62.69 -69.14 17.24
C ASP C 317 -62.80 -68.76 18.71
N PRO C 318 -63.18 -67.52 19.03
CA PRO C 318 -63.09 -67.05 20.42
C PRO C 318 -63.96 -67.83 21.39
N TRP C 319 -65.12 -68.30 20.96
CA TRP C 319 -66.01 -69.04 21.83
C TRP C 319 -65.66 -70.52 21.88
N ASN C 320 -65.06 -71.05 20.82
CA ASN C 320 -64.49 -72.39 20.87
C ASN C 320 -63.19 -72.42 21.66
N ASN C 321 -62.43 -71.32 21.63
CA ASN C 321 -61.15 -71.24 22.33
C ASN C 321 -61.39 -70.85 23.79
N SER C 322 -61.93 -71.80 24.55
CA SER C 322 -62.12 -71.60 25.98
C SER C 322 -60.82 -71.77 26.76
N ARG C 323 -59.78 -72.32 26.12
CA ARG C 323 -58.51 -72.53 26.80
C ARG C 323 -57.89 -71.19 27.22
N ASN C 324 -57.56 -70.35 26.26
CA ASN C 324 -56.83 -69.13 26.53
C ASN C 324 -57.72 -68.13 27.26
N PRO C 325 -57.35 -67.68 28.46
CA PRO C 325 -58.17 -66.65 29.12
C PRO C 325 -58.00 -65.28 28.49
N TRP C 326 -56.77 -64.92 28.13
CA TRP C 326 -56.49 -63.59 27.60
C TRP C 326 -56.92 -63.40 26.16
N PHE C 327 -57.28 -64.48 25.45
CA PHE C 327 -57.68 -64.34 24.06
C PHE C 327 -58.95 -63.51 23.92
N ARG C 328 -59.89 -63.67 24.85
CA ARG C 328 -61.13 -62.92 24.77
C ARG C 328 -60.88 -61.43 25.00
N GLU C 329 -59.94 -61.09 25.88
CA GLU C 329 -59.57 -59.69 26.03
C GLU C 329 -58.80 -59.17 24.82
N PHE C 330 -57.97 -60.03 24.21
CA PHE C 330 -57.29 -59.64 22.97
C PHE C 330 -58.27 -59.32 21.87
N TRP C 331 -59.36 -60.09 21.76
CA TRP C 331 -60.38 -59.83 20.76
C TRP C 331 -61.38 -58.76 21.18
N GLU C 332 -61.41 -58.41 22.46
CA GLU C 332 -62.04 -57.15 22.87
C GLU C 332 -61.20 -55.95 22.47
N GLN C 333 -59.87 -56.10 22.44
CA GLN C 333 -59.00 -54.97 22.14
C GLN C 333 -58.83 -54.74 20.64
N ARG C 334 -58.51 -55.80 19.88
CA ARG C 334 -58.30 -55.64 18.45
C ARG C 334 -59.54 -55.11 17.76
N PHE C 335 -60.69 -55.70 18.04
CA PHE C 335 -61.98 -55.19 17.63
C PHE C 335 -62.69 -54.68 18.88
N ARG C 336 -62.99 -53.37 18.89
CA ARG C 336 -63.40 -52.67 20.10
C ARG C 336 -64.66 -53.24 20.74
N CYS C 337 -65.34 -54.17 20.08
CA CYS C 337 -66.49 -54.82 20.69
C CYS C 337 -66.08 -55.60 21.93
N SER C 338 -66.87 -55.44 23.00
CA SER C 338 -66.72 -56.24 24.21
C SER C 338 -67.56 -57.49 24.05
N PHE C 339 -66.95 -58.65 24.33
CA PHE C 339 -67.68 -59.91 24.15
C PHE C 339 -68.89 -59.99 25.08
N ARG C 340 -68.91 -59.21 26.15
CA ARG C 340 -70.12 -59.11 26.98
C ARG C 340 -71.27 -58.49 26.22
N GLN C 341 -70.99 -57.80 25.12
CA GLN C 341 -72.01 -57.20 24.26
C GLN C 341 -71.90 -57.78 22.85
N ARG C 342 -72.84 -57.38 21.99
CA ARG C 342 -72.86 -57.86 20.61
C ARG C 342 -71.89 -57.05 19.76
N ASP C 343 -72.03 -57.19 18.44
CA ASP C 343 -71.10 -56.71 17.41
C ASP C 343 -69.79 -57.50 17.45
N CYS C 344 -69.77 -58.64 18.13
CA CYS C 344 -68.65 -59.56 18.11
C CYS C 344 -69.04 -60.83 17.37
N ALA C 345 -68.02 -61.63 17.03
CA ALA C 345 -68.10 -62.87 16.27
C ALA C 345 -68.49 -62.61 14.82
N ALA C 346 -68.78 -61.36 14.44
CA ALA C 346 -69.00 -61.04 13.03
C ALA C 346 -67.70 -61.02 12.26
N HIS C 347 -66.65 -60.45 12.83
CA HIS C 347 -65.34 -60.48 12.20
C HIS C 347 -64.63 -61.79 12.51
N SER C 348 -63.47 -61.98 11.88
CA SER C 348 -62.68 -63.18 12.09
C SER C 348 -61.23 -62.86 11.71
N LEU C 349 -60.33 -63.72 12.20
CA LEU C 349 -58.91 -63.58 11.87
C LEU C 349 -58.60 -64.01 10.44
N ARG C 350 -59.55 -64.66 9.75
CA ARG C 350 -59.38 -64.95 8.33
C ARG C 350 -59.66 -63.73 7.47
N ALA C 351 -60.65 -62.92 7.84
CA ALA C 351 -61.00 -61.77 7.02
C ALA C 351 -59.94 -60.69 7.09
N VAL C 352 -59.48 -60.36 8.30
CA VAL C 352 -58.44 -59.36 8.50
C VAL C 352 -57.10 -59.96 8.09
N PRO C 353 -56.10 -59.15 7.73
CA PRO C 353 -54.81 -59.72 7.33
C PRO C 353 -53.98 -60.12 8.54
N PHE C 354 -53.16 -61.15 8.33
CA PHE C 354 -52.35 -61.74 9.40
C PHE C 354 -50.90 -61.82 8.94
N GLU C 355 -49.99 -61.33 9.79
CA GLU C 355 -48.57 -61.44 9.55
C GLU C 355 -47.93 -62.11 10.76
N GLN C 356 -47.20 -63.20 10.51
CA GLN C 356 -46.63 -63.99 11.60
C GLN C 356 -45.48 -63.24 12.27
N GLU C 357 -45.48 -63.24 13.60
CA GLU C 357 -44.44 -62.59 14.37
C GLU C 357 -43.09 -63.26 14.11
N SER C 358 -42.02 -62.45 14.10
CA SER C 358 -40.71 -62.94 13.69
C SER C 358 -40.19 -64.03 14.62
N LYS C 359 -40.35 -63.85 15.93
CA LYS C 359 -39.81 -64.78 16.92
C LYS C 359 -40.68 -65.99 17.15
N ILE C 360 -41.75 -66.16 16.35
CA ILE C 360 -42.70 -67.23 16.60
C ILE C 360 -41.95 -68.56 16.53
N MET C 361 -41.09 -68.70 15.52
CA MET C 361 -40.23 -69.87 15.42
C MET C 361 -39.40 -70.05 16.68
N PHE C 362 -38.76 -68.97 17.15
CA PHE C 362 -37.91 -69.12 18.32
C PHE C 362 -38.71 -69.54 19.54
N VAL C 363 -40.03 -69.38 19.50
CA VAL C 363 -40.88 -69.93 20.55
C VAL C 363 -41.08 -71.43 20.32
N VAL C 364 -41.56 -71.78 19.12
CA VAL C 364 -41.98 -73.15 18.88
C VAL C 364 -40.79 -74.09 18.98
N ASN C 365 -39.64 -73.70 18.40
CA ASN C 365 -38.42 -74.47 18.53
C ASN C 365 -38.10 -74.75 19.99
N ALA C 366 -38.17 -73.72 20.83
CA ALA C 366 -37.91 -73.88 22.26
C ALA C 366 -38.79 -74.97 22.86
N VAL C 367 -40.09 -74.87 22.61
CA VAL C 367 -41.03 -75.88 23.12
C VAL C 367 -40.64 -77.27 22.63
N TYR C 368 -40.43 -77.41 21.31
CA TYR C 368 -40.02 -78.70 20.76
C TYR C 368 -38.75 -79.21 21.41
N ALA C 369 -37.78 -78.32 21.61
CA ALA C 369 -36.51 -78.68 22.24
C ALA C 369 -36.78 -79.34 23.58
N MET C 370 -37.56 -78.68 24.43
CA MET C 370 -37.88 -79.26 25.73
C MET C 370 -38.58 -80.62 25.57
N ALA C 371 -39.55 -80.69 24.67
CA ALA C 371 -40.23 -81.96 24.42
C ALA C 371 -39.24 -83.05 24.07
N HIS C 372 -38.34 -82.77 23.13
CA HIS C 372 -37.34 -83.75 22.71
C HIS C 372 -36.43 -84.15 23.88
N ALA C 373 -36.02 -83.18 24.70
CA ALA C 373 -35.26 -83.50 25.90
C ALA C 373 -35.98 -84.53 26.74
N LEU C 374 -37.26 -84.26 27.03
CA LEU C 374 -38.07 -85.21 27.81
C LEU C 374 -38.12 -86.56 27.12
N HIS C 375 -38.33 -86.57 25.81
CA HIS C 375 -38.37 -87.83 25.06
C HIS C 375 -37.06 -88.59 25.17
N ASN C 376 -35.93 -87.88 25.10
CA ASN C 376 -34.63 -88.52 25.26
C ASN C 376 -34.51 -89.16 26.64
N MET C 377 -34.99 -88.46 27.67
CA MET C 377 -34.99 -89.05 29.00
C MET C 377 -35.87 -90.29 29.05
N HIS C 378 -37.03 -90.24 28.39
CA HIS C 378 -37.88 -91.42 28.29
C HIS C 378 -37.20 -92.54 27.51
N ARG C 379 -36.31 -92.19 26.58
CA ARG C 379 -35.56 -93.23 25.88
C ARG C 379 -34.46 -93.78 26.77
N ALA C 380 -34.07 -93.03 27.78
CA ALA C 380 -32.89 -93.37 28.56
C ALA C 380 -33.26 -94.25 29.75
N LEU C 381 -34.09 -93.75 30.65
CA LEU C 381 -34.41 -94.52 31.87
C LEU C 381 -35.86 -95.01 31.91
N CYS C 382 -36.62 -94.84 30.84
CA CYS C 382 -38.00 -95.35 30.78
C CYS C 382 -38.32 -95.93 29.41
N PRO C 383 -37.54 -96.93 28.94
CA PRO C 383 -37.83 -97.50 27.63
C PRO C 383 -38.77 -98.69 27.64
N ASN C 384 -39.04 -99.27 28.81
CA ASN C 384 -39.80 -100.52 28.89
C ASN C 384 -41.31 -100.32 28.85
N THR C 385 -41.80 -99.07 28.91
CA THR C 385 -43.24 -98.85 28.97
C THR C 385 -43.57 -97.53 28.29
N THR C 386 -44.88 -97.30 28.10
CA THR C 386 -45.35 -96.17 27.32
C THR C 386 -45.15 -94.85 28.08
N ARG C 387 -45.37 -94.85 29.39
CA ARG C 387 -45.35 -93.60 30.15
C ARG C 387 -44.53 -93.78 31.43
N LEU C 388 -44.50 -92.72 32.24
CA LEU C 388 -43.60 -92.66 33.38
C LEU C 388 -43.91 -93.73 34.43
N CYS C 389 -42.84 -94.37 34.95
CA CYS C 389 -42.92 -95.42 35.96
C CYS C 389 -42.99 -94.88 37.40
N ASP C 390 -43.28 -93.59 37.62
CA ASP C 390 -43.31 -92.90 38.91
C ASP C 390 -41.96 -92.71 39.61
N ALA C 391 -40.84 -93.22 39.09
CA ALA C 391 -39.55 -92.87 39.71
C ALA C 391 -38.90 -91.61 39.15
N MET C 392 -39.18 -91.27 37.90
CA MET C 392 -38.67 -90.07 37.24
C MET C 392 -39.56 -88.85 37.44
N ARG C 393 -40.84 -89.04 37.75
CA ARG C 393 -41.80 -87.93 37.82
C ARG C 393 -41.30 -86.78 38.69
N PRO C 394 -40.73 -87.00 39.89
CA PRO C 394 -40.02 -85.89 40.54
C PRO C 394 -38.74 -85.63 39.75
N VAL C 395 -38.92 -84.97 38.61
CA VAL C 395 -37.86 -84.83 37.61
C VAL C 395 -36.69 -84.06 38.19
N ASN C 396 -35.53 -84.70 38.19
CA ASN C 396 -34.29 -84.05 38.61
C ASN C 396 -33.87 -83.02 37.57
N GLY C 397 -33.83 -81.76 37.99
CA GLY C 397 -33.55 -80.69 37.05
C GLY C 397 -32.13 -80.69 36.53
N ARG C 398 -31.15 -80.97 37.41
CA ARG C 398 -29.75 -80.84 37.03
C ARG C 398 -29.37 -81.83 35.94
N ARG C 399 -29.67 -83.11 36.13
CA ARG C 399 -29.37 -84.10 35.10
C ARG C 399 -30.18 -83.85 33.84
N LEU C 400 -31.45 -83.44 33.99
CA LEU C 400 -32.27 -83.13 32.83
C LEU C 400 -31.61 -82.07 31.95
N TYR C 401 -31.22 -80.95 32.56
CA TYR C 401 -30.64 -79.86 31.79
C TYR C 401 -29.27 -80.24 31.24
N LYS C 402 -28.39 -80.77 32.09
CA LYS C 402 -27.00 -80.98 31.70
C LYS C 402 -26.87 -82.09 30.66
N ASP C 403 -27.64 -83.16 30.82
CA ASP C 403 -27.48 -84.34 29.98
C ASP C 403 -28.40 -84.35 28.77
N PHE C 404 -29.59 -83.75 28.88
CA PHE C 404 -30.61 -83.93 27.85
C PHE C 404 -30.98 -82.62 27.15
N VAL C 405 -31.37 -81.59 27.89
CA VAL C 405 -31.77 -80.34 27.25
C VAL C 405 -30.59 -79.70 26.54
N LEU C 406 -29.42 -79.67 27.17
CA LEU C 406 -28.26 -79.06 26.54
C LEU C 406 -27.76 -79.88 25.36
N ASN C 407 -28.09 -81.16 25.30
CA ASN C 407 -27.61 -82.06 24.26
C ASN C 407 -28.63 -82.32 23.16
N VAL C 408 -29.72 -81.56 23.11
CA VAL C 408 -30.70 -81.75 22.05
C VAL C 408 -30.07 -81.42 20.71
N LYS C 409 -30.44 -82.21 19.69
CA LYS C 409 -29.96 -81.97 18.34
C LYS C 409 -30.98 -82.56 17.36
N PHE C 410 -31.81 -81.70 16.80
CA PHE C 410 -32.76 -82.12 15.78
C PHE C 410 -33.09 -80.94 14.88
N ASP C 411 -33.55 -81.26 13.66
CA ASP C 411 -33.95 -80.24 12.72
C ASP C 411 -35.20 -79.52 13.20
N ALA C 412 -35.32 -78.25 12.82
CA ALA C 412 -36.40 -77.42 13.33
C ALA C 412 -37.76 -77.94 12.84
N PRO C 413 -38.82 -77.69 13.60
CA PRO C 413 -40.15 -78.12 13.15
C PRO C 413 -40.68 -77.21 12.05
N PHE C 414 -41.36 -77.84 11.08
CA PHE C 414 -42.08 -77.11 10.03
C PHE C 414 -41.15 -76.18 9.25
N ARG C 415 -39.99 -76.69 8.85
CA ARG C 415 -39.11 -75.92 8.00
C ARG C 415 -39.69 -75.81 6.59
N PRO C 416 -39.28 -74.79 5.84
CA PRO C 416 -39.41 -74.87 4.38
C PRO C 416 -38.57 -76.03 3.87
N ALA C 417 -39.07 -76.68 2.81
CA ALA C 417 -38.49 -77.94 2.38
C ALA C 417 -37.01 -77.82 2.05
N ASP C 418 -36.55 -76.63 1.64
CA ASP C 418 -35.17 -76.50 1.19
C ASP C 418 -34.19 -76.50 2.35
N THR C 419 -34.49 -75.79 3.43
CA THR C 419 -33.49 -75.57 4.46
C THR C 419 -33.26 -76.83 5.29
N HIS C 420 -32.08 -76.90 5.91
CA HIS C 420 -31.71 -77.98 6.82
C HIS C 420 -31.49 -77.46 8.23
N ASN C 421 -32.22 -76.42 8.62
CA ASN C 421 -31.97 -75.76 9.90
C ASN C 421 -32.19 -76.70 11.08
N GLU C 422 -31.32 -76.59 12.08
CA GLU C 422 -31.43 -77.37 13.31
C GLU C 422 -31.18 -76.44 14.49
N VAL C 423 -31.67 -76.85 15.67
CA VAL C 423 -31.78 -75.96 16.81
C VAL C 423 -30.91 -76.44 17.97
N ARG C 424 -29.75 -77.03 17.65
CA ARG C 424 -28.80 -77.43 18.69
C ARG C 424 -28.42 -76.22 19.55
N PHE C 425 -28.02 -76.50 20.79
CA PHE C 425 -27.57 -75.45 21.69
C PHE C 425 -26.04 -75.38 21.70
N ASP C 426 -25.54 -74.23 22.12
CA ASP C 426 -24.11 -74.01 22.26
C ASP C 426 -23.59 -74.71 23.52
N ARG C 427 -22.27 -74.60 23.74
CA ARG C 427 -21.65 -75.16 24.93
C ARG C 427 -22.09 -74.47 26.21
N PHE C 428 -22.66 -73.27 26.10
CA PHE C 428 -23.12 -72.49 27.25
C PHE C 428 -24.56 -72.05 27.06
N GLY C 429 -25.39 -72.93 26.49
CA GLY C 429 -26.82 -72.72 26.42
C GLY C 429 -27.26 -71.53 25.60
N ASP C 430 -26.70 -71.37 24.40
CA ASP C 430 -27.10 -70.31 23.48
C ASP C 430 -27.24 -70.87 22.08
N GLY C 431 -27.83 -70.08 21.18
CA GLY C 431 -28.06 -70.49 19.82
C GLY C 431 -27.05 -69.91 18.84
N ILE C 432 -27.37 -70.06 17.55
CA ILE C 432 -26.51 -69.59 16.47
C ILE C 432 -26.85 -68.15 16.10
N GLY C 433 -25.82 -67.39 15.75
CA GLY C 433 -25.98 -65.99 15.39
C GLY C 433 -26.23 -65.70 13.93
N ARG C 434 -27.47 -65.35 13.59
CA ARG C 434 -27.84 -64.99 12.23
C ARG C 434 -28.99 -63.98 12.30
N TYR C 435 -28.85 -62.88 11.55
CA TYR C 435 -29.78 -61.77 11.63
C TYR C 435 -30.19 -61.32 10.24
N ASN C 436 -31.40 -60.79 10.14
CA ASN C 436 -31.89 -60.09 8.95
C ASN C 436 -31.99 -58.61 9.24
N ILE C 437 -31.51 -57.78 8.32
CA ILE C 437 -31.50 -56.33 8.46
C ILE C 437 -32.63 -55.75 7.63
N PHE C 438 -33.56 -55.08 8.28
CA PHE C 438 -34.71 -54.47 7.63
C PHE C 438 -34.57 -52.95 7.60
N THR C 439 -35.36 -52.32 6.73
CA THR C 439 -35.58 -50.88 6.77
C THR C 439 -37.07 -50.60 6.63
N TYR C 440 -37.55 -49.65 7.42
CA TYR C 440 -38.90 -49.16 7.22
C TYR C 440 -38.98 -48.44 5.88
N LEU C 441 -40.09 -48.67 5.16
CA LEU C 441 -40.20 -48.19 3.80
C LEU C 441 -41.64 -47.75 3.54
N ARG C 442 -41.78 -46.81 2.60
CA ARG C 442 -43.08 -46.28 2.21
C ARG C 442 -43.45 -46.84 0.84
N ALA C 443 -44.64 -47.44 0.74
CA ALA C 443 -45.17 -48.00 -0.50
C ALA C 443 -44.19 -49.00 -1.12
N TYR C 448 -46.84 -48.15 3.68
CA TYR C 448 -45.78 -48.25 4.67
C TYR C 448 -45.61 -49.68 5.16
N ARG C 449 -44.39 -50.20 5.02
CA ARG C 449 -44.11 -51.58 5.43
C ARG C 449 -42.61 -51.74 5.62
N TYR C 450 -42.24 -52.81 6.33
CA TYR C 450 -40.84 -53.16 6.45
C TYR C 450 -40.36 -53.88 5.19
N GLN C 451 -39.04 -53.98 5.06
CA GLN C 451 -38.45 -54.60 3.88
C GLN C 451 -37.07 -55.13 4.24
N LYS C 452 -36.85 -56.42 4.04
CA LYS C 452 -35.56 -57.05 4.35
C LYS C 452 -34.48 -56.52 3.42
N VAL C 453 -33.51 -55.80 3.98
CA VAL C 453 -32.39 -55.29 3.19
C VAL C 453 -31.35 -56.38 2.94
N GLY C 454 -30.94 -57.06 3.99
CA GLY C 454 -29.88 -58.04 3.85
C GLY C 454 -29.80 -58.95 5.06
N TYR C 455 -28.63 -59.57 5.22
CA TYR C 455 -28.43 -60.52 6.29
C TYR C 455 -26.99 -60.45 6.81
N TRP C 456 -26.83 -60.73 8.10
CA TRP C 456 -25.53 -60.90 8.74
C TRP C 456 -25.42 -62.34 9.23
N ALA C 457 -24.39 -63.05 8.78
CA ALA C 457 -24.03 -64.36 9.31
C ALA C 457 -22.52 -64.48 9.22
N GLU C 458 -21.83 -64.09 10.29
CA GLU C 458 -20.37 -64.00 10.31
C GLU C 458 -19.86 -63.20 9.11
N GLY C 459 -20.53 -62.09 8.82
CA GLY C 459 -20.21 -61.26 7.68
C GLY C 459 -21.44 -60.55 7.15
N LEU C 460 -21.33 -59.25 6.90
CA LEU C 460 -22.48 -58.45 6.50
C LEU C 460 -22.68 -58.55 5.00
N THR C 461 -23.95 -58.56 4.58
CA THR C 461 -24.30 -58.49 3.17
C THR C 461 -25.56 -57.63 3.04
N LEU C 462 -25.42 -56.49 2.37
CA LEU C 462 -26.53 -55.56 2.16
C LEU C 462 -26.74 -55.40 0.65
N ASP C 463 -27.94 -55.74 0.18
CA ASP C 463 -28.34 -55.46 -1.20
C ASP C 463 -28.97 -54.08 -1.22
N THR C 464 -28.12 -53.05 -1.17
CA THR C 464 -28.60 -51.68 -1.03
C THR C 464 -29.45 -51.22 -2.20
N SER C 465 -29.37 -51.91 -3.35
CA SER C 465 -30.22 -51.55 -4.49
C SER C 465 -31.69 -51.70 -4.15
N LEU C 466 -32.02 -52.43 -3.09
CA LEU C 466 -33.37 -52.67 -2.66
C LEU C 466 -33.92 -51.58 -1.72
N ILE C 467 -33.13 -50.56 -1.39
CA ILE C 467 -33.60 -49.50 -0.50
C ILE C 467 -33.44 -48.17 -1.22
N PRO C 468 -34.23 -47.16 -0.83
CA PRO C 468 -34.12 -45.84 -1.47
C PRO C 468 -32.77 -45.17 -1.30
N TRP C 469 -32.02 -45.52 -0.25
CA TRP C 469 -30.76 -44.83 0.04
C TRP C 469 -29.72 -45.05 -1.06
N ALA C 470 -29.63 -46.27 -1.59
CA ALA C 470 -28.75 -46.43 -2.73
C ALA C 470 -29.35 -45.75 -3.95
N SER C 471 -28.48 -45.37 -4.89
CA SER C 471 -28.84 -44.46 -5.98
C SER C 471 -29.45 -43.23 -5.33
N PRO C 472 -28.65 -42.39 -4.70
CA PRO C 472 -29.17 -41.31 -3.84
C PRO C 472 -30.14 -40.40 -4.57
N SER C 473 -31.39 -40.39 -4.11
CA SER C 473 -32.44 -39.58 -4.73
C SER C 473 -33.02 -38.54 -3.78
N ALA C 474 -32.53 -38.48 -2.53
CA ALA C 474 -32.95 -37.49 -1.55
C ALA C 474 -31.72 -36.79 -0.99
N GLY C 475 -30.84 -36.35 -1.89
CA GLY C 475 -29.53 -35.89 -1.52
C GLY C 475 -28.62 -37.10 -1.39
N PRO C 476 -27.35 -36.88 -1.03
CA PRO C 476 -26.46 -37.99 -0.87
C PRO C 476 -26.83 -38.96 0.25
N LEU C 477 -26.07 -40.04 0.30
CA LEU C 477 -26.29 -41.05 1.32
C LEU C 477 -26.15 -40.40 2.69
N PRO C 478 -27.02 -40.73 3.65
CA PRO C 478 -27.00 -40.02 4.93
C PRO C 478 -25.64 -40.16 5.61
N ALA C 479 -25.16 -39.03 6.13
CA ALA C 479 -23.81 -38.94 6.68
C ALA C 479 -23.88 -38.65 8.17
N SER C 480 -22.94 -39.22 8.91
CA SER C 480 -22.83 -38.98 10.35
C SER C 480 -21.34 -39.08 10.70
N ARG C 481 -20.68 -37.93 10.71
CA ARG C 481 -19.26 -37.86 11.04
C ARG C 481 -19.01 -36.64 11.92
N CYS C 482 -17.96 -36.72 12.74
CA CYS C 482 -17.67 -35.64 13.66
C CYS C 482 -17.15 -34.40 12.94
N SER C 483 -16.43 -34.58 11.83
CA SER C 483 -15.97 -33.45 11.03
C SER C 483 -15.88 -33.86 9.57
N GLU C 484 -15.97 -32.87 8.69
CA GLU C 484 -16.03 -33.12 7.26
C GLU C 484 -14.65 -33.52 6.73
N PRO C 485 -14.60 -34.32 5.66
CA PRO C 485 -13.31 -34.60 5.02
C PRO C 485 -12.78 -33.37 4.30
N CYS C 486 -11.46 -33.31 4.17
CA CYS C 486 -10.79 -32.10 3.71
C CYS C 486 -9.84 -32.43 2.56
N LEU C 487 -9.50 -31.37 1.82
CA LEU C 487 -8.73 -31.49 0.58
C LEU C 487 -7.27 -31.81 0.88
N GLN C 488 -6.53 -32.14 -0.19
CA GLN C 488 -5.09 -32.27 -0.08
C GLN C 488 -4.43 -30.95 0.31
N ASN C 489 -5.07 -29.82 -0.01
CA ASN C 489 -4.58 -28.53 0.45
C ASN C 489 -4.75 -28.34 1.95
N GLU C 490 -5.20 -29.36 2.67
CA GLU C 490 -5.56 -29.24 4.07
C GLU C 490 -5.04 -30.47 4.81
N VAL C 491 -4.73 -30.29 6.10
CA VAL C 491 -4.25 -31.36 6.95
C VAL C 491 -5.17 -31.49 8.16
N LYS C 492 -5.24 -32.71 8.69
CA LYS C 492 -6.05 -32.99 9.87
C LYS C 492 -5.25 -32.65 11.10
N SER C 493 -5.55 -31.50 11.70
CA SER C 493 -4.92 -31.11 12.96
C SER C 493 -5.27 -32.10 14.06
N VAL C 494 -4.29 -32.41 14.92
CA VAL C 494 -4.36 -33.59 15.76
C VAL C 494 -4.96 -33.19 17.10
N GLN C 495 -5.72 -34.12 17.69
CA GLN C 495 -6.04 -34.05 19.11
C GLN C 495 -6.45 -35.45 19.58
N PRO C 496 -5.49 -36.28 20.03
CA PRO C 496 -5.87 -37.61 20.57
C PRO C 496 -6.93 -37.57 21.65
N GLY C 497 -6.75 -36.72 22.66
CA GLY C 497 -7.84 -36.21 23.48
C GLY C 497 -8.72 -37.26 24.11
N GLU C 498 -10.02 -37.00 24.06
CA GLU C 498 -11.04 -37.96 24.48
C GLU C 498 -11.29 -39.02 23.41
N VAL C 499 -11.36 -38.58 22.15
CA VAL C 499 -11.71 -39.46 21.02
C VAL C 499 -10.94 -38.96 19.80
N CYS C 500 -10.94 -39.79 18.75
CA CYS C 500 -10.23 -39.48 17.50
C CYS C 500 -11.08 -38.64 16.56
N CYS C 501 -11.41 -37.43 17.01
CA CYS C 501 -12.08 -36.45 16.17
C CYS C 501 -11.09 -35.35 15.79
N TRP C 502 -10.87 -35.19 14.49
CA TRP C 502 -9.82 -34.31 13.99
C TRP C 502 -10.36 -32.94 13.66
N LEU C 503 -9.46 -31.95 13.68
CA LEU C 503 -9.71 -30.65 13.10
C LEU C 503 -9.08 -30.61 11.71
N CYS C 504 -9.35 -29.53 10.97
CA CYS C 504 -8.74 -29.34 9.66
C CYS C 504 -8.18 -27.94 9.54
N ILE C 505 -6.95 -27.84 9.05
CA ILE C 505 -6.25 -26.57 8.89
C ILE C 505 -5.53 -26.62 7.54
N PRO C 506 -5.67 -25.60 6.69
CA PRO C 506 -4.89 -25.59 5.45
C PRO C 506 -3.43 -25.34 5.73
N CYS C 507 -2.56 -26.03 4.98
CA CYS C 507 -1.13 -25.91 5.21
C CYS C 507 -0.65 -24.51 4.84
N GLN C 508 0.58 -24.23 5.21
CA GLN C 508 1.27 -23.05 4.69
C GLN C 508 1.33 -23.15 3.16
N PRO C 509 0.91 -22.12 2.44
CA PRO C 509 0.70 -22.27 0.98
C PRO C 509 1.93 -22.78 0.24
N TYR C 510 3.12 -22.66 0.82
CA TYR C 510 4.34 -23.22 0.26
C TYR C 510 4.69 -24.59 0.85
N GLU C 511 3.88 -25.10 1.77
CA GLU C 511 4.13 -26.40 2.41
C GLU C 511 3.17 -27.44 1.82
N TYR C 512 3.72 -28.55 1.35
CA TYR C 512 2.91 -29.55 0.66
C TYR C 512 2.43 -30.57 1.70
N ARG C 513 1.95 -31.73 1.22
CA ARG C 513 1.29 -32.73 2.06
C ARG C 513 1.93 -34.08 1.76
N LEU C 514 2.94 -34.45 2.55
CA LEU C 514 3.53 -35.78 2.45
C LEU C 514 2.93 -36.76 3.45
N ASP C 515 2.28 -36.26 4.50
CA ASP C 515 1.55 -37.10 5.43
C ASP C 515 0.15 -36.50 5.59
N GLU C 516 -0.86 -37.35 5.67
CA GLU C 516 -2.22 -36.83 5.88
C GLU C 516 -2.34 -36.08 7.20
N PHE C 517 -1.50 -36.41 8.19
CA PHE C 517 -1.61 -35.83 9.52
C PHE C 517 -0.67 -34.65 9.74
N THR C 518 0.24 -34.37 8.82
CA THR C 518 1.19 -33.28 8.97
C THR C 518 1.66 -32.83 7.59
N CYS C 519 1.78 -31.52 7.40
CA CYS C 519 2.29 -31.00 6.14
C CYS C 519 3.77 -31.35 5.97
N ALA C 520 4.33 -30.94 4.85
CA ALA C 520 5.74 -31.09 4.55
C ALA C 520 6.21 -29.90 3.76
N ASP C 521 7.53 -29.67 3.77
CA ASP C 521 8.10 -28.51 3.11
C ASP C 521 9.51 -28.87 2.62
N CYS C 522 10.03 -27.99 1.77
CA CYS C 522 11.28 -28.22 1.08
C CYS C 522 12.05 -26.89 1.08
N GLY C 523 13.21 -26.86 0.42
CA GLY C 523 14.09 -25.72 0.57
C GLY C 523 13.51 -24.45 -0.03
N LEU C 524 14.10 -23.31 0.37
CA LEU C 524 13.73 -22.04 -0.22
C LEU C 524 14.12 -22.00 -1.69
N GLY C 525 13.39 -21.18 -2.46
CA GLY C 525 13.48 -21.23 -3.90
C GLY C 525 12.64 -22.30 -4.54
N TYR C 526 11.94 -23.09 -3.75
CA TYR C 526 11.14 -24.22 -4.21
C TYR C 526 9.66 -23.93 -3.87
N TRP C 527 8.81 -24.92 -4.13
CA TRP C 527 7.37 -24.69 -4.17
C TRP C 527 6.67 -26.01 -3.89
N PRO C 528 5.39 -25.97 -3.50
CA PRO C 528 4.64 -27.21 -3.32
C PRO C 528 4.04 -27.72 -4.62
N ASN C 529 3.89 -29.04 -4.67
CA ASN C 529 3.18 -29.68 -5.77
C ASN C 529 1.70 -29.32 -5.73
N ALA C 530 1.06 -29.34 -6.90
CA ALA C 530 -0.34 -28.93 -7.01
C ALA C 530 -1.23 -29.76 -6.09
N SER C 531 -1.06 -31.07 -6.11
CA SER C 531 -1.71 -31.94 -5.14
C SER C 531 -0.94 -32.02 -3.82
N LEU C 532 0.11 -31.22 -3.69
CA LEU C 532 0.94 -31.16 -2.48
C LEU C 532 1.63 -32.49 -2.19
N THR C 533 2.00 -33.23 -3.23
CA THR C 533 2.62 -34.53 -3.08
C THR C 533 4.15 -34.48 -3.03
N GLY C 534 4.74 -33.29 -3.08
CA GLY C 534 6.19 -33.21 -2.97
C GLY C 534 6.68 -31.81 -3.29
N CYS C 535 8.00 -31.70 -3.39
CA CYS C 535 8.65 -30.44 -3.72
C CYS C 535 8.63 -30.20 -5.23
N PHE C 536 8.48 -28.94 -5.61
CA PHE C 536 8.38 -28.53 -7.00
C PHE C 536 9.23 -27.27 -7.19
N GLU C 537 9.80 -27.13 -8.39
CA GLU C 537 10.74 -26.06 -8.68
C GLU C 537 10.04 -24.90 -9.37
N LEU C 538 10.03 -23.74 -8.72
CA LEU C 538 9.58 -22.52 -9.34
C LEU C 538 10.54 -22.17 -10.48
N PRO C 539 10.04 -21.71 -11.62
CA PRO C 539 10.94 -21.51 -12.76
C PRO C 539 11.81 -20.26 -12.68
N GLN C 540 13.08 -20.45 -13.04
CA GLN C 540 14.09 -19.42 -12.83
C GLN C 540 13.71 -18.15 -13.60
N GLU C 541 13.97 -17.00 -12.98
CA GLU C 541 13.66 -15.72 -13.59
C GLU C 541 14.95 -14.95 -13.83
N TYR C 542 14.99 -14.22 -14.94
CA TYR C 542 16.16 -13.46 -15.34
C TYR C 542 15.73 -12.37 -16.30
N ILE C 543 16.60 -11.39 -16.50
CA ILE C 543 16.34 -10.41 -17.54
C ILE C 543 16.43 -11.12 -18.89
N ARG C 544 15.32 -11.14 -19.62
CA ARG C 544 15.24 -11.86 -20.87
C ARG C 544 15.62 -10.94 -22.03
N TRP C 545 15.86 -11.56 -23.18
CA TRP C 545 16.35 -10.82 -24.34
C TRP C 545 15.34 -9.78 -24.80
N GLY C 546 14.05 -10.08 -24.70
CA GLY C 546 13.03 -9.23 -25.27
C GLY C 546 12.18 -8.45 -24.31
N ASP C 547 12.45 -8.56 -23.00
CA ASP C 547 11.60 -7.90 -22.02
C ASP C 547 11.80 -6.39 -22.07
N ALA C 548 10.91 -5.68 -21.37
CA ALA C 548 10.92 -4.22 -21.39
C ALA C 548 12.18 -3.64 -20.74
N TRP C 549 12.79 -4.37 -19.81
CA TRP C 549 13.96 -3.87 -19.10
C TRP C 549 15.25 -4.06 -19.88
N ALA C 550 15.23 -4.78 -21.00
CA ALA C 550 16.42 -4.98 -21.80
C ALA C 550 16.33 -4.32 -23.17
N VAL C 551 15.13 -3.92 -23.61
CA VAL C 551 14.99 -3.35 -24.95
C VAL C 551 15.80 -2.07 -25.09
N GLY C 552 15.71 -1.18 -24.11
CA GLY C 552 16.43 0.07 -24.14
C GLY C 552 17.94 -0.10 -24.17
N PRO C 553 18.49 -0.84 -23.20
CA PRO C 553 19.94 -1.11 -23.24
C PRO C 553 20.41 -1.82 -24.49
N VAL C 554 19.64 -2.80 -25.00
CA VAL C 554 20.09 -3.48 -26.21
C VAL C 554 20.04 -2.55 -27.41
N THR C 555 19.05 -1.65 -27.45
CA THR C 555 18.96 -0.71 -28.56
C THR C 555 20.12 0.28 -28.54
N ILE C 556 20.40 0.85 -27.36
CA ILE C 556 21.51 1.81 -27.29
C ILE C 556 22.83 1.10 -27.57
N ALA C 557 22.97 -0.15 -27.12
CA ALA C 557 24.19 -0.91 -27.37
C ALA C 557 24.38 -1.15 -28.85
N CYS C 558 23.33 -1.58 -29.55
CA CYS C 558 23.49 -1.88 -30.97
C CYS C 558 23.74 -0.62 -31.78
N LEU C 559 23.04 0.48 -31.45
CA LEU C 559 23.29 1.72 -32.16
C LEU C 559 24.71 2.22 -31.93
N GLY C 560 25.20 2.13 -30.69
CA GLY C 560 26.57 2.53 -30.43
C GLY C 560 27.59 1.64 -31.09
N ALA C 561 27.32 0.34 -31.15
CA ALA C 561 28.22 -0.59 -31.82
C ALA C 561 28.31 -0.28 -33.31
N LEU C 562 27.16 0.00 -33.94
CA LEU C 562 27.18 0.37 -35.35
C LEU C 562 27.90 1.70 -35.57
N ALA C 563 27.70 2.66 -34.67
CA ALA C 563 28.41 3.92 -34.79
C ALA C 563 29.92 3.74 -34.66
N THR C 564 30.35 2.90 -33.71
CA THR C 564 31.77 2.62 -33.55
C THR C 564 32.34 1.89 -34.77
N LEU C 565 31.57 0.96 -35.34
CA LEU C 565 32.00 0.28 -36.55
C LEU C 565 32.19 1.27 -37.69
N PHE C 566 31.24 2.20 -37.84
CA PHE C 566 31.38 3.23 -38.87
C PHE C 566 32.60 4.10 -38.62
N VAL C 567 32.82 4.48 -37.36
CA VAL C 567 33.96 5.34 -37.02
C VAL C 567 35.27 4.65 -37.36
N LEU C 568 35.39 3.37 -36.97
CA LEU C 568 36.63 2.65 -37.25
C LEU C 568 36.80 2.41 -38.74
N GLY C 569 35.71 2.16 -39.47
CA GLY C 569 35.82 2.00 -40.90
C GLY C 569 36.32 3.27 -41.58
N VAL C 570 35.81 4.42 -41.15
CA VAL C 570 36.29 5.68 -41.70
C VAL C 570 37.74 5.91 -41.33
N PHE C 571 38.11 5.66 -40.08
CA PHE C 571 39.49 5.87 -39.66
C PHE C 571 40.45 4.85 -40.27
N VAL C 572 39.96 3.77 -40.85
CA VAL C 572 40.81 2.78 -41.48
C VAL C 572 40.93 3.01 -42.98
N ARG C 573 39.81 3.17 -43.68
CA ARG C 573 39.81 3.29 -45.12
C ARG C 573 39.90 4.74 -45.59
N HIS C 574 40.09 5.68 -44.67
CA HIS C 574 40.23 7.10 -45.01
C HIS C 574 41.31 7.75 -44.16
N ASN C 575 42.36 7.00 -43.81
CA ASN C 575 43.35 7.42 -42.82
C ASN C 575 44.54 8.15 -43.43
N ALA C 576 44.54 8.42 -44.73
CA ALA C 576 45.71 9.01 -45.36
C ALA C 576 46.03 10.39 -44.82
N THR C 577 45.03 11.11 -44.33
CA THR C 577 45.26 12.48 -43.88
C THR C 577 46.12 12.50 -42.61
N PRO C 578 46.91 13.55 -42.43
CA PRO C 578 47.71 13.67 -41.19
C PRO C 578 46.88 13.72 -39.93
N VAL C 579 45.61 14.13 -40.02
CA VAL C 579 44.74 14.18 -38.86
C VAL C 579 44.55 12.79 -38.28
N VAL C 580 44.66 11.75 -39.11
CA VAL C 580 44.55 10.37 -38.66
C VAL C 580 45.89 9.65 -38.77
N LYS C 581 46.56 9.76 -39.92
CA LYS C 581 47.80 9.01 -40.13
C LYS C 581 48.89 9.46 -39.16
N ALA C 582 49.04 10.77 -38.96
CA ALA C 582 50.04 11.29 -38.05
C ALA C 582 49.57 11.30 -36.60
N SER C 583 48.31 10.99 -36.34
CA SER C 583 47.78 10.90 -34.99
C SER C 583 46.92 9.65 -34.84
N GLY C 584 47.44 8.50 -35.26
CA GLY C 584 46.64 7.30 -35.26
C GLY C 584 47.35 6.03 -35.69
N ARG C 585 46.69 5.25 -36.56
CA ARG C 585 46.97 3.85 -36.85
C ARG C 585 46.60 3.02 -35.62
N GLU C 586 47.24 1.85 -35.45
CA GLU C 586 46.83 0.92 -34.40
C GLU C 586 46.82 1.59 -33.04
N LEU C 587 47.85 2.39 -32.75
CA LEU C 587 47.81 3.28 -31.60
C LEU C 587 46.77 4.37 -31.87
N CYS C 588 45.83 4.51 -30.95
CA CYS C 588 44.58 5.26 -31.02
C CYS C 588 43.51 4.50 -31.81
N TYR C 589 43.84 3.40 -32.48
CA TYR C 589 42.82 2.43 -32.84
C TYR C 589 42.47 1.56 -31.66
N ILE C 590 43.37 1.48 -30.69
CA ILE C 590 43.05 0.84 -29.41
C ILE C 590 41.82 1.49 -28.79
N LEU C 591 41.69 2.80 -28.94
CA LEU C 591 40.51 3.50 -28.46
C LEU C 591 39.24 2.91 -29.07
N LEU C 592 39.22 2.78 -30.40
CA LEU C 592 38.02 2.30 -31.07
C LEU C 592 37.75 0.84 -30.73
N GLY C 593 38.80 0.04 -30.60
CA GLY C 593 38.61 -1.34 -30.17
C GLY C 593 38.00 -1.43 -28.79
N GLY C 594 38.48 -0.60 -27.87
CA GLY C 594 37.90 -0.59 -26.53
C GLY C 594 36.46 -0.11 -26.53
N VAL C 595 36.15 0.88 -27.36
CA VAL C 595 34.76 1.36 -27.45
C VAL C 595 33.85 0.26 -27.99
N PHE C 596 34.32 -0.47 -29.00
CA PHE C 596 33.54 -1.58 -29.54
C PHE C 596 33.32 -2.66 -28.48
N LEU C 597 34.37 -2.98 -27.71
CA LEU C 597 34.22 -4.00 -26.67
C LEU C 597 33.25 -3.54 -25.58
N CYS C 598 33.34 -2.26 -25.20
CA CYS C 598 32.38 -1.71 -24.24
C CYS C 598 30.96 -1.83 -24.75
N TYR C 599 30.74 -1.47 -26.02
CA TYR C 599 29.40 -1.52 -26.57
C TYR C 599 28.87 -2.95 -26.63
N CYS C 600 29.73 -3.91 -26.97
CA CYS C 600 29.29 -5.30 -26.98
C CYS C 600 29.15 -5.88 -25.58
N MET C 601 29.70 -5.22 -24.56
CA MET C 601 29.50 -5.70 -23.20
C MET C 601 28.04 -5.65 -22.77
N THR C 602 27.26 -4.69 -23.27
CA THR C 602 25.84 -4.70 -22.95
C THR C 602 25.16 -5.92 -23.57
N PHE C 603 25.52 -6.27 -24.81
CA PHE C 603 25.05 -7.52 -25.40
C PHE C 603 25.43 -8.71 -24.53
N ILE C 604 26.66 -8.71 -24.02
CA ILE C 604 27.13 -9.82 -23.19
C ILE C 604 26.33 -9.90 -21.89
N PHE C 605 25.95 -8.74 -21.34
CA PHE C 605 25.40 -8.71 -19.99
C PHE C 605 24.00 -9.30 -19.93
N ILE C 606 23.14 -8.97 -20.90
CA ILE C 606 21.75 -9.43 -20.88
C ILE C 606 21.73 -10.77 -21.61
N ALA C 607 22.00 -11.83 -20.87
CA ALA C 607 21.97 -13.19 -21.39
C ALA C 607 21.86 -14.14 -20.20
N LYS C 608 21.84 -15.44 -20.50
CA LYS C 608 21.76 -16.48 -19.48
C LYS C 608 22.95 -16.41 -18.53
N PRO C 609 22.75 -16.03 -17.27
CA PRO C 609 23.88 -15.74 -16.38
C PRO C 609 24.43 -16.95 -15.64
N SER C 610 23.70 -18.07 -15.61
CA SER C 610 24.13 -19.22 -14.83
C SER C 610 25.43 -19.82 -15.35
N THR C 611 25.61 -19.82 -16.66
CA THR C 611 26.77 -20.45 -17.28
C THR C 611 27.99 -19.53 -17.17
N ALA C 612 29.03 -19.83 -17.95
CA ALA C 612 30.30 -19.10 -17.92
C ALA C 612 30.13 -17.63 -18.28
N VAL C 613 28.91 -17.20 -18.61
CA VAL C 613 28.66 -15.77 -18.84
C VAL C 613 29.04 -14.95 -17.61
N CYS C 614 29.01 -15.56 -16.42
CA CYS C 614 29.52 -14.87 -15.24
C CYS C 614 31.00 -14.55 -15.38
N THR C 615 31.79 -15.51 -15.89
CA THR C 615 33.21 -15.26 -16.12
C THR C 615 33.41 -14.16 -17.14
N LEU C 616 32.62 -14.18 -18.21
CA LEU C 616 32.71 -13.14 -19.21
C LEU C 616 32.39 -11.77 -18.63
N ARG C 617 31.36 -11.69 -17.79
CA ARG C 617 31.04 -10.43 -17.12
C ARG C 617 32.21 -9.96 -16.27
N ARG C 618 32.73 -10.85 -15.42
CA ARG C 618 33.78 -10.48 -14.49
C ARG C 618 35.04 -10.01 -15.21
N LEU C 619 35.41 -10.68 -16.29
CA LEU C 619 36.59 -10.25 -17.03
C LEU C 619 36.31 -8.97 -17.81
N GLY C 620 35.19 -8.93 -18.53
CA GLY C 620 34.98 -7.90 -19.52
C GLY C 620 34.54 -6.56 -18.98
N LEU C 621 33.68 -6.54 -17.96
CA LEU C 621 33.20 -5.25 -17.47
C LEU C 621 34.35 -4.44 -16.90
N GLY C 622 35.44 -5.10 -16.53
CA GLY C 622 36.68 -4.45 -16.18
C GLY C 622 37.56 -4.17 -17.38
N THR C 623 37.78 -5.17 -18.23
CA THR C 623 38.76 -5.03 -19.30
C THR C 623 38.31 -4.01 -20.35
N ALA C 624 37.01 -3.91 -20.60
CA ALA C 624 36.51 -2.96 -21.58
C ALA C 624 36.83 -1.52 -21.18
N PHE C 625 36.63 -1.18 -19.91
CA PHE C 625 37.03 0.13 -19.43
C PHE C 625 38.54 0.24 -19.37
N SER C 626 39.22 -0.86 -19.05
CA SER C 626 40.67 -0.82 -18.91
C SER C 626 41.32 -0.43 -20.24
N VAL C 627 40.82 -0.99 -21.35
CA VAL C 627 41.39 -0.67 -22.65
C VAL C 627 41.29 0.82 -22.94
N CYS C 628 40.08 1.37 -22.79
CA CYS C 628 39.85 2.77 -23.11
C CYS C 628 40.69 3.68 -22.24
N TYR C 629 40.62 3.50 -20.92
CA TYR C 629 41.30 4.44 -20.03
C TYR C 629 42.81 4.23 -20.06
N SER C 630 43.29 3.01 -20.34
CA SER C 630 44.72 2.79 -20.47
C SER C 630 45.27 3.46 -21.72
N ALA C 631 44.54 3.36 -22.84
CA ALA C 631 44.99 4.05 -24.05
C ALA C 631 44.93 5.56 -23.87
N LEU C 632 43.90 6.06 -23.17
CA LEU C 632 43.84 7.49 -22.89
C LEU C 632 45.00 7.93 -22.00
N LEU C 633 45.35 7.12 -21.00
CA LEU C 633 46.51 7.42 -20.17
C LEU C 633 47.80 7.40 -20.98
N THR C 634 47.91 6.48 -21.93
CA THR C 634 49.08 6.49 -22.81
C THR C 634 49.15 7.78 -23.62
N LYS C 635 48.02 8.21 -24.17
CA LYS C 635 47.98 9.47 -24.92
C LYS C 635 48.41 10.64 -24.06
N THR C 636 47.83 10.76 -22.87
CA THR C 636 48.14 11.90 -22.03
C THR C 636 49.56 11.83 -21.46
N ASN C 637 50.07 10.62 -21.23
CA ASN C 637 51.47 10.47 -20.83
C ASN C 637 52.39 10.98 -21.92
N ARG C 638 52.11 10.60 -23.17
CA ARG C 638 52.93 11.09 -24.29
C ARG C 638 52.87 12.60 -24.37
N ILE C 639 51.67 13.16 -24.34
CA ILE C 639 51.54 14.61 -24.46
C ILE C 639 52.25 15.33 -23.32
N ALA C 640 52.21 14.74 -22.12
CA ALA C 640 52.95 15.30 -20.99
C ALA C 640 54.46 15.23 -21.21
N ARG C 641 54.94 14.12 -21.78
CA ARG C 641 56.37 14.02 -22.08
C ARG C 641 56.81 15.11 -23.05
N ILE C 642 56.02 15.35 -24.11
CA ILE C 642 56.31 16.45 -25.02
C ILE C 642 55.90 17.80 -24.44
N PHE C 643 54.96 17.84 -23.50
CA PHE C 643 54.53 19.08 -22.84
C PHE C 643 55.79 19.82 -22.39
N PHE C 655 60.50 5.98 -22.79
CA PHE C 655 60.67 6.57 -24.12
C PHE C 655 59.35 6.53 -24.90
N ILE C 656 59.25 7.35 -25.94
CA ILE C 656 58.05 7.44 -26.76
C ILE C 656 58.36 6.90 -28.15
N SER C 657 57.67 5.84 -28.52
CA SER C 657 57.74 5.26 -29.86
C SER C 657 56.50 4.42 -30.08
N PRO C 658 56.13 4.18 -31.35
CA PRO C 658 54.88 3.42 -31.60
C PRO C 658 54.84 2.08 -30.90
N ALA C 659 55.88 1.27 -31.05
CA ALA C 659 55.94 0.01 -30.32
C ALA C 659 55.99 0.24 -28.82
N SER C 660 56.63 1.32 -28.38
CA SER C 660 56.67 1.60 -26.94
C SER C 660 55.30 2.05 -26.42
N GLN C 661 54.56 2.81 -27.23
CA GLN C 661 53.19 3.16 -26.85
C GLN C 661 52.33 1.92 -26.76
N VAL C 662 52.47 1.00 -27.73
CA VAL C 662 51.76 -0.27 -27.67
C VAL C 662 52.15 -1.03 -26.40
N ALA C 663 53.43 -1.00 -26.03
CA ALA C 663 53.88 -1.70 -24.83
C ALA C 663 53.29 -1.07 -23.57
N ILE C 664 53.19 0.26 -23.53
CA ILE C 664 52.58 0.93 -22.39
C ILE C 664 51.12 0.51 -22.26
N CYS C 665 50.39 0.53 -23.37
CA CYS C 665 49.00 0.09 -23.34
C CYS C 665 48.88 -1.35 -22.90
N LEU C 666 49.78 -2.21 -23.40
CA LEU C 666 49.73 -3.63 -23.07
C LEU C 666 50.02 -3.87 -21.60
N ALA C 667 50.95 -3.11 -21.02
CA ALA C 667 51.26 -3.28 -19.61
C ALA C 667 50.11 -2.79 -18.73
N LEU C 668 49.51 -1.65 -19.10
CA LEU C 668 48.34 -1.18 -18.35
C LEU C 668 47.19 -2.16 -18.45
N ILE C 669 47.05 -2.83 -19.59
CA ILE C 669 46.02 -3.86 -19.75
C ILE C 669 46.36 -5.09 -18.92
N SER C 670 47.63 -5.49 -18.93
CA SER C 670 48.06 -6.67 -18.17
C SER C 670 47.85 -6.47 -16.68
N GLY C 671 47.95 -5.23 -16.19
CA GLY C 671 47.63 -4.98 -14.79
C GLY C 671 46.20 -5.37 -14.45
N GLN C 672 45.24 -4.91 -15.26
CA GLN C 672 43.85 -5.25 -15.04
C GLN C 672 43.59 -6.73 -15.26
N LEU C 673 44.29 -7.32 -16.23
CA LEU C 673 44.14 -8.75 -16.46
C LEU C 673 44.61 -9.55 -15.26
N LEU C 674 45.73 -9.14 -14.66
CA LEU C 674 46.22 -9.84 -13.48
C LEU C 674 45.29 -9.65 -12.30
N ILE C 675 44.73 -8.44 -12.13
CA ILE C 675 43.83 -8.23 -11.00
C ILE C 675 42.55 -9.05 -11.17
N VAL C 676 42.01 -9.13 -12.39
CA VAL C 676 40.81 -9.92 -12.58
C VAL C 676 41.11 -11.41 -12.46
N VAL C 677 42.33 -11.83 -12.86
CA VAL C 677 42.72 -13.22 -12.64
C VAL C 677 42.80 -13.53 -11.15
N ALA C 678 43.36 -12.61 -10.37
CA ALA C 678 43.40 -12.81 -8.93
C ALA C 678 42.00 -12.89 -8.34
N TRP C 679 41.08 -12.04 -8.83
CA TRP C 679 39.70 -12.13 -8.36
C TRP C 679 39.07 -13.47 -8.71
N LEU C 680 39.29 -13.94 -9.93
CA LEU C 680 38.76 -15.25 -10.31
C LEU C 680 39.39 -16.38 -9.49
N VAL C 681 40.62 -16.15 -9.00
CA VAL C 681 41.22 -17.09 -8.06
C VAL C 681 40.48 -17.04 -6.72
N VAL C 682 40.14 -15.83 -6.26
CA VAL C 682 39.45 -15.70 -4.98
C VAL C 682 38.06 -16.33 -5.04
N GLU C 683 37.32 -16.06 -6.11
CA GLU C 683 35.93 -16.49 -6.22
C GLU C 683 35.74 -17.28 -7.52
N ALA C 684 35.24 -18.50 -7.41
CA ALA C 684 34.94 -19.29 -8.59
C ALA C 684 33.74 -18.68 -9.31
N PRO C 685 33.72 -18.70 -10.65
CA PRO C 685 32.61 -18.11 -11.39
C PRO C 685 31.51 -19.12 -11.73
N GLY C 686 30.27 -18.65 -11.64
CA GLY C 686 29.13 -19.47 -11.98
C GLY C 686 28.20 -19.76 -10.82
N THR C 687 27.41 -20.83 -10.95
CA THR C 687 26.47 -21.28 -9.91
C THR C 687 25.54 -20.15 -9.48
N GLY C 688 25.01 -19.42 -10.47
CA GLY C 688 24.20 -18.27 -10.15
C GLY C 688 22.73 -18.56 -9.93
N LYS C 689 22.31 -18.58 -8.67
CA LYS C 689 20.90 -18.68 -8.30
C LYS C 689 20.70 -18.34 -6.83
N GLU C 690 19.52 -17.80 -6.55
CA GLU C 690 19.20 -17.47 -5.18
C GLU C 690 17.89 -16.80 -4.93
N THR C 691 17.38 -17.01 -3.73
CA THR C 691 16.13 -16.42 -3.31
C THR C 691 16.30 -15.94 -1.86
N ALA C 692 15.23 -15.90 -1.09
CA ALA C 692 15.32 -15.39 0.26
C ALA C 692 14.19 -15.91 1.15
N PRO C 693 14.34 -15.77 2.50
CA PRO C 693 13.27 -16.17 3.39
C PRO C 693 12.02 -15.67 2.83
N GLU C 694 11.95 -14.37 2.62
CA GLU C 694 10.80 -13.84 1.95
C GLU C 694 10.50 -14.60 0.64
N ARG C 695 9.37 -15.32 0.55
CA ARG C 695 8.93 -16.03 -0.70
C ARG C 695 9.56 -17.36 -1.04
N ARG C 696 9.02 -18.01 -2.03
CA ARG C 696 9.57 -19.28 -2.51
C ARG C 696 8.85 -19.11 -3.78
N GLU C 697 8.38 -17.93 -3.99
CA GLU C 697 7.56 -17.52 -5.12
C GLU C 697 8.29 -16.50 -5.99
N VAL C 698 9.51 -16.15 -5.62
CA VAL C 698 10.30 -15.23 -6.43
C VAL C 698 11.75 -15.69 -6.45
N VAL C 699 12.21 -16.16 -7.60
CA VAL C 699 13.57 -16.69 -7.69
C VAL C 699 14.35 -16.08 -8.84
N THR C 700 15.65 -15.81 -8.65
CA THR C 700 16.43 -15.35 -9.78
C THR C 700 17.76 -16.05 -9.98
N LEU C 701 18.37 -15.92 -11.16
CA LEU C 701 19.67 -16.51 -11.48
C LEU C 701 20.81 -15.51 -11.28
N ARG C 702 20.71 -14.63 -10.29
CA ARG C 702 21.77 -13.66 -10.05
C ARG C 702 23.10 -14.38 -9.81
N CYS C 703 24.16 -13.82 -10.38
CA CYS C 703 25.47 -14.47 -10.33
C CYS C 703 25.93 -14.64 -8.89
N ASN C 704 26.61 -15.76 -8.63
CA ASN C 704 26.97 -16.12 -7.26
C ASN C 704 28.18 -15.38 -6.75
N HIS C 705 28.84 -14.56 -7.55
CA HIS C 705 29.93 -13.74 -7.04
C HIS C 705 29.39 -12.77 -6.00
N ARG C 706 30.17 -12.58 -4.93
CA ARG C 706 29.69 -11.82 -3.78
C ARG C 706 29.34 -10.40 -4.17
N ASP C 707 28.26 -9.89 -3.59
CA ASP C 707 27.70 -8.60 -3.99
C ASP C 707 28.70 -7.48 -3.74
N ALA C 708 28.77 -6.54 -4.68
CA ALA C 708 29.62 -5.36 -4.59
C ALA C 708 31.12 -5.70 -4.55
N SER C 709 31.49 -6.91 -4.96
CA SER C 709 32.90 -7.30 -4.96
C SER C 709 33.60 -6.79 -6.22
N MET C 710 32.88 -6.72 -7.33
CA MET C 710 33.46 -6.34 -8.61
C MET C 710 33.90 -4.87 -8.62
N LEU C 711 33.40 -4.07 -7.68
CA LEU C 711 33.95 -2.74 -7.52
C LEU C 711 35.44 -2.79 -7.26
N GLY C 712 35.92 -3.83 -6.58
CA GLY C 712 37.36 -4.01 -6.44
C GLY C 712 38.06 -4.12 -7.77
N SER C 713 37.50 -4.91 -8.70
CA SER C 713 38.06 -4.98 -10.04
C SER C 713 38.01 -3.62 -10.74
N LEU C 714 37.02 -2.80 -10.42
CA LEU C 714 36.93 -1.46 -11.00
C LEU C 714 37.86 -0.46 -10.33
N ALA C 715 38.38 -0.79 -9.15
CA ALA C 715 39.26 0.13 -8.44
C ALA C 715 40.45 0.54 -9.30
N TYR C 716 41.08 -0.44 -9.95
CA TYR C 716 42.18 -0.14 -10.86
C TYR C 716 41.75 0.86 -11.94
N ASN C 717 40.58 0.63 -12.55
CA ASN C 717 40.05 1.57 -13.53
C ASN C 717 39.94 2.96 -12.93
N VAL C 718 39.41 3.05 -11.71
CA VAL C 718 39.29 4.33 -11.03
C VAL C 718 40.66 5.00 -10.92
N LEU C 719 41.68 4.22 -10.52
CA LEU C 719 43.03 4.76 -10.42
C LEU C 719 43.50 5.30 -11.77
N LEU C 720 43.20 4.54 -12.84
CA LEU C 720 43.51 4.99 -14.20
C LEU C 720 42.92 6.36 -14.46
N ILE C 721 41.64 6.53 -14.15
CA ILE C 721 40.99 7.84 -14.30
C ILE C 721 41.69 8.89 -13.44
N ALA C 722 41.98 8.54 -12.19
CA ALA C 722 42.63 9.46 -11.25
C ALA C 722 43.99 9.93 -11.73
N LEU C 723 44.63 9.18 -12.62
CA LEU C 723 45.86 9.65 -13.24
C LEU C 723 45.57 10.42 -14.53
N CYS C 724 44.67 9.88 -15.35
CA CYS C 724 44.47 10.41 -16.70
C CYS C 724 43.86 11.80 -16.64
N THR C 725 42.98 12.05 -15.67
CA THR C 725 42.48 13.41 -15.46
C THR C 725 43.64 14.34 -15.09
N LEU C 726 44.48 13.91 -14.16
CA LEU C 726 45.54 14.78 -13.66
C LEU C 726 46.43 15.23 -14.81
N TYR C 727 46.93 14.26 -15.58
CA TYR C 727 47.75 14.63 -16.72
C TYR C 727 46.97 15.40 -17.78
N ALA C 728 45.69 15.08 -18.01
CA ALA C 728 44.89 15.87 -18.93
C ALA C 728 44.76 17.32 -18.47
N PHE C 729 44.87 17.54 -17.17
CA PHE C 729 44.98 18.90 -16.64
C PHE C 729 46.31 19.50 -17.02
N LYS C 730 47.40 18.80 -16.68
CA LYS C 730 48.73 19.38 -16.85
C LYS C 730 49.06 19.68 -18.31
N THR C 731 48.43 18.97 -19.26
CA THR C 731 48.70 19.13 -20.68
C THR C 731 47.68 20.01 -21.40
N ARG C 732 46.88 20.78 -20.68
CA ARG C 732 45.86 21.59 -21.35
C ARG C 732 46.41 22.73 -22.20
N LYS C 733 47.68 23.11 -22.05
CA LYS C 733 48.17 24.30 -22.73
C LYS C 733 48.76 24.03 -24.10
N CYS C 734 48.97 22.76 -24.46
CA CYS C 734 49.75 22.41 -25.65
C CYS C 734 48.81 22.13 -26.82
N PRO C 735 48.81 22.97 -27.86
CA PRO C 735 48.03 22.69 -29.07
C PRO C 735 48.73 21.71 -29.99
N GLU C 736 48.23 20.50 -30.06
CA GLU C 736 48.71 19.49 -31.00
C GLU C 736 47.90 19.60 -32.29
N ASN C 737 47.94 18.58 -33.13
CA ASN C 737 47.14 18.55 -34.35
C ASN C 737 45.67 18.79 -34.06
N PHE C 738 45.14 19.93 -34.52
CA PHE C 738 43.78 20.37 -34.19
C PHE C 738 43.61 20.44 -32.67
N ASN C 739 44.68 20.82 -31.97
CA ASN C 739 44.65 21.00 -30.52
C ASN C 739 43.91 19.88 -29.81
N GLU C 740 44.26 18.64 -30.18
CA GLU C 740 43.67 17.49 -29.52
C GLU C 740 44.27 17.33 -28.12
N ALA C 741 43.91 18.25 -27.22
CA ALA C 741 44.28 18.17 -25.82
C ALA C 741 43.03 18.54 -25.04
N LYS C 742 42.49 19.73 -25.33
CA LYS C 742 41.25 20.19 -24.72
C LYS C 742 40.19 19.09 -24.78
N PHE C 743 40.16 18.37 -25.91
CA PHE C 743 39.19 17.28 -26.07
C PHE C 743 39.48 16.14 -25.10
N ILE C 744 40.75 15.80 -24.90
CA ILE C 744 41.10 14.74 -23.95
C ILE C 744 40.71 15.14 -22.54
N GLY C 745 40.99 16.40 -22.17
CA GLY C 745 40.56 16.88 -20.87
C GLY C 745 39.04 16.83 -20.69
N PHE C 746 38.31 17.23 -21.74
CA PHE C 746 36.86 17.18 -21.71
C PHE C 746 36.38 15.75 -21.50
N THR C 747 36.97 14.81 -22.24
CA THR C 747 36.61 13.41 -22.12
C THR C 747 36.88 12.89 -20.71
N MET C 748 38.03 13.25 -20.14
CA MET C 748 38.38 12.76 -18.82
C MET C 748 37.43 13.33 -17.77
N TYR C 749 37.10 14.62 -17.86
CA TYR C 749 36.16 15.21 -16.92
C TYR C 749 34.79 14.54 -17.03
N THR C 750 34.31 14.31 -18.25
CA THR C 750 33.00 13.68 -18.41
C THR C 750 33.00 12.25 -17.88
N THR C 751 34.07 11.49 -18.15
CA THR C 751 34.14 10.13 -17.65
C THR C 751 34.21 10.09 -16.13
N CYS C 752 34.96 11.02 -15.53
CA CYS C 752 35.00 11.09 -14.07
C CYS C 752 33.65 11.45 -13.50
N ILE C 753 32.92 12.37 -14.14
CA ILE C 753 31.58 12.72 -13.71
C ILE C 753 30.66 11.50 -13.76
N ILE C 754 30.76 10.73 -14.84
CA ILE C 754 29.94 9.52 -14.95
C ILE C 754 30.29 8.54 -13.83
N TRP C 755 31.59 8.31 -13.60
CA TRP C 755 32.01 7.32 -12.63
C TRP C 755 31.57 7.69 -11.22
N LEU C 756 31.75 8.96 -10.84
CA LEU C 756 31.49 9.39 -9.47
C LEU C 756 30.06 9.14 -9.04
N ALA C 757 29.12 9.16 -9.98
CA ALA C 757 27.75 8.84 -9.68
C ALA C 757 27.43 7.38 -9.95
N PHE C 758 28.08 6.78 -10.95
CA PHE C 758 27.77 5.41 -11.34
C PHE C 758 28.12 4.43 -10.24
N LEU C 759 29.27 4.62 -9.58
CA LEU C 759 29.66 3.68 -8.53
C LEU C 759 28.69 3.65 -7.37
N PRO C 760 28.35 4.77 -6.72
CA PRO C 760 27.33 4.71 -5.65
C PRO C 760 25.98 4.25 -6.15
N ILE C 761 25.64 4.56 -7.39
CA ILE C 761 24.34 4.14 -7.94
C ILE C 761 24.27 2.62 -7.96
N PHE C 762 25.32 1.98 -8.49
CA PHE C 762 25.40 0.52 -8.45
C PHE C 762 25.31 0.02 -7.01
N TYR C 763 26.09 0.62 -6.11
CA TYR C 763 26.17 0.07 -4.77
C TYR C 763 24.82 0.12 -4.08
N VAL C 764 24.08 1.21 -4.26
CA VAL C 764 22.75 1.33 -3.66
C VAL C 764 21.75 0.40 -4.34
N THR C 765 21.76 0.39 -5.68
CA THR C 765 20.77 -0.40 -6.43
C THR C 765 21.05 -1.90 -6.37
N SER C 766 22.18 -2.34 -5.81
CA SER C 766 22.47 -3.76 -5.72
C SER C 766 21.35 -4.56 -5.06
N SER C 767 20.47 -3.90 -4.29
CA SER C 767 19.34 -4.60 -3.69
C SER C 767 18.41 -5.19 -4.76
N ASP C 768 18.24 -4.49 -5.88
CA ASP C 768 17.38 -4.94 -6.96
C ASP C 768 18.21 -5.26 -8.19
N TYR C 769 18.05 -6.48 -8.71
CA TYR C 769 18.88 -6.93 -9.82
C TYR C 769 18.52 -6.20 -11.11
N ARG C 770 17.24 -5.92 -11.33
CA ARG C 770 16.80 -5.35 -12.60
C ARG C 770 17.42 -3.98 -12.82
N VAL C 771 17.26 -3.09 -11.84
CA VAL C 771 17.78 -1.73 -11.98
C VAL C 771 19.29 -1.75 -11.99
N GLN C 772 19.92 -2.65 -11.24
CA GLN C 772 21.37 -2.74 -11.23
C GLN C 772 21.91 -3.12 -12.61
N THR C 773 21.30 -4.12 -13.25
CA THR C 773 21.76 -4.54 -14.58
C THR C 773 21.48 -3.47 -15.61
N THR C 774 20.31 -2.83 -15.55
CA THR C 774 20.02 -1.75 -16.49
C THR C 774 21.00 -0.61 -16.32
N THR C 775 21.35 -0.28 -15.07
CA THR C 775 22.34 0.74 -14.81
C THR C 775 23.71 0.35 -15.34
N MET C 776 24.09 -0.92 -15.18
CA MET C 776 25.35 -1.39 -15.74
C MET C 776 25.40 -1.13 -17.24
N CYS C 777 24.37 -1.59 -17.96
CA CYS C 777 24.37 -1.44 -19.41
C CYS C 777 24.37 0.04 -19.81
N VAL C 778 23.54 0.84 -19.15
CA VAL C 778 23.43 2.26 -19.52
C VAL C 778 24.74 2.98 -19.24
N SER C 779 25.38 2.68 -18.11
CA SER C 779 26.65 3.35 -17.79
C SER C 779 27.75 2.95 -18.76
N VAL C 780 27.84 1.67 -19.13
CA VAL C 780 28.86 1.25 -20.08
C VAL C 780 28.63 1.94 -21.43
N SER C 781 27.37 1.95 -21.89
CA SER C 781 27.06 2.60 -23.16
C SER C 781 27.36 4.09 -23.11
N LEU C 782 27.04 4.74 -21.97
CA LEU C 782 27.30 6.17 -21.84
C LEU C 782 28.79 6.47 -21.85
N SER C 783 29.59 5.64 -21.18
CA SER C 783 31.02 5.85 -21.18
C SER C 783 31.60 5.70 -22.59
N GLY C 784 31.17 4.65 -23.31
CA GLY C 784 31.63 4.49 -24.68
C GLY C 784 31.22 5.65 -25.57
N SER C 785 29.96 6.09 -25.45
CA SER C 785 29.47 7.18 -26.28
C SER C 785 30.20 8.48 -25.98
N VAL C 786 30.46 8.76 -24.70
CA VAL C 786 31.13 10.02 -24.37
C VAL C 786 32.58 9.98 -24.82
N VAL C 787 33.25 8.83 -24.68
CA VAL C 787 34.62 8.71 -25.19
C VAL C 787 34.65 8.99 -26.68
N LEU C 788 33.77 8.33 -27.43
CA LEU C 788 33.73 8.53 -28.88
C LEU C 788 33.44 9.98 -29.23
N GLY C 789 32.30 10.50 -28.80
CA GLY C 789 31.85 11.83 -29.17
C GLY C 789 32.60 12.96 -28.52
N CYS C 790 33.58 12.66 -27.66
CA CYS C 790 34.45 13.70 -27.11
C CYS C 790 35.87 13.63 -27.64
N LEU C 791 36.32 12.47 -28.13
CA LEU C 791 37.67 12.37 -28.67
C LEU C 791 37.70 12.30 -30.18
N PHE C 792 36.94 11.39 -30.79
CA PHE C 792 37.00 11.20 -32.24
C PHE C 792 36.02 12.09 -33.01
N ALA C 793 35.05 12.68 -32.32
CA ALA C 793 34.11 13.58 -33.00
C ALA C 793 34.80 14.76 -33.67
N PRO C 794 35.74 15.48 -33.04
CA PRO C 794 36.43 16.54 -33.79
C PRO C 794 37.26 16.03 -34.95
N LYS C 795 37.99 14.94 -34.76
CA LYS C 795 38.79 14.39 -35.85
C LYS C 795 37.88 13.88 -36.98
N LEU C 796 36.77 13.24 -36.63
CA LEU C 796 35.84 12.77 -37.66
C LEU C 796 35.24 13.93 -38.42
N HIS C 797 34.89 15.01 -37.71
CA HIS C 797 34.40 16.22 -38.38
C HIS C 797 35.45 16.78 -39.33
N ILE C 798 36.71 16.81 -38.90
CA ILE C 798 37.78 17.35 -39.73
C ILE C 798 37.93 16.51 -41.00
N ILE C 799 37.93 15.18 -40.84
CA ILE C 799 38.22 14.32 -41.98
C ILE C 799 37.02 14.05 -42.87
N LEU C 800 35.80 14.42 -42.45
CA LEU C 800 34.65 14.31 -43.34
C LEU C 800 34.23 15.65 -43.92
N PHE C 801 33.95 16.64 -43.07
CA PHE C 801 33.41 17.91 -43.54
C PHE C 801 34.48 18.91 -43.96
N GLN C 802 35.75 18.62 -43.71
CA GLN C 802 36.87 19.41 -44.24
C GLN C 802 37.92 18.48 -44.85
N PRO C 803 37.59 17.81 -45.95
CA PRO C 803 38.52 16.80 -46.50
C PRO C 803 39.83 17.39 -46.96
N GLN C 804 39.88 18.69 -47.26
CA GLN C 804 41.11 19.31 -47.75
C GLN C 804 42.22 19.31 -46.72
N LYS C 805 41.90 19.20 -45.43
CA LYS C 805 42.90 19.17 -44.38
C LYS C 805 43.64 17.84 -44.35
N SER D 6 -18.94 62.37 -42.03
CA SER D 6 -17.58 61.99 -42.41
C SER D 6 -17.60 60.71 -43.24
N ALA D 7 -18.57 60.60 -44.14
CA ALA D 7 -18.68 59.41 -44.96
C ALA D 7 -17.53 59.28 -45.95
N GLU D 8 -17.03 60.39 -46.46
CA GLU D 8 -15.90 60.37 -47.37
C GLU D 8 -14.56 60.39 -46.65
N ASP D 9 -14.51 60.98 -45.46
CA ASP D 9 -13.26 61.05 -44.71
C ASP D 9 -12.77 59.68 -44.25
N LYS D 10 -13.64 58.67 -44.23
CA LYS D 10 -13.17 57.32 -43.99
C LYS D 10 -12.19 56.88 -45.07
N ALA D 11 -12.46 57.25 -46.32
CA ALA D 11 -11.50 56.98 -47.39
C ALA D 11 -10.21 57.77 -47.18
N ALA D 12 -10.31 58.98 -46.62
CA ALA D 12 -9.10 59.74 -46.30
C ALA D 12 -8.28 59.02 -45.25
N VAL D 13 -8.93 58.47 -44.23
CA VAL D 13 -8.23 57.67 -43.24
C VAL D 13 -7.62 56.42 -43.87
N GLU D 14 -8.32 55.84 -44.84
CA GLU D 14 -7.76 54.69 -45.56
C GLU D 14 -6.48 55.07 -46.29
N ARG D 15 -6.49 56.21 -46.98
CA ARG D 15 -5.28 56.70 -47.63
C ARG D 15 -4.17 56.93 -46.62
N SER D 16 -4.51 57.52 -45.47
CA SER D 16 -3.51 57.78 -44.45
C SER D 16 -2.90 56.48 -43.93
N LYS D 17 -3.73 55.45 -43.71
CA LYS D 17 -3.20 54.18 -43.22
C LYS D 17 -2.34 53.50 -44.27
N MET D 18 -2.74 53.54 -45.54
CA MET D 18 -1.91 52.95 -46.58
C MET D 18 -0.57 53.67 -46.69
N ILE D 19 -0.59 55.00 -46.61
CA ILE D 19 0.66 55.76 -46.68
C ILE D 19 1.53 55.47 -45.47
N ASP D 20 0.92 55.33 -44.30
CA ASP D 20 1.69 54.98 -43.10
C ASP D 20 2.31 53.59 -43.23
N ARG D 21 1.57 52.64 -43.78
CA ARG D 21 2.12 51.31 -44.01
C ARG D 21 3.32 51.35 -44.94
N ASN D 22 3.18 52.05 -46.06
CA ASN D 22 4.31 52.18 -46.99
C ASN D 22 5.48 52.88 -46.32
N LEU D 23 5.19 53.91 -45.53
CA LEU D 23 6.23 54.63 -44.79
C LEU D 23 7.00 53.69 -43.89
N ARG D 24 6.28 52.87 -43.12
CA ARG D 24 6.94 51.97 -42.17
C ARG D 24 7.76 50.91 -42.90
N GLU D 25 7.22 50.34 -43.98
CA GLU D 25 7.98 49.34 -44.72
C GLU D 25 9.25 49.93 -45.31
N ASP D 26 9.16 51.10 -45.94
CA ASP D 26 10.35 51.71 -46.52
C ASP D 26 11.33 52.14 -45.43
N GLY D 27 10.82 52.60 -44.29
CA GLY D 27 11.69 53.00 -43.20
C GLY D 27 12.46 51.84 -42.61
N GLU D 28 11.78 50.70 -42.42
CA GLU D 28 12.49 49.52 -41.92
C GLU D 28 13.46 48.99 -42.98
N LYS D 29 13.11 49.10 -44.26
CA LYS D 29 14.04 48.69 -45.32
C LYS D 29 15.29 49.54 -45.30
N ALA D 30 15.14 50.85 -45.09
CA ALA D 30 16.31 51.72 -45.03
C ALA D 30 17.10 51.52 -43.74
N ALA D 31 16.42 51.32 -42.62
CA ALA D 31 17.14 51.06 -41.37
C ALA D 31 17.77 49.67 -41.37
N LYS D 32 17.41 48.82 -42.32
CA LYS D 32 18.09 47.54 -42.48
C LYS D 32 19.51 47.75 -42.97
N GLU D 33 19.70 48.71 -43.88
CA GLU D 33 20.93 48.98 -44.60
C GLU D 33 21.90 49.80 -43.75
N VAL D 34 23.16 49.77 -44.16
CA VAL D 34 24.24 50.47 -43.46
C VAL D 34 24.69 51.66 -44.30
N LYS D 35 24.90 52.79 -43.63
CA LYS D 35 25.28 54.04 -44.26
C LYS D 35 26.73 54.35 -43.93
N LEU D 36 27.55 54.54 -44.98
CA LEU D 36 28.99 54.75 -44.83
C LEU D 36 29.34 56.09 -45.44
N LEU D 37 29.88 56.99 -44.62
CA LEU D 37 30.47 58.22 -45.13
C LEU D 37 31.77 57.94 -45.86
N LEU D 38 32.10 58.81 -46.82
CA LEU D 38 33.38 58.78 -47.51
C LEU D 38 33.94 60.19 -47.61
N LEU D 39 35.15 60.40 -47.08
CA LEU D 39 35.72 61.74 -47.05
C LEU D 39 37.23 61.64 -47.01
N GLY D 40 37.88 62.74 -47.38
CA GLY D 40 39.32 62.80 -47.42
C GLY D 40 39.78 64.00 -48.20
N ALA D 41 41.11 64.18 -48.21
CA ALA D 41 41.71 65.24 -49.01
C ALA D 41 41.48 65.02 -50.50
N GLY D 42 41.66 66.10 -51.25
CA GLY D 42 41.64 66.00 -52.70
C GLY D 42 42.77 65.14 -53.23
N GLU D 43 42.46 64.31 -54.22
CA GLU D 43 43.40 63.33 -54.78
C GLU D 43 43.91 62.33 -53.75
N SER D 44 43.15 62.12 -52.68
CA SER D 44 43.51 61.10 -51.69
C SER D 44 43.41 59.68 -52.24
N GLY D 45 43.07 59.50 -53.51
CA GLY D 45 42.84 58.18 -54.06
C GLY D 45 41.51 57.57 -53.73
N LYS D 46 40.53 58.37 -53.31
CA LYS D 46 39.19 57.86 -53.06
C LYS D 46 38.55 57.28 -54.31
N ASN D 47 38.98 57.72 -55.49
CA ASN D 47 38.41 57.19 -56.73
C ASN D 47 38.70 55.70 -56.88
N THR D 48 39.95 55.30 -56.62
CA THR D 48 40.31 53.88 -56.72
C THR D 48 39.53 53.06 -55.71
N ILE D 49 39.42 53.56 -54.48
CA ILE D 49 38.71 52.85 -53.43
C ILE D 49 37.24 52.66 -53.82
N VAL D 50 36.59 53.75 -54.25
CA VAL D 50 35.18 53.69 -54.58
C VAL D 50 34.97 52.80 -55.79
N LYS D 51 35.93 52.80 -56.72
CA LYS D 51 35.85 51.90 -57.86
C LYS D 51 35.92 50.44 -57.41
N GLN D 52 36.83 50.12 -56.48
CA GLN D 52 36.90 48.74 -56.01
C GLN D 52 35.60 48.29 -55.36
N MET D 53 35.02 49.10 -54.46
CA MET D 53 33.77 48.62 -53.83
C MET D 53 32.61 48.60 -54.83
N LYS D 54 32.56 49.53 -55.78
CA LYS D 54 31.48 49.49 -56.75
C LYS D 54 31.61 48.29 -57.69
N ILE D 55 32.84 47.90 -58.02
CA ILE D 55 33.04 46.71 -58.86
C ILE D 55 32.47 45.48 -58.15
N ILE D 56 32.72 45.37 -56.84
CA ILE D 56 32.08 44.35 -56.02
C ILE D 56 30.75 44.86 -55.51
N GLY D 183 26.93 67.18 -56.72
CA GLY D 183 26.53 67.06 -55.34
C GLY D 183 26.98 65.75 -54.70
N ILE D 184 26.25 65.33 -53.68
CA ILE D 184 26.58 64.07 -53.02
C ILE D 184 26.47 62.93 -54.01
N VAL D 185 27.49 62.09 -54.07
CA VAL D 185 27.50 60.93 -54.95
C VAL D 185 27.20 59.71 -54.09
N GLU D 186 26.05 59.09 -54.33
CA GLU D 186 25.66 57.88 -53.60
C GLU D 186 26.00 56.66 -54.43
N THR D 187 26.70 55.71 -53.83
CA THR D 187 27.07 54.49 -54.53
C THR D 187 26.56 53.29 -53.73
N HIS D 188 25.91 52.37 -54.43
CA HIS D 188 25.29 51.20 -53.81
C HIS D 188 26.12 49.96 -54.14
N PHE D 189 26.46 49.18 -53.12
CA PHE D 189 27.07 47.89 -53.36
C PHE D 189 26.62 46.91 -52.27
N THR D 190 26.72 45.63 -52.59
CA THR D 190 26.39 44.55 -51.67
C THR D 190 27.60 43.63 -51.53
N PHE D 191 27.85 43.13 -50.30
CA PHE D 191 28.89 42.12 -50.00
C PHE D 191 28.32 41.08 -49.01
N LYS D 192 27.63 40.03 -49.47
CA LYS D 192 26.98 39.01 -48.64
C LYS D 192 25.82 39.59 -47.83
N ASP D 193 24.81 40.07 -48.55
CA ASP D 193 23.70 40.85 -48.00
C ASP D 193 24.23 42.11 -47.32
N LEU D 194 23.49 42.61 -46.34
CA LEU D 194 23.90 43.73 -45.48
C LEU D 194 24.20 44.95 -46.38
N TYR D 195 23.33 45.12 -47.37
CA TYR D 195 23.43 46.06 -48.48
C TYR D 195 23.94 47.43 -48.05
N PHE D 196 25.01 47.89 -48.70
CA PHE D 196 25.73 49.10 -48.35
C PHE D 196 25.31 50.27 -49.23
N LYS D 197 25.09 51.43 -48.62
CA LYS D 197 24.97 52.68 -49.37
C LYS D 197 26.11 53.58 -48.94
N MET D 198 26.91 54.03 -49.92
CA MET D 198 28.11 54.81 -49.68
C MET D 198 27.93 56.22 -50.22
N PHE D 199 28.31 57.22 -49.43
CA PHE D 199 28.08 58.63 -49.75
C PHE D 199 29.43 59.32 -49.97
N ASP D 200 29.69 59.73 -51.21
CA ASP D 200 30.92 60.44 -51.57
C ASP D 200 30.67 61.93 -51.41
N VAL D 201 31.38 62.56 -50.48
CA VAL D 201 31.10 63.94 -50.12
C VAL D 201 32.14 64.94 -50.63
N GLY D 202 33.31 64.48 -51.09
CA GLY D 202 34.34 65.42 -51.50
C GLY D 202 33.86 66.51 -52.43
N ALA D 203 32.78 66.25 -53.16
CA ALA D 203 32.24 67.20 -54.14
C ALA D 203 31.81 68.54 -53.55
N GLN D 204 31.68 68.68 -52.22
CA GLN D 204 31.15 69.92 -51.64
C GLN D 204 32.22 70.91 -51.17
N ARG D 205 32.47 71.94 -51.97
CA ARG D 205 33.37 72.99 -51.51
C ARG D 205 32.44 73.99 -50.83
N SER D 206 32.26 73.84 -49.52
CA SER D 206 31.38 74.73 -48.77
C SER D 206 31.77 74.65 -47.29
N GLU D 207 30.90 75.23 -46.45
CA GLU D 207 31.13 75.22 -45.00
C GLU D 207 30.86 73.81 -44.47
N ARG D 208 31.90 73.12 -44.04
CA ARG D 208 31.68 71.78 -43.49
C ARG D 208 31.00 71.82 -42.13
N LYS D 209 31.14 72.93 -41.40
CA LYS D 209 30.58 73.02 -40.06
C LYS D 209 29.05 72.94 -40.06
N LYS D 210 28.39 73.63 -41.00
CA LYS D 210 26.94 73.58 -41.07
C LYS D 210 26.41 72.44 -41.92
N TRP D 211 27.27 71.68 -42.58
CA TRP D 211 26.83 70.54 -43.38
C TRP D 211 26.99 69.23 -42.65
N ILE D 212 28.08 69.06 -41.88
CA ILE D 212 28.38 67.77 -41.27
C ILE D 212 27.53 67.49 -40.04
N HIS D 213 26.60 68.38 -39.71
CA HIS D 213 25.60 68.06 -38.70
C HIS D 213 24.62 67.01 -39.20
N CYS D 214 24.59 66.77 -40.50
CA CYS D 214 23.95 65.59 -41.06
C CYS D 214 24.88 64.40 -40.90
N PHE D 215 24.52 63.27 -41.51
CA PHE D 215 25.32 62.04 -41.48
C PHE D 215 25.63 61.58 -40.06
N GLU D 216 24.84 62.01 -39.08
CA GLU D 216 25.07 61.62 -37.70
C GLU D 216 24.69 60.17 -37.43
N GLY D 217 23.94 59.53 -38.33
CA GLY D 217 23.54 58.16 -38.14
C GLY D 217 24.33 57.14 -38.93
N VAL D 218 25.47 57.53 -39.46
CA VAL D 218 26.29 56.60 -40.25
C VAL D 218 27.02 55.66 -39.30
N THR D 219 27.02 54.37 -39.63
CA THR D 219 27.71 53.37 -38.84
C THR D 219 29.13 53.11 -39.37
N ALA D 220 29.66 54.02 -40.18
CA ALA D 220 31.03 53.94 -40.67
C ALA D 220 31.39 55.24 -41.36
N ILE D 221 32.62 55.70 -41.14
CA ILE D 221 33.13 56.92 -41.77
C ILE D 221 34.44 56.52 -42.45
N ILE D 222 34.36 56.15 -43.73
CA ILE D 222 35.53 55.74 -44.50
C ILE D 222 36.38 56.99 -44.77
N PHE D 223 37.52 57.09 -44.10
CA PHE D 223 38.46 58.17 -44.32
C PHE D 223 39.59 57.66 -45.21
N CYS D 224 39.76 58.27 -46.37
CA CYS D 224 40.81 57.90 -47.32
C CYS D 224 41.88 58.98 -47.33
N VAL D 225 43.12 58.59 -47.02
CA VAL D 225 44.27 59.48 -47.12
C VAL D 225 45.39 58.75 -47.86
N ALA D 226 46.07 59.45 -48.76
CA ALA D 226 47.14 58.86 -49.55
C ALA D 226 48.48 59.13 -48.85
N LEU D 227 49.20 58.06 -48.53
CA LEU D 227 50.50 58.21 -47.86
C LEU D 227 51.52 58.94 -48.72
N SER D 228 51.36 58.93 -50.05
CA SER D 228 52.18 59.74 -50.94
C SER D 228 52.07 61.24 -50.69
N ASP D 229 51.05 61.68 -49.95
CA ASP D 229 50.91 63.10 -49.64
C ASP D 229 52.03 63.65 -48.77
N TYR D 230 52.78 62.80 -48.08
CA TYR D 230 53.80 63.30 -47.16
C TYR D 230 54.85 64.12 -47.90
N ASP D 231 55.12 63.80 -49.16
CA ASP D 231 56.18 64.41 -49.96
C ASP D 231 55.74 65.68 -50.66
N LEU D 232 54.44 65.99 -50.67
CA LEU D 232 53.89 67.03 -51.52
C LEU D 232 53.61 68.29 -50.69
N VAL D 233 54.20 69.40 -51.14
CA VAL D 233 54.23 70.64 -50.38
C VAL D 233 52.90 71.41 -50.37
N LEU D 234 52.04 71.21 -51.35
CA LEU D 234 51.00 72.20 -51.64
C LEU D 234 49.74 71.54 -52.18
N ALA D 235 48.61 72.17 -51.87
CA ALA D 235 47.34 71.89 -52.52
C ALA D 235 46.55 73.20 -52.69
N GLU D 236 47.19 74.19 -53.33
CA GLU D 236 46.64 75.54 -53.45
C GLU D 236 46.48 76.20 -52.07
N ASP D 237 47.27 75.78 -51.09
CA ASP D 237 47.06 76.16 -49.69
C ASP D 237 48.41 76.51 -49.04
N GLU D 238 49.02 77.59 -49.55
CA GLU D 238 50.11 78.33 -48.88
C GLU D 238 51.25 77.40 -48.44
N GLU D 239 51.55 76.41 -49.29
CA GLU D 239 52.59 75.41 -49.03
C GLU D 239 52.32 74.62 -47.75
N MET D 240 51.06 74.44 -47.38
CA MET D 240 50.71 73.48 -46.35
C MET D 240 50.83 72.06 -46.90
N ASN D 241 51.70 71.27 -46.27
CA ASN D 241 51.94 69.90 -46.70
C ASN D 241 50.64 69.11 -46.72
N ARG D 242 50.41 68.37 -47.82
CA ARG D 242 49.12 67.70 -47.99
C ARG D 242 48.85 66.70 -46.86
N MET D 243 49.90 66.09 -46.31
CA MET D 243 49.72 65.16 -45.20
C MET D 243 49.19 65.88 -43.96
N HIS D 244 49.82 66.99 -43.58
CA HIS D 244 49.34 67.73 -42.41
C HIS D 244 47.95 68.34 -42.66
N ALA D 245 47.66 68.76 -43.89
CA ALA D 245 46.30 69.17 -44.24
C ALA D 245 45.29 68.05 -44.03
N SER D 246 45.68 66.82 -44.39
CA SER D 246 44.81 65.67 -44.17
C SER D 246 44.66 65.37 -42.69
N MET D 247 45.74 65.44 -41.93
CA MET D 247 45.64 65.22 -40.49
C MET D 247 44.78 66.29 -39.82
N LYS D 248 44.90 67.54 -40.25
CA LYS D 248 44.07 68.61 -39.71
C LYS D 248 42.59 68.37 -40.01
N LEU D 249 42.29 67.90 -41.22
CA LEU D 249 40.89 67.59 -41.54
C LEU D 249 40.42 66.40 -40.72
N PHE D 250 41.28 65.41 -40.53
CA PHE D 250 40.94 64.25 -39.70
C PHE D 250 40.66 64.68 -38.27
N ASP D 251 41.47 65.60 -37.75
CA ASP D 251 41.25 66.11 -36.40
C ASP D 251 39.93 66.84 -36.31
N SER D 252 39.60 67.62 -37.34
CA SER D 252 38.35 68.38 -37.29
C SER D 252 37.14 67.45 -37.39
N ILE D 253 37.26 66.33 -38.10
CA ILE D 253 36.08 65.50 -38.34
C ILE D 253 35.94 64.40 -37.29
N CYS D 254 37.05 63.83 -36.83
CA CYS D 254 36.98 62.74 -35.85
C CYS D 254 36.49 63.22 -34.50
N ASN D 255 36.97 64.38 -34.04
CA ASN D 255 36.62 64.86 -32.72
C ASN D 255 35.41 65.78 -32.72
N ASN D 256 34.76 65.97 -33.86
CA ASN D 256 33.55 66.77 -33.90
C ASN D 256 32.49 66.11 -33.04
N LYS D 257 31.80 66.92 -32.23
CA LYS D 257 30.93 66.37 -31.20
C LYS D 257 29.64 65.79 -31.78
N TRP D 258 29.36 66.00 -33.06
CA TRP D 258 28.32 65.20 -33.72
C TRP D 258 28.66 63.73 -33.75
N PHE D 259 29.91 63.39 -34.04
CA PHE D 259 30.33 62.00 -34.20
C PHE D 259 31.02 61.57 -32.91
N THR D 260 30.32 60.76 -32.13
CA THR D 260 30.84 60.11 -30.92
C THR D 260 30.78 58.60 -31.01
N GLU D 261 29.69 58.04 -31.54
CA GLU D 261 29.55 56.61 -31.69
C GLU D 261 29.92 56.11 -33.08
N THR D 262 29.94 57.00 -34.07
CA THR D 262 30.34 56.62 -35.41
C THR D 262 31.83 56.28 -35.44
N SER D 263 32.15 55.18 -36.10
CA SER D 263 33.51 54.67 -36.14
C SER D 263 34.18 55.04 -37.47
N ILE D 264 35.47 55.32 -37.41
CA ILE D 264 36.24 55.75 -38.57
C ILE D 264 37.05 54.58 -39.11
N ILE D 265 36.91 54.31 -40.40
CA ILE D 265 37.69 53.29 -41.09
C ILE D 265 38.75 54.01 -41.93
N LEU D 266 40.02 53.81 -41.57
CA LEU D 266 41.12 54.61 -42.09
C LEU D 266 41.82 53.84 -43.21
N PHE D 267 41.70 54.32 -44.44
CA PHE D 267 42.37 53.75 -45.60
C PHE D 267 43.66 54.51 -45.89
N LEU D 268 44.79 53.98 -45.42
CA LEU D 268 46.09 54.52 -45.83
C LEU D 268 46.36 54.05 -47.24
N ASN D 269 45.83 54.80 -48.20
CA ASN D 269 45.84 54.42 -49.60
C ASN D 269 47.18 54.71 -50.27
N LYS D 270 47.38 54.06 -51.42
CA LYS D 270 48.63 54.11 -52.20
C LYS D 270 49.84 53.68 -51.38
N LYS D 271 49.72 52.51 -50.73
CA LYS D 271 50.85 51.96 -49.99
C LYS D 271 52.05 51.68 -50.90
N ASP D 272 51.80 51.33 -52.17
CA ASP D 272 52.89 51.05 -53.09
C ASP D 272 53.67 52.31 -53.44
N LEU D 273 52.97 53.41 -53.74
CA LEU D 273 53.66 54.63 -54.10
C LEU D 273 54.41 55.23 -52.90
N PHE D 274 53.88 55.04 -51.70
CA PHE D 274 54.63 55.38 -50.49
C PHE D 274 55.87 54.53 -50.35
N GLU D 275 55.76 53.21 -50.53
CA GLU D 275 56.94 52.35 -50.47
C GLU D 275 57.98 52.75 -51.52
N GLU D 276 57.53 53.21 -52.69
CA GLU D 276 58.48 53.66 -53.71
C GLU D 276 59.09 55.03 -53.38
N LYS D 277 58.37 55.89 -52.67
CA LYS D 277 58.92 57.21 -52.35
C LYS D 277 59.83 57.18 -51.13
N ILE D 278 59.45 56.43 -50.09
CA ILE D 278 60.18 56.42 -48.83
C ILE D 278 61.59 55.90 -48.99
N LYS D 279 61.85 55.10 -50.02
CA LYS D 279 63.19 54.57 -50.26
C LYS D 279 64.23 55.66 -50.49
N ARG D 280 63.81 56.88 -50.82
CA ARG D 280 64.79 57.94 -51.00
C ARG D 280 64.51 59.19 -50.18
N SER D 281 63.25 59.63 -50.09
CA SER D 281 62.94 60.90 -49.48
C SER D 281 62.49 60.70 -48.04
N PRO D 282 63.19 61.25 -47.06
CA PRO D 282 62.97 60.82 -45.66
C PRO D 282 61.68 61.41 -45.13
N LEU D 283 60.96 60.60 -44.35
CA LEU D 283 59.72 61.07 -43.73
C LEU D 283 59.93 62.27 -42.82
N THR D 284 61.18 62.52 -42.40
CA THR D 284 61.51 63.69 -41.59
C THR D 284 61.13 65.00 -42.28
N ILE D 285 60.99 65.01 -43.61
CA ILE D 285 60.46 66.19 -44.29
C ILE D 285 59.02 66.47 -43.91
N CYS D 286 58.29 65.46 -43.46
CA CYS D 286 56.91 65.62 -43.01
C CYS D 286 56.80 65.63 -41.49
N TYR D 287 57.50 64.72 -40.82
CA TYR D 287 57.42 64.51 -39.38
C TYR D 287 58.83 64.68 -38.83
N PRO D 288 59.20 65.91 -38.43
CA PRO D 288 60.58 66.17 -38.03
C PRO D 288 61.06 65.38 -36.83
N GLU D 289 60.16 64.85 -36.01
CA GLU D 289 60.54 64.09 -34.83
C GLU D 289 60.74 62.61 -35.12
N TYR D 290 60.50 62.17 -36.35
CA TYR D 290 60.68 60.76 -36.69
C TYR D 290 62.15 60.40 -36.76
N THR D 291 62.51 59.27 -36.14
CA THR D 291 63.91 58.86 -36.01
C THR D 291 64.11 57.42 -36.47
N GLY D 292 63.14 56.83 -37.17
CA GLY D 292 63.30 55.50 -37.71
C GLY D 292 64.15 55.48 -38.96
N SER D 293 64.45 54.27 -39.43
CA SER D 293 65.41 54.07 -40.50
C SER D 293 64.83 54.33 -41.89
N ASN D 294 63.68 54.99 -42.00
CA ASN D 294 62.95 55.17 -43.24
C ASN D 294 62.58 53.86 -43.94
N THR D 295 62.70 52.73 -43.27
CA THR D 295 62.18 51.48 -43.82
C THR D 295 60.66 51.48 -43.81
N TYR D 296 60.09 50.90 -44.87
CA TYR D 296 58.66 51.03 -45.17
C TYR D 296 57.77 50.72 -43.98
N GLU D 297 58.03 49.59 -43.31
CA GLU D 297 57.19 49.19 -42.18
C GLU D 297 57.30 50.17 -41.03
N GLU D 298 58.52 50.59 -40.68
CA GLU D 298 58.73 51.55 -39.60
C GLU D 298 58.22 52.95 -39.93
N ALA D 299 57.96 53.24 -41.20
CA ALA D 299 57.36 54.50 -41.60
C ALA D 299 55.84 54.43 -41.61
N ALA D 300 55.27 53.40 -42.25
CA ALA D 300 53.82 53.31 -42.31
C ALA D 300 53.23 53.01 -40.93
N ALA D 301 53.95 52.24 -40.10
CA ALA D 301 53.50 52.04 -38.73
C ALA D 301 53.50 53.35 -37.96
N TYR D 302 54.45 54.24 -38.25
CA TYR D 302 54.46 55.55 -37.60
C TYR D 302 53.29 56.40 -38.06
N ILE D 303 52.97 56.36 -39.36
CA ILE D 303 51.84 57.14 -39.84
C ILE D 303 50.53 56.62 -39.24
N GLN D 304 50.37 55.30 -39.19
CA GLN D 304 49.20 54.73 -38.52
C GLN D 304 49.15 55.11 -37.04
N CYS D 305 50.27 54.96 -36.33
CA CYS D 305 50.31 55.34 -34.92
C CYS D 305 49.94 56.80 -34.73
N GLN D 306 50.41 57.68 -35.61
CA GLN D 306 50.14 59.10 -35.45
C GLN D 306 48.67 59.40 -35.71
N PHE D 307 48.12 58.82 -36.78
CA PHE D 307 46.72 59.06 -37.08
C PHE D 307 45.81 58.51 -35.99
N GLU D 308 46.14 57.35 -35.43
CA GLU D 308 45.33 56.78 -34.37
C GLU D 308 45.51 57.50 -33.05
N ASP D 309 46.68 58.11 -32.82
CA ASP D 309 46.89 58.92 -31.63
C ASP D 309 46.28 60.30 -31.78
N LEU D 310 46.00 60.71 -33.01
CA LEU D 310 45.29 61.95 -33.27
C LEU D 310 43.84 61.88 -32.79
N ASN D 311 43.31 60.68 -32.60
CA ASN D 311 41.96 60.49 -32.06
C ASN D 311 42.04 60.59 -30.54
N ARG D 312 41.45 61.65 -29.98
CA ARG D 312 41.56 61.83 -28.53
C ARG D 312 40.55 60.98 -27.78
N ARG D 313 39.29 60.97 -28.23
CA ARG D 313 38.23 60.22 -27.55
C ARG D 313 38.29 58.73 -27.92
N LYS D 314 39.45 58.12 -27.64
CA LYS D 314 39.66 56.72 -27.96
C LYS D 314 38.89 55.79 -27.02
N ASP D 315 38.38 56.31 -25.91
CA ASP D 315 37.58 55.49 -25.01
C ASP D 315 36.34 54.95 -25.71
N THR D 316 35.71 55.78 -26.53
CA THR D 316 34.49 55.39 -27.22
C THR D 316 34.69 55.11 -28.72
N LYS D 317 35.53 55.88 -29.40
CA LYS D 317 35.69 55.72 -30.84
C LYS D 317 36.73 54.65 -31.14
N GLU D 318 36.64 54.09 -32.36
CA GLU D 318 37.58 53.08 -32.83
C GLU D 318 38.05 53.45 -34.23
N ILE D 319 39.34 53.25 -34.48
CA ILE D 319 39.96 53.54 -35.77
C ILE D 319 40.43 52.23 -36.38
N TYR D 320 39.85 51.88 -37.53
CA TYR D 320 40.16 50.62 -38.21
C TYR D 320 41.11 50.90 -39.37
N THR D 321 42.38 51.10 -39.01
CA THR D 321 43.38 51.45 -40.02
C THR D 321 43.69 50.25 -40.91
N HIS D 322 43.72 50.50 -42.22
CA HIS D 322 44.04 49.47 -43.20
C HIS D 322 44.89 50.06 -44.32
N PHE D 323 45.73 49.23 -44.92
CA PHE D 323 46.61 49.64 -46.00
C PHE D 323 46.10 49.08 -47.32
N THR D 324 45.88 49.96 -48.29
CA THR D 324 45.31 49.59 -49.57
C THR D 324 46.14 50.20 -50.70
N CYS D 325 45.94 49.65 -51.90
CA CYS D 325 46.59 50.16 -53.10
C CYS D 325 45.72 49.78 -54.30
N SER D 326 46.15 50.23 -55.48
CA SER D 326 45.37 50.01 -56.70
C SER D 326 45.52 48.56 -57.17
N THR D 327 44.93 47.66 -56.39
CA THR D 327 44.90 46.25 -56.73
C THR D 327 43.72 45.61 -56.00
N ASP D 328 43.44 44.36 -56.37
CA ASP D 328 42.28 43.66 -55.82
C ASP D 328 42.54 43.22 -54.38
N THR D 329 42.59 44.18 -53.46
CA THR D 329 42.79 43.86 -52.06
C THR D 329 41.50 43.36 -51.43
N LYS D 330 41.56 43.07 -50.13
CA LYS D 330 40.38 42.72 -49.35
C LYS D 330 39.67 43.94 -48.80
N ASN D 331 39.90 45.11 -49.40
CA ASN D 331 39.38 46.36 -48.83
C ASN D 331 37.87 46.35 -48.72
N VAL D 332 37.18 45.68 -49.65
CA VAL D 332 35.75 45.48 -49.52
C VAL D 332 35.44 44.49 -48.40
N GLN D 333 36.16 43.37 -48.38
CA GLN D 333 36.07 42.43 -47.26
C GLN D 333 36.43 43.09 -45.93
N PHE D 334 37.42 43.99 -45.94
CA PHE D 334 37.79 44.65 -44.68
C PHE D 334 36.73 45.65 -44.25
N VAL D 335 36.14 46.38 -45.19
CA VAL D 335 35.03 47.25 -44.85
C VAL D 335 33.87 46.44 -44.29
N PHE D 336 33.55 45.32 -44.93
CA PHE D 336 32.48 44.46 -44.46
C PHE D 336 32.74 44.00 -43.03
N ASP D 337 33.99 43.62 -42.72
CA ASP D 337 34.29 43.11 -41.39
C ASP D 337 34.24 44.22 -40.35
N ALA D 338 34.79 45.39 -40.68
CA ALA D 338 34.79 46.50 -39.73
C ALA D 338 33.36 46.98 -39.47
N VAL D 339 32.56 47.12 -40.51
CA VAL D 339 31.16 47.50 -40.37
C VAL D 339 30.41 46.48 -39.53
N THR D 340 30.59 45.19 -39.80
CA THR D 340 29.96 44.16 -38.97
C THR D 340 30.36 44.28 -37.50
N ASP D 341 31.65 44.50 -37.24
CA ASP D 341 32.09 44.61 -35.85
C ASP D 341 31.51 45.86 -35.18
N VAL D 342 31.45 46.97 -35.90
CA VAL D 342 30.87 48.19 -35.34
C VAL D 342 29.37 48.01 -35.08
N ILE D 343 28.67 47.32 -35.99
CA ILE D 343 27.25 47.03 -35.78
C ILE D 343 27.06 46.22 -34.51
N ILE D 344 27.87 45.17 -34.33
CA ILE D 344 27.73 44.33 -33.16
C ILE D 344 28.08 45.10 -31.89
N LYS D 345 29.10 45.95 -31.96
CA LYS D 345 29.46 46.81 -30.84
C LYS D 345 28.29 47.73 -30.47
N ASN D 346 27.66 48.34 -31.48
CA ASN D 346 26.51 49.22 -31.24
C ASN D 346 25.36 48.46 -30.59
N ASN D 347 25.08 47.26 -31.07
CA ASN D 347 23.96 46.49 -30.52
C ASN D 347 24.26 46.04 -29.10
N LEU D 348 25.51 45.66 -28.82
CA LEU D 348 25.87 45.32 -27.45
C LEU D 348 25.85 46.53 -26.54
N LYS D 349 26.00 47.74 -27.09
CA LYS D 349 25.71 48.92 -26.28
C LYS D 349 24.22 49.12 -26.08
N GLU D 350 23.40 48.72 -27.06
CA GLU D 350 21.96 48.91 -26.92
C GLU D 350 21.40 48.14 -25.73
N CYS D 351 21.87 46.92 -25.52
CA CYS D 351 21.45 46.12 -24.37
C CYS D 351 22.38 46.25 -23.16
N GLY D 352 23.41 47.08 -23.23
CA GLY D 352 24.28 47.19 -22.08
C GLY D 352 25.12 45.97 -21.82
N LEU D 353 25.31 45.11 -22.82
CA LEU D 353 26.21 43.96 -22.67
C LEU D 353 27.66 44.38 -22.72
N TYR D 354 28.01 45.36 -23.55
CA TYR D 354 29.35 45.89 -23.55
C TYR D 354 29.46 47.07 -22.59
N ASN E 9 -22.88 -73.14 57.49
CA ASN E 9 -23.86 -73.47 58.51
C ASN E 9 -24.28 -72.23 59.29
N SER E 10 -25.57 -72.13 59.60
CA SER E 10 -26.07 -70.95 60.30
C SER E 10 -25.76 -71.02 61.79
N ILE E 11 -25.76 -69.85 62.42
CA ILE E 11 -25.53 -69.78 63.87
C ILE E 11 -26.74 -70.34 64.62
N ARG E 12 -27.95 -70.03 64.16
CA ARG E 12 -29.23 -70.53 64.70
C ARG E 12 -29.33 -70.26 66.20
N ILE E 13 -29.39 -68.97 66.53
CA ILE E 13 -29.65 -68.54 67.89
C ILE E 13 -31.15 -68.64 68.16
N ASP E 14 -31.53 -69.46 69.13
CA ASP E 14 -32.93 -69.68 69.45
C ASP E 14 -33.54 -68.48 70.16
N GLY E 15 -34.78 -68.17 69.81
CA GLY E 15 -35.50 -67.08 70.42
C GLY E 15 -36.98 -67.19 70.13
N ASP E 16 -37.77 -66.46 70.91
CA ASP E 16 -39.22 -66.49 70.71
C ASP E 16 -39.59 -65.96 69.33
N ILE E 17 -38.99 -64.84 68.93
CA ILE E 17 -39.17 -64.27 67.60
C ILE E 17 -37.78 -64.07 67.00
N THR E 18 -37.49 -64.78 65.91
CA THR E 18 -36.13 -64.93 65.42
C THR E 18 -35.84 -63.95 64.29
N LEU E 19 -34.71 -63.24 64.41
CA LEU E 19 -34.25 -62.33 63.38
C LEU E 19 -33.42 -63.09 62.34
N GLY E 20 -32.80 -62.34 61.42
CA GLY E 20 -31.85 -62.92 60.49
C GLY E 20 -30.83 -61.88 60.05
N GLY E 21 -29.72 -62.38 59.52
CA GLY E 21 -28.64 -61.51 59.07
C GLY E 21 -28.04 -62.02 57.78
N LEU E 22 -27.39 -61.11 57.06
CA LEU E 22 -26.71 -61.47 55.82
C LEU E 22 -25.26 -61.01 55.82
N PHE E 23 -24.56 -61.25 56.92
CA PHE E 23 -23.19 -60.75 57.05
C PHE E 23 -22.23 -61.55 56.19
N PRO E 24 -21.42 -60.89 55.38
CA PRO E 24 -20.40 -61.55 54.54
C PRO E 24 -19.11 -61.80 55.32
N VAL E 25 -19.14 -62.86 56.13
CA VAL E 25 -17.98 -63.19 56.94
C VAL E 25 -16.88 -63.87 56.12
N HIS E 26 -17.20 -64.34 54.92
CA HIS E 26 -16.22 -64.96 54.05
C HIS E 26 -16.14 -64.19 52.75
N GLY E 27 -14.93 -64.15 52.17
CA GLY E 27 -14.71 -63.45 50.93
C GLY E 27 -15.03 -64.30 49.71
N ARG E 28 -14.94 -63.66 48.54
CA ARG E 28 -15.38 -64.30 47.31
C ARG E 28 -14.36 -65.35 46.88
N GLY E 29 -14.86 -66.49 46.44
CA GLY E 29 -13.97 -67.51 45.91
C GLY E 29 -13.50 -67.20 44.50
N SER E 30 -12.57 -68.04 44.03
CA SER E 30 -11.99 -67.87 42.71
C SER E 30 -11.92 -69.22 42.00
N GLU E 31 -11.94 -69.17 40.67
CA GLU E 31 -11.86 -70.35 39.81
C GLU E 31 -12.95 -71.37 40.16
N GLY E 32 -14.16 -70.88 40.37
CA GLY E 32 -15.28 -71.75 40.67
C GLY E 32 -15.39 -72.19 42.11
N LYS E 33 -14.53 -71.71 42.99
CA LYS E 33 -14.59 -72.11 44.39
C LYS E 33 -15.86 -71.54 45.03
N PRO E 34 -16.62 -72.34 45.76
CA PRO E 34 -17.87 -71.83 46.35
C PRO E 34 -17.67 -70.65 47.28
N CYS E 35 -16.56 -70.61 48.01
CA CYS E 35 -16.33 -69.54 48.98
C CYS E 35 -14.84 -69.29 49.11
N GLY E 36 -14.51 -68.10 49.60
CA GLY E 36 -13.12 -67.68 49.74
C GLY E 36 -12.61 -67.74 51.16
N GLU E 37 -11.75 -66.79 51.50
CA GLU E 37 -11.13 -66.67 52.81
C GLU E 37 -11.90 -65.69 53.70
N LEU E 38 -11.73 -65.87 55.01
CA LEU E 38 -12.40 -65.02 55.98
C LEU E 38 -11.97 -63.56 55.80
N LYS E 39 -12.94 -62.66 55.86
CA LYS E 39 -12.69 -61.23 55.71
C LYS E 39 -12.42 -60.51 57.01
N LYS E 40 -12.33 -61.23 58.14
CA LYS E 40 -11.94 -60.66 59.43
C LYS E 40 -12.69 -59.38 59.74
N GLU E 41 -11.99 -58.24 59.72
CA GLU E 41 -12.57 -56.97 60.16
C GLU E 41 -13.88 -56.66 59.44
N LYS E 42 -13.92 -56.89 58.13
CA LYS E 42 -15.15 -56.64 57.36
C LYS E 42 -16.32 -57.48 57.81
N GLY E 43 -16.12 -58.78 58.07
CA GLY E 43 -17.26 -59.62 58.40
C GLY E 43 -17.49 -59.90 59.88
N ILE E 44 -16.46 -60.43 60.54
CA ILE E 44 -16.59 -60.94 61.89
C ILE E 44 -17.03 -59.84 62.84
N HIS E 45 -16.36 -58.68 62.77
CA HIS E 45 -16.71 -57.56 63.64
C HIS E 45 -18.18 -57.18 63.50
N ARG E 46 -18.72 -57.24 62.28
CA ARG E 46 -20.13 -56.95 62.08
C ARG E 46 -21.01 -58.04 62.68
N LEU E 47 -20.67 -59.30 62.41
CA LEU E 47 -21.48 -60.40 62.90
C LEU E 47 -21.57 -60.32 64.42
N GLU E 48 -20.42 -60.29 65.08
CA GLU E 48 -20.38 -60.15 66.53
C GLU E 48 -21.08 -58.87 66.98
N ALA E 49 -21.00 -57.79 66.19
CA ALA E 49 -21.73 -56.57 66.51
C ALA E 49 -23.22 -56.84 66.71
N MET E 50 -23.84 -57.50 65.73
CA MET E 50 -25.23 -57.91 65.91
C MET E 50 -25.38 -58.84 67.10
N LEU E 51 -24.52 -59.86 67.20
CA LEU E 51 -24.61 -60.80 68.32
C LEU E 51 -24.37 -60.15 69.68
N PHE E 52 -23.96 -58.89 69.70
CA PHE E 52 -23.89 -58.09 70.92
C PHE E 52 -25.14 -57.23 71.06
N ALA E 53 -25.61 -56.64 69.95
CA ALA E 53 -26.81 -55.81 69.98
C ALA E 53 -28.02 -56.62 70.44
N LEU E 54 -28.22 -57.80 69.84
CA LEU E 54 -29.29 -58.69 70.25
C LEU E 54 -29.14 -59.11 71.70
N ASP E 55 -27.94 -59.53 72.10
CA ASP E 55 -27.73 -59.94 73.48
C ASP E 55 -28.12 -58.83 74.46
N ARG E 56 -27.64 -57.61 74.22
CA ARG E 56 -27.99 -56.48 75.09
C ARG E 56 -29.48 -56.12 75.01
N ILE E 57 -30.11 -56.25 73.85
CA ILE E 57 -31.54 -55.99 73.73
C ILE E 57 -32.39 -57.10 74.34
N ASN E 58 -31.80 -58.28 74.56
CA ASN E 58 -32.47 -59.32 75.33
C ASN E 58 -32.23 -59.17 76.82
N ASN E 59 -31.09 -58.58 77.19
CA ASN E 59 -30.79 -58.35 78.59
C ASN E 59 -31.62 -57.19 79.12
N ASP E 60 -31.81 -56.17 78.31
CA ASP E 60 -32.56 -54.99 78.71
C ASP E 60 -34.04 -55.32 78.75
N PRO E 61 -34.71 -55.18 79.90
CA PRO E 61 -36.17 -55.37 79.92
C PRO E 61 -36.96 -54.16 79.48
N ASP E 62 -36.32 -53.01 79.27
CA ASP E 62 -37.04 -51.83 78.83
C ASP E 62 -37.46 -51.90 77.37
N LEU E 63 -36.84 -52.77 76.58
CA LEU E 63 -37.21 -52.97 75.19
C LEU E 63 -37.59 -54.43 74.99
N LEU E 64 -38.76 -54.67 74.40
CA LEU E 64 -39.32 -56.01 74.22
C LEU E 64 -39.35 -56.76 75.55
N PRO E 65 -40.25 -56.40 76.45
CA PRO E 65 -40.26 -57.02 77.79
C PRO E 65 -40.49 -58.52 77.72
N ASN E 66 -39.52 -59.27 78.23
CA ASN E 66 -39.56 -60.74 78.25
C ASN E 66 -39.71 -61.34 76.86
N ILE E 67 -39.17 -60.66 75.84
CA ILE E 67 -39.17 -61.16 74.48
C ILE E 67 -37.71 -61.28 74.03
N THR E 68 -37.33 -62.48 73.59
CA THR E 68 -35.97 -62.78 73.17
C THR E 68 -35.89 -62.90 71.66
N LEU E 69 -34.97 -62.15 71.06
CA LEU E 69 -34.78 -62.15 69.62
C LEU E 69 -33.82 -63.29 69.23
N GLY E 70 -34.28 -64.17 68.35
CA GLY E 70 -33.44 -65.20 67.77
C GLY E 70 -32.62 -64.67 66.60
N ALA E 71 -31.76 -65.55 66.08
CA ALA E 71 -30.87 -65.14 64.99
C ALA E 71 -30.45 -66.37 64.18
N ARG E 72 -30.89 -66.42 62.93
CA ARG E 72 -30.40 -67.40 61.95
C ARG E 72 -29.36 -66.74 61.06
N ILE E 73 -28.20 -66.46 61.66
CA ILE E 73 -27.10 -65.82 60.96
C ILE E 73 -26.55 -66.76 59.90
N LEU E 74 -26.38 -66.26 58.68
CA LEU E 74 -25.85 -67.09 57.61
C LEU E 74 -24.93 -66.25 56.74
N ASP E 75 -23.83 -66.86 56.32
CA ASP E 75 -22.83 -66.16 55.52
C ASP E 75 -23.33 -65.96 54.09
N THR E 76 -23.06 -64.78 53.52
CA THR E 76 -23.38 -64.56 52.12
C THR E 76 -22.20 -64.81 51.20
N CYS E 77 -21.02 -65.08 51.76
CA CYS E 77 -19.77 -65.31 51.04
C CYS E 77 -19.39 -64.13 50.13
N SER E 78 -20.04 -62.98 50.29
CA SER E 78 -19.88 -61.83 49.41
C SER E 78 -20.15 -62.18 47.94
N ARG E 79 -20.80 -63.31 47.69
CA ARG E 79 -21.16 -63.76 46.35
C ARG E 79 -22.67 -63.79 46.23
N ASP E 80 -23.18 -63.23 45.14
CA ASP E 80 -24.61 -62.94 45.02
C ASP E 80 -25.43 -64.24 44.94
N THR E 81 -24.99 -65.18 44.11
CA THR E 81 -25.73 -66.42 43.95
C THR E 81 -25.72 -67.26 45.23
N HIS E 82 -24.55 -67.40 45.86
CA HIS E 82 -24.49 -68.12 47.13
C HIS E 82 -25.30 -67.41 48.19
N ALA E 83 -25.34 -66.07 48.16
CA ALA E 83 -26.16 -65.32 49.09
C ALA E 83 -27.63 -65.65 48.91
N LEU E 84 -28.11 -65.72 47.66
CA LEU E 84 -29.48 -66.12 47.42
C LEU E 84 -29.75 -67.54 47.92
N GLU E 85 -28.83 -68.46 47.63
CA GLU E 85 -29.06 -69.85 48.02
C GLU E 85 -29.10 -70.00 49.53
N GLN E 86 -28.29 -69.22 50.25
CA GLN E 86 -28.31 -69.28 51.71
C GLN E 86 -29.51 -68.53 52.29
N SER E 87 -29.94 -67.45 51.65
CA SER E 87 -31.11 -66.71 52.11
C SER E 87 -32.41 -67.45 51.87
N LEU E 88 -32.38 -68.45 50.98
CA LEU E 88 -33.57 -69.27 50.77
C LEU E 88 -34.07 -69.90 52.06
N THR E 89 -33.16 -70.19 53.01
CA THR E 89 -33.56 -70.79 54.27
C THR E 89 -34.45 -69.88 55.10
N PHE E 90 -34.35 -68.55 54.91
CA PHE E 90 -35.25 -67.64 55.61
C PHE E 90 -36.71 -67.87 55.22
N VAL E 91 -36.97 -68.08 53.93
CA VAL E 91 -38.32 -68.23 53.42
C VAL E 91 -38.60 -69.69 53.04
N GLN E 92 -37.88 -70.63 53.64
CA GLN E 92 -38.15 -72.04 53.37
C GLN E 92 -39.58 -72.42 53.78
N ALA E 93 -40.08 -71.84 54.85
CA ALA E 93 -41.50 -71.93 55.20
C ALA E 93 -42.27 -70.96 54.31
N LEU E 94 -42.88 -71.49 53.26
CA LEU E 94 -43.53 -70.67 52.24
C LEU E 94 -44.67 -69.83 52.84
N GLU E 116 -41.04 -70.40 63.77
CA GLU E 116 -39.84 -70.62 62.96
C GLU E 116 -39.70 -69.53 61.90
N ARG E 117 -40.75 -68.72 61.74
CA ARG E 117 -40.74 -67.65 60.76
C ARG E 117 -39.73 -66.58 61.15
N VAL E 118 -39.04 -66.05 60.16
CA VAL E 118 -38.12 -64.94 60.37
C VAL E 118 -38.88 -63.64 60.22
N VAL E 119 -38.62 -62.70 61.13
CA VAL E 119 -39.37 -61.44 61.17
C VAL E 119 -38.70 -60.38 60.32
N GLY E 120 -37.39 -60.25 60.42
CA GLY E 120 -36.65 -59.27 59.64
C GLY E 120 -35.26 -59.75 59.34
N VAL E 121 -34.74 -59.33 58.20
CA VAL E 121 -33.41 -59.71 57.72
C VAL E 121 -32.53 -58.48 57.69
N ILE E 122 -31.44 -58.50 58.46
CA ILE E 122 -30.43 -57.47 58.37
C ILE E 122 -29.63 -57.68 57.08
N GLY E 123 -29.91 -56.84 56.08
CA GLY E 123 -29.38 -57.06 54.75
C GLY E 123 -27.86 -57.05 54.71
N ALA E 124 -27.34 -57.46 53.55
CA ALA E 124 -25.91 -57.65 53.40
C ALA E 124 -25.20 -56.35 53.04
N SER E 125 -23.92 -56.28 53.40
CA SER E 125 -23.11 -55.11 53.07
C SER E 125 -22.98 -54.96 51.56
N GLY E 126 -22.83 -56.06 50.85
CA GLY E 126 -22.75 -56.03 49.40
C GLY E 126 -24.01 -55.47 48.79
N SER E 127 -23.86 -54.44 47.95
CA SER E 127 -25.03 -53.77 47.39
C SER E 127 -25.80 -54.67 46.44
N SER E 128 -25.11 -55.42 45.58
CA SER E 128 -25.82 -56.32 44.67
C SER E 128 -26.52 -57.45 45.43
N VAL E 129 -25.87 -57.97 46.47
CA VAL E 129 -26.50 -58.97 47.32
C VAL E 129 -27.76 -58.41 47.95
N SER E 130 -27.69 -57.19 48.48
CA SER E 130 -28.87 -56.56 49.05
C SER E 130 -29.97 -56.39 48.00
N ILE E 131 -29.58 -56.02 46.78
CA ILE E 131 -30.55 -55.82 45.71
C ILE E 131 -31.31 -57.11 45.44
N MET E 132 -30.58 -58.21 45.27
CA MET E 132 -31.24 -59.47 44.92
C MET E 132 -32.04 -60.02 46.09
N VAL E 133 -31.51 -59.89 47.30
CA VAL E 133 -32.22 -60.41 48.45
C VAL E 133 -33.48 -59.59 48.70
N ALA E 134 -33.49 -58.31 48.35
CA ALA E 134 -34.73 -57.56 48.45
C ALA E 134 -35.66 -57.89 47.30
N ASN E 135 -35.09 -58.27 46.15
CA ASN E 135 -35.91 -58.71 45.03
C ASN E 135 -36.61 -60.02 45.31
N ILE E 136 -36.13 -60.79 46.30
CA ILE E 136 -36.71 -62.08 46.63
C ILE E 136 -37.52 -62.03 47.91
N LEU E 137 -37.02 -61.35 48.95
CA LEU E 137 -37.72 -61.23 50.22
C LEU E 137 -38.99 -60.41 50.10
N ARG E 138 -39.09 -59.54 49.08
CA ARG E 138 -40.33 -58.80 48.86
C ARG E 138 -41.48 -59.74 48.53
N LEU E 139 -41.19 -60.81 47.79
CA LEU E 139 -42.24 -61.76 47.43
C LEU E 139 -42.88 -62.39 48.66
N PHE E 140 -42.07 -62.64 49.69
CA PHE E 140 -42.55 -63.26 50.92
C PHE E 140 -42.78 -62.25 52.04
N LYS E 141 -42.71 -60.96 51.74
CA LYS E 141 -43.03 -59.89 52.69
C LYS E 141 -42.16 -59.98 53.95
N ILE E 142 -40.85 -59.99 53.75
CA ILE E 142 -39.88 -59.99 54.84
C ILE E 142 -39.14 -58.67 54.81
N PRO E 143 -39.36 -57.76 55.77
CA PRO E 143 -38.71 -56.45 55.72
C PRO E 143 -37.21 -56.57 55.91
N GLN E 144 -36.49 -55.60 55.34
CA GLN E 144 -35.03 -55.57 55.39
C GLN E 144 -34.55 -54.23 55.94
N ILE E 145 -33.65 -54.28 56.92
CA ILE E 145 -32.89 -53.12 57.34
C ILE E 145 -31.43 -53.46 57.16
N SER E 146 -30.78 -52.79 56.20
CA SER E 146 -29.44 -53.16 55.76
C SER E 146 -28.43 -52.08 56.16
N TYR E 147 -27.41 -52.47 56.92
CA TYR E 147 -26.21 -51.66 57.02
C TYR E 147 -25.52 -51.62 55.66
N ALA E 148 -24.73 -50.56 55.44
CA ALA E 148 -24.05 -50.37 54.17
C ALA E 148 -25.02 -50.50 53.00
N SER E 149 -24.58 -51.14 51.92
CA SER E 149 -25.42 -51.33 50.74
C SER E 149 -25.96 -49.99 50.23
N THR E 150 -25.03 -49.09 49.91
CA THR E 150 -25.36 -47.71 49.63
C THR E 150 -25.85 -47.47 48.21
N ALA E 151 -25.99 -48.51 47.40
CA ALA E 151 -26.27 -48.33 45.98
C ALA E 151 -27.57 -47.55 45.80
N PRO E 152 -27.59 -46.51 44.95
CA PRO E 152 -28.81 -45.73 44.77
C PRO E 152 -29.93 -46.49 44.08
N ASP E 153 -29.65 -47.60 43.41
CA ASP E 153 -30.69 -48.35 42.73
C ASP E 153 -31.75 -48.89 43.68
N LEU E 154 -31.40 -49.09 44.95
CA LEU E 154 -32.36 -49.54 45.94
C LEU E 154 -33.32 -48.45 46.39
N SER E 155 -33.09 -47.20 46.00
CA SER E 155 -33.99 -46.12 46.39
C SER E 155 -35.36 -46.25 45.74
N ASP E 156 -35.47 -47.04 44.68
CA ASP E 156 -36.73 -47.19 43.95
C ASP E 156 -37.67 -48.07 44.78
N ASN E 157 -38.65 -47.45 45.43
CA ASN E 157 -39.62 -48.20 46.21
C ASN E 157 -40.59 -48.99 45.35
N SER E 158 -40.61 -48.76 44.04
CA SER E 158 -41.44 -49.58 43.15
C SER E 158 -40.93 -51.01 43.02
N ARG E 159 -39.67 -51.25 43.39
CA ARG E 159 -39.08 -52.58 43.34
C ARG E 159 -38.54 -53.06 44.67
N TYR E 160 -38.08 -52.16 45.53
CA TYR E 160 -37.47 -52.51 46.81
C TYR E 160 -38.17 -51.77 47.95
N ASP E 161 -39.50 -51.83 47.96
CA ASP E 161 -40.25 -51.14 49.01
C ASP E 161 -39.93 -51.69 50.39
N PHE E 162 -39.82 -53.01 50.51
CA PHE E 162 -39.50 -53.62 51.80
C PHE E 162 -38.05 -53.40 52.20
N PHE E 163 -37.21 -52.90 51.30
CA PHE E 163 -35.83 -52.60 51.63
C PHE E 163 -35.72 -51.27 52.35
N SER E 164 -34.77 -51.19 53.27
CA SER E 164 -34.51 -49.95 54.00
C SER E 164 -33.05 -49.91 54.40
N ARG E 165 -32.56 -48.71 54.66
CA ARG E 165 -31.14 -48.47 54.90
C ARG E 165 -30.94 -47.63 56.14
N VAL E 166 -29.88 -47.93 56.89
CA VAL E 166 -29.48 -47.13 58.03
C VAL E 166 -28.23 -46.31 57.70
N VAL E 167 -27.86 -46.23 56.43
CA VAL E 167 -26.69 -45.48 55.97
C VAL E 167 -27.14 -44.57 54.83
N PRO E 168 -26.45 -43.46 54.60
CA PRO E 168 -26.83 -42.59 53.47
C PRO E 168 -26.61 -43.28 52.13
N SER E 169 -27.40 -42.86 51.15
CA SER E 169 -27.29 -43.41 49.81
C SER E 169 -26.01 -42.92 49.14
N ASP E 170 -25.60 -43.64 48.09
CA ASP E 170 -24.36 -43.31 47.40
C ASP E 170 -24.51 -42.15 46.43
N THR E 171 -25.74 -41.69 46.17
CA THR E 171 -25.90 -40.46 45.38
C THR E 171 -25.31 -39.27 46.12
N TYR E 172 -25.61 -39.16 47.41
CA TYR E 172 -25.01 -38.10 48.21
C TYR E 172 -23.50 -38.27 48.31
N GLN E 173 -23.02 -39.51 48.26
CA GLN E 173 -21.57 -39.75 48.27
C GLN E 173 -20.93 -39.26 46.99
N ALA E 174 -21.55 -39.52 45.84
CA ALA E 174 -21.05 -39.00 44.58
C ALA E 174 -21.06 -37.48 44.56
N GLN E 175 -22.14 -36.87 45.06
CA GLN E 175 -22.20 -35.41 45.12
C GLN E 175 -21.13 -34.85 46.05
N ALA E 176 -20.88 -35.53 47.16
CA ALA E 176 -19.87 -35.09 48.11
C ALA E 176 -18.48 -35.22 47.50
N MET E 177 -18.26 -36.27 46.72
CA MET E 177 -16.97 -36.44 46.07
C MET E 177 -16.73 -35.36 45.01
N VAL E 178 -17.74 -35.07 44.19
CA VAL E 178 -17.62 -33.99 43.22
C VAL E 178 -17.37 -32.65 43.90
N ASP E 179 -18.07 -32.39 45.00
CA ASP E 179 -17.77 -31.20 45.80
C ASP E 179 -16.35 -31.18 46.35
N ILE E 180 -15.89 -32.31 46.90
CA ILE E 180 -14.52 -32.39 47.42
C ILE E 180 -13.49 -32.14 46.34
N VAL E 181 -13.73 -32.69 45.15
CA VAL E 181 -12.87 -32.45 43.99
C VAL E 181 -12.84 -30.97 43.62
N ARG E 182 -14.01 -30.34 43.56
CA ARG E 182 -14.05 -28.89 43.35
C ARG E 182 -13.29 -28.13 44.44
N ALA E 183 -13.43 -28.55 45.70
CA ALA E 183 -12.76 -27.83 46.78
C ALA E 183 -11.24 -28.00 46.72
N LEU E 184 -10.78 -29.18 46.33
CA LEU E 184 -9.36 -29.40 46.07
C LEU E 184 -8.91 -28.75 44.77
N LYS E 185 -9.83 -28.20 43.98
CA LYS E 185 -9.53 -27.56 42.71
C LYS E 185 -8.86 -28.51 41.71
N TRP E 186 -9.06 -29.82 41.88
CA TRP E 186 -8.56 -30.77 40.91
C TRP E 186 -9.42 -30.78 39.67
N ASN E 187 -8.89 -31.36 38.60
CA ASN E 187 -9.64 -31.54 37.37
C ASN E 187 -9.03 -32.71 36.60
N TYR E 188 -9.77 -33.18 35.60
CA TYR E 188 -9.34 -34.29 34.74
C TYR E 188 -9.07 -35.54 35.59
N VAL E 189 -10.09 -35.98 36.30
CA VAL E 189 -10.01 -37.14 37.19
C VAL E 189 -10.24 -38.43 36.44
N SER E 190 -9.42 -39.43 36.73
CA SER E 190 -9.69 -40.81 36.31
C SER E 190 -10.62 -41.46 37.32
N THR E 191 -11.37 -42.47 36.86
CA THR E 191 -12.20 -43.22 37.78
C THR E 191 -12.17 -44.70 37.48
N VAL E 192 -12.24 -45.49 38.55
CA VAL E 192 -12.15 -46.94 38.50
C VAL E 192 -13.35 -47.50 39.25
N ALA E 193 -14.08 -48.42 38.63
CA ALA E 193 -15.29 -48.97 39.23
C ALA E 193 -15.28 -50.48 39.11
N SER E 194 -15.63 -51.16 40.19
CA SER E 194 -15.89 -52.60 40.12
C SER E 194 -17.22 -52.89 39.45
N GLU E 195 -17.23 -53.93 38.61
CA GLU E 195 -18.46 -54.45 38.05
C GLU E 195 -19.45 -54.82 39.14
N GLY E 196 -20.72 -54.47 38.93
CA GLY E 196 -21.76 -54.71 39.90
C GLY E 196 -22.70 -53.53 40.02
N SER E 197 -23.33 -53.37 41.19
CA SER E 197 -24.29 -52.30 41.37
C SER E 197 -23.78 -51.22 42.31
N TYR E 198 -22.59 -51.40 42.88
CA TYR E 198 -21.92 -50.35 43.63
C TYR E 198 -21.08 -49.48 42.71
N GLY E 199 -20.13 -50.10 42.01
CA GLY E 199 -19.19 -49.37 41.18
C GLY E 199 -19.85 -48.72 39.99
N GLU E 200 -20.53 -49.48 39.15
CA GLU E 200 -21.06 -48.92 37.91
C GLU E 200 -22.15 -47.90 38.19
N SER E 201 -22.96 -48.12 39.23
CA SER E 201 -24.07 -47.24 39.57
C SER E 201 -23.66 -46.15 40.55
N GLY E 202 -22.40 -46.08 40.93
CA GLY E 202 -21.92 -44.99 41.75
C GLY E 202 -21.08 -44.09 40.88
N VAL E 203 -20.24 -44.71 40.03
CA VAL E 203 -19.48 -43.98 39.03
C VAL E 203 -20.39 -43.32 37.99
N GLU E 204 -21.54 -43.93 37.68
CA GLU E 204 -22.46 -43.24 36.77
C GLU E 204 -23.02 -41.97 37.41
N ALA E 205 -23.42 -42.05 38.68
CA ALA E 205 -23.90 -40.86 39.38
C ALA E 205 -22.80 -39.81 39.54
N PHE E 206 -21.56 -40.26 39.74
CA PHE E 206 -20.43 -39.34 39.78
C PHE E 206 -20.21 -38.63 38.45
N ILE E 207 -20.25 -39.37 37.35
CA ILE E 207 -20.08 -38.77 36.03
C ILE E 207 -21.23 -37.81 35.72
N GLN E 208 -22.46 -38.19 36.07
CA GLN E 208 -23.61 -37.31 35.88
C GLN E 208 -23.47 -36.01 36.66
N LYS E 209 -23.11 -36.10 37.94
CA LYS E 209 -22.92 -34.89 38.75
C LYS E 209 -21.62 -34.15 38.44
N SER E 210 -20.69 -34.76 37.71
CA SER E 210 -19.60 -34.00 37.09
C SER E 210 -20.11 -33.17 35.92
N ARG E 211 -20.90 -33.78 35.03
CA ARG E 211 -21.45 -33.02 33.91
C ARG E 211 -22.39 -31.91 34.38
N GLU E 212 -23.18 -32.18 35.41
CA GLU E 212 -24.16 -31.23 35.91
C GLU E 212 -23.52 -30.07 36.66
N ASP E 213 -22.78 -29.23 35.92
CA ASP E 213 -22.06 -28.09 36.49
C ASP E 213 -21.07 -28.50 37.58
N GLY E 214 -20.57 -29.72 37.53
CA GLY E 214 -19.62 -30.16 38.53
C GLY E 214 -18.22 -29.60 38.36
N GLY E 215 -17.95 -28.89 37.26
CA GLY E 215 -16.67 -28.26 37.04
C GLY E 215 -15.51 -29.22 36.83
N VAL E 216 -15.79 -30.51 36.76
CA VAL E 216 -14.79 -31.55 36.59
C VAL E 216 -15.20 -32.41 35.40
N CYS E 217 -14.23 -32.89 34.63
CA CYS E 217 -14.50 -33.75 33.49
C CYS E 217 -13.78 -35.08 33.64
N ILE E 218 -14.48 -36.14 33.27
CA ILE E 218 -13.96 -37.51 33.38
C ILE E 218 -12.81 -37.72 32.41
N ALA E 219 -11.66 -38.11 32.95
CA ALA E 219 -10.49 -38.36 32.12
C ALA E 219 -10.55 -39.75 31.48
N GLN E 220 -10.82 -40.78 32.29
CA GLN E 220 -10.90 -42.15 31.81
C GLN E 220 -11.63 -42.99 32.84
N SER E 221 -12.64 -43.73 32.40
CA SER E 221 -13.38 -44.66 33.24
C SER E 221 -13.01 -46.09 32.84
N VAL E 222 -12.72 -46.93 33.84
CA VAL E 222 -12.37 -48.32 33.62
C VAL E 222 -13.15 -49.20 34.60
N LYS E 223 -13.65 -50.32 34.10
CA LYS E 223 -14.46 -51.25 34.88
C LYS E 223 -13.63 -52.48 35.26
N ILE E 224 -13.51 -52.72 36.56
CA ILE E 224 -12.90 -53.96 37.05
C ILE E 224 -13.93 -55.08 37.03
N PRO E 225 -13.71 -56.12 36.22
CA PRO E 225 -14.66 -57.22 36.13
C PRO E 225 -14.80 -57.99 37.44
N ARG E 226 -15.94 -58.67 37.58
CA ARG E 226 -16.22 -59.42 38.80
C ARG E 226 -15.18 -60.49 39.07
N GLU E 227 -14.57 -61.03 38.02
CA GLU E 227 -13.58 -62.10 38.14
C GLU E 227 -12.33 -61.68 37.39
N PRO E 228 -11.45 -60.90 38.02
CA PRO E 228 -10.23 -60.48 37.35
C PRO E 228 -9.31 -61.66 37.08
N LYS E 229 -8.72 -61.67 35.89
CA LYS E 229 -7.88 -62.77 35.45
C LYS E 229 -6.54 -62.27 34.92
N ALA E 230 -5.51 -63.08 35.12
CA ALA E 230 -4.18 -62.86 34.56
C ALA E 230 -3.63 -61.48 34.95
N GLY E 231 -3.77 -61.14 36.22
CA GLY E 231 -3.25 -59.88 36.72
C GLY E 231 -3.87 -58.69 36.03
N GLU E 232 -5.20 -58.68 35.94
CA GLU E 232 -5.90 -57.60 35.24
C GLU E 232 -5.60 -56.24 35.85
N PHE E 233 -5.35 -56.20 37.16
CA PHE E 233 -5.07 -54.93 37.84
C PHE E 233 -3.80 -54.25 37.32
N ASP E 234 -2.82 -55.04 36.86
CA ASP E 234 -1.65 -54.45 36.23
C ASP E 234 -2.00 -53.71 34.94
N LYS E 235 -2.94 -54.24 34.16
CA LYS E 235 -3.40 -53.51 32.98
C LYS E 235 -4.36 -52.38 33.32
N ILE E 236 -5.09 -52.48 34.44
CA ILE E 236 -5.80 -51.34 35.00
C ILE E 236 -4.84 -50.18 35.28
N ILE E 237 -3.76 -50.48 36.00
CA ILE E 237 -2.75 -49.47 36.31
C ILE E 237 -2.10 -48.93 35.04
N ARG E 238 -1.79 -49.81 34.08
CA ARG E 238 -1.25 -49.34 32.81
C ARG E 238 -2.22 -48.40 32.11
N ARG E 239 -3.51 -48.74 32.08
CA ARG E 239 -4.49 -47.87 31.43
C ARG E 239 -4.53 -46.51 32.11
N LEU E 240 -4.59 -46.51 33.44
CA LEU E 240 -4.66 -45.25 34.18
C LEU E 240 -3.43 -44.41 33.99
N LEU E 241 -2.25 -45.03 33.85
CA LEU E 241 -1.02 -44.30 33.60
C LEU E 241 -0.95 -43.71 32.19
N GLU E 242 -1.73 -44.25 31.24
CA GLU E 242 -1.78 -43.65 29.91
C GLU E 242 -2.29 -42.22 29.96
N THR E 243 -3.32 -41.95 30.76
CA THR E 243 -3.72 -40.58 31.08
C THR E 243 -2.92 -40.02 32.26
N SER E 244 -1.59 -40.02 32.08
CA SER E 244 -0.68 -39.72 33.18
C SER E 244 -1.03 -38.43 33.90
N ASN E 245 -1.53 -37.43 33.17
CA ASN E 245 -1.91 -36.16 33.78
C ASN E 245 -3.11 -36.30 34.72
N ALA E 246 -3.91 -37.34 34.56
CA ALA E 246 -5.14 -37.53 35.32
C ALA E 246 -4.84 -38.11 36.70
N ARG E 247 -3.91 -37.46 37.41
CA ARG E 247 -3.29 -38.04 38.60
C ARG E 247 -4.29 -38.43 39.68
N ALA E 248 -5.46 -37.78 39.74
CA ALA E 248 -6.46 -38.12 40.75
C ALA E 248 -7.33 -39.28 40.26
N VAL E 249 -7.23 -40.42 40.94
CA VAL E 249 -8.00 -41.62 40.61
C VAL E 249 -9.08 -41.80 41.67
N ILE E 250 -10.34 -41.61 41.29
CA ILE E 250 -11.47 -41.68 42.21
C ILE E 250 -12.13 -43.05 42.03
N ILE E 251 -12.19 -43.82 43.12
CA ILE E 251 -12.27 -45.28 43.07
C ILE E 251 -13.49 -45.80 43.82
N PHE E 252 -14.32 -46.60 43.12
CA PHE E 252 -15.57 -47.19 43.62
C PHE E 252 -15.45 -48.69 43.50
N ALA E 253 -14.74 -49.33 44.44
CA ALA E 253 -14.53 -50.77 44.34
C ALA E 253 -14.42 -51.38 45.72
N ASN E 254 -14.80 -52.65 45.80
CA ASN E 254 -14.68 -53.45 47.02
C ASN E 254 -13.23 -53.56 47.49
N GLU E 255 -13.07 -53.88 48.77
CA GLU E 255 -11.76 -53.82 49.43
C GLU E 255 -10.77 -54.82 48.83
N ASP E 256 -11.26 -55.92 48.26
CA ASP E 256 -10.37 -56.82 47.51
C ASP E 256 -9.82 -56.13 46.26
N ASP E 257 -10.69 -55.42 45.54
CA ASP E 257 -10.24 -54.67 44.37
C ASP E 257 -9.35 -53.49 44.76
N ILE E 258 -9.60 -52.88 45.91
CA ILE E 258 -8.67 -51.86 46.41
C ILE E 258 -7.32 -52.47 46.71
N ARG E 259 -7.31 -53.58 47.46
CA ARG E 259 -6.07 -54.25 47.82
C ARG E 259 -5.25 -54.60 46.58
N ARG E 260 -5.90 -55.18 45.56
CA ARG E 260 -5.18 -55.62 44.37
C ARG E 260 -4.79 -54.47 43.44
N VAL E 261 -5.61 -53.41 43.34
CA VAL E 261 -5.23 -52.27 42.51
C VAL E 261 -4.09 -51.48 43.16
N LEU E 262 -4.07 -51.39 44.49
CA LEU E 262 -2.95 -50.72 45.16
C LEU E 262 -1.69 -51.58 45.14
N GLU E 263 -1.80 -52.89 45.31
CA GLU E 263 -0.64 -53.75 45.13
C GLU E 263 -0.10 -53.69 43.70
N ALA E 264 -0.98 -53.62 42.70
CA ALA E 264 -0.53 -53.44 41.33
C ALA E 264 0.17 -52.11 41.13
N ALA E 265 -0.36 -51.04 41.74
CA ALA E 265 0.31 -49.75 41.66
C ALA E 265 1.68 -49.80 42.32
N ARG E 266 1.80 -50.54 43.42
CA ARG E 266 3.11 -50.76 44.04
C ARG E 266 4.04 -51.51 43.10
N ARG E 267 3.53 -52.52 42.39
CA ARG E 267 4.37 -53.29 41.49
C ARG E 267 4.89 -52.46 40.31
N ALA E 268 4.15 -51.41 39.93
CA ALA E 268 4.55 -50.53 38.85
C ALA E 268 5.43 -49.38 39.31
N ASN E 269 5.84 -49.37 40.58
CA ASN E 269 6.70 -48.31 41.14
C ASN E 269 6.04 -46.94 41.00
N GLN E 270 4.72 -46.90 41.16
CA GLN E 270 3.94 -45.67 41.09
C GLN E 270 3.80 -44.99 42.44
N THR E 271 4.51 -45.46 43.46
CA THR E 271 4.33 -44.95 44.82
C THR E 271 4.60 -43.45 44.86
N GLY E 272 3.61 -42.70 45.35
CA GLY E 272 3.65 -41.25 45.34
C GLY E 272 3.17 -40.59 44.07
N HIS E 273 2.83 -41.36 43.03
CA HIS E 273 2.34 -40.74 41.79
C HIS E 273 0.86 -40.41 41.92
N PHE E 274 0.01 -41.43 41.91
CA PHE E 274 -1.44 -41.22 41.95
C PHE E 274 -1.86 -40.69 43.32
N PHE E 275 -2.93 -39.89 43.32
CA PHE E 275 -3.68 -39.61 44.54
C PHE E 275 -5.02 -40.34 44.45
N TRP E 276 -5.24 -41.26 45.39
CA TRP E 276 -6.47 -42.02 45.44
C TRP E 276 -7.55 -41.26 46.21
N MET E 277 -8.78 -41.36 45.71
CA MET E 277 -9.97 -40.89 46.40
C MET E 277 -10.93 -42.05 46.60
N GLY E 278 -11.04 -42.51 47.86
CA GLY E 278 -11.72 -43.75 48.17
C GLY E 278 -13.17 -43.52 48.56
N SER E 279 -14.06 -44.23 47.89
CA SER E 279 -15.45 -44.36 48.33
C SER E 279 -15.55 -45.13 49.64
N ASP E 280 -16.78 -45.24 50.14
CA ASP E 280 -17.02 -45.80 51.46
C ASP E 280 -16.71 -47.29 51.52
N SER E 281 -16.53 -47.93 50.37
CA SER E 281 -15.99 -49.28 50.34
C SER E 281 -14.57 -49.31 50.86
N TRP E 282 -13.85 -48.20 50.73
CA TRP E 282 -12.52 -48.04 51.31
C TRP E 282 -12.61 -47.57 52.76
N GLY E 283 -13.31 -46.46 53.01
CA GLY E 283 -13.56 -46.04 54.37
C GLY E 283 -12.28 -45.96 55.18
N SER E 284 -12.31 -46.56 56.37
CA SER E 284 -11.15 -46.64 57.23
C SER E 284 -10.75 -48.09 57.50
N LYS E 285 -11.11 -48.99 56.59
CA LYS E 285 -10.80 -50.40 56.74
C LYS E 285 -9.29 -50.59 56.79
N ILE E 286 -8.85 -51.59 57.57
CA ILE E 286 -7.42 -51.82 57.74
C ILE E 286 -6.82 -52.76 56.70
N ALA E 287 -7.65 -53.57 56.03
CA ALA E 287 -7.14 -54.54 55.06
C ALA E 287 -6.68 -53.91 53.75
N PRO E 288 -7.35 -52.86 53.24
CA PRO E 288 -6.79 -52.14 52.08
C PRO E 288 -5.44 -51.48 52.32
N VAL E 289 -4.99 -51.30 53.56
CA VAL E 289 -3.82 -50.48 53.82
C VAL E 289 -2.77 -51.19 54.66
N LEU E 290 -3.12 -52.33 55.25
CA LEU E 290 -2.15 -53.04 56.07
C LEU E 290 -1.02 -53.57 55.18
N HIS E 291 0.22 -53.35 55.63
CA HIS E 291 1.44 -53.72 54.90
C HIS E 291 1.51 -53.06 53.53
N LEU E 292 0.77 -51.96 53.33
CA LEU E 292 0.70 -51.31 52.03
C LEU E 292 0.64 -49.79 52.19
N GLU E 293 1.27 -49.27 53.24
CA GLU E 293 1.16 -47.86 53.58
C GLU E 293 1.85 -46.94 52.59
N GLU E 294 2.82 -47.46 51.82
CA GLU E 294 3.61 -46.61 50.95
C GLU E 294 2.74 -45.97 49.86
N VAL E 295 1.86 -46.75 49.25
CA VAL E 295 1.03 -46.22 48.18
C VAL E 295 -0.26 -45.58 48.72
N ALA E 296 -0.77 -46.08 49.85
CA ALA E 296 -2.05 -45.60 50.36
C ALA E 296 -1.96 -44.29 51.12
N GLU E 297 -0.75 -43.76 51.33
CA GLU E 297 -0.61 -42.50 52.05
C GLU E 297 -1.28 -41.37 51.28
N GLY E 298 -2.01 -40.54 52.02
CA GLY E 298 -2.71 -39.41 51.44
C GLY E 298 -3.99 -39.75 50.72
N ALA E 299 -4.43 -41.00 50.76
CA ALA E 299 -5.65 -41.41 50.07
C ALA E 299 -6.85 -40.86 50.81
N VAL E 300 -7.38 -39.74 50.32
CA VAL E 300 -8.57 -39.15 50.94
C VAL E 300 -9.76 -40.06 50.73
N THR E 301 -10.53 -40.28 51.79
CA THR E 301 -11.66 -41.19 51.75
C THR E 301 -12.86 -40.53 52.42
N ILE E 302 -14.05 -40.97 52.03
CA ILE E 302 -15.30 -40.48 52.60
C ILE E 302 -16.06 -41.64 53.20
N LEU E 303 -16.47 -41.49 54.45
CA LEU E 303 -17.22 -42.49 55.17
C LEU E 303 -18.47 -41.83 55.77
N PRO E 304 -19.54 -42.58 55.98
CA PRO E 304 -20.64 -42.07 56.80
C PRO E 304 -20.17 -41.80 58.21
N LYS E 305 -20.74 -40.76 58.82
CA LYS E 305 -20.29 -40.30 60.13
C LYS E 305 -20.46 -41.39 61.19
N ARG E 306 -19.38 -41.64 61.92
CA ARG E 306 -19.25 -42.80 62.79
C ARG E 306 -18.77 -42.33 64.15
N MET E 307 -19.14 -43.10 65.18
CA MET E 307 -18.51 -43.03 66.49
C MET E 307 -18.14 -44.43 66.95
N SER E 308 -16.95 -44.53 67.55
CA SER E 308 -16.46 -45.81 68.06
C SER E 308 -17.27 -46.20 69.30
N VAL E 309 -18.02 -47.29 69.19
CA VAL E 309 -18.96 -47.70 70.24
C VAL E 309 -18.20 -48.45 71.33
N ARG E 310 -17.99 -47.79 72.46
CA ARG E 310 -17.08 -48.28 73.49
C ARG E 310 -17.54 -49.63 74.03
N GLY E 311 -18.86 -49.81 74.20
CA GLY E 311 -19.37 -51.04 74.76
C GLY E 311 -19.00 -52.26 73.93
N PHE E 312 -19.17 -52.17 72.62
CA PHE E 312 -18.80 -53.29 71.76
C PHE E 312 -17.28 -53.52 71.78
N ASP E 313 -16.50 -52.44 71.87
CA ASP E 313 -15.05 -52.60 71.93
C ASP E 313 -14.64 -53.38 73.18
N ARG E 314 -15.23 -53.04 74.33
CA ARG E 314 -14.93 -53.75 75.56
C ARG E 314 -15.43 -55.18 75.50
N TYR E 315 -16.62 -55.39 74.94
CA TYR E 315 -17.19 -56.74 74.85
C TYR E 315 -16.32 -57.64 74.00
N PHE E 316 -15.84 -57.14 72.86
CA PHE E 316 -15.05 -57.96 71.95
C PHE E 316 -13.61 -58.13 72.46
N SER E 317 -13.06 -57.09 73.10
CA SER E 317 -11.71 -57.17 73.65
C SER E 317 -11.63 -58.10 74.85
N SER E 318 -12.57 -57.97 75.78
CA SER E 318 -12.58 -58.80 76.98
C SER E 318 -13.14 -60.19 76.75
N ARG E 319 -13.61 -60.47 75.54
CA ARG E 319 -14.12 -61.79 75.20
C ARG E 319 -13.04 -62.84 75.36
N THR E 320 -13.29 -63.85 76.18
CA THR E 320 -12.37 -64.97 76.35
C THR E 320 -12.59 -65.93 75.18
N LEU E 321 -12.29 -65.41 74.00
CA LEU E 321 -12.65 -66.03 72.73
C LEU E 321 -11.86 -67.32 72.46
N ASP E 322 -12.44 -68.14 71.59
CA ASP E 322 -12.02 -69.53 71.33
C ASP E 322 -12.18 -70.41 72.57
N ASN E 323 -12.75 -69.86 73.64
CA ASN E 323 -13.15 -70.65 74.80
C ASN E 323 -14.65 -70.81 74.90
N ASN E 324 -15.42 -69.73 74.73
CA ASN E 324 -16.86 -69.81 74.54
C ASN E 324 -17.16 -69.77 73.05
N ARG E 325 -17.80 -70.82 72.55
CA ARG E 325 -17.93 -71.11 71.13
C ARG E 325 -19.40 -71.11 70.71
N ARG E 326 -20.13 -70.06 71.09
CA ARG E 326 -21.54 -69.96 70.73
C ARG E 326 -21.73 -69.93 69.21
N ASN E 327 -20.98 -69.08 68.52
CA ASN E 327 -21.09 -69.04 67.06
C ASN E 327 -20.06 -69.96 66.41
N ILE E 328 -20.27 -70.22 65.11
CA ILE E 328 -19.53 -71.27 64.41
C ILE E 328 -18.17 -70.76 63.94
N TRP E 329 -18.17 -69.65 63.21
CA TRP E 329 -17.00 -69.18 62.47
C TRP E 329 -15.95 -68.55 63.37
N PHE E 330 -16.06 -68.75 64.69
CA PHE E 330 -15.17 -68.06 65.61
C PHE E 330 -13.77 -68.69 65.57
N ALA E 331 -13.70 -70.00 65.33
CA ALA E 331 -12.43 -70.72 65.31
C ALA E 331 -11.60 -70.29 64.12
N GLU E 332 -12.25 -70.07 62.97
CA GLU E 332 -11.52 -69.57 61.80
C GLU E 332 -10.90 -68.20 62.11
N PHE E 333 -11.61 -67.36 62.85
CA PHE E 333 -11.06 -66.06 63.20
C PHE E 333 -9.85 -66.21 64.11
N TRP E 334 -9.90 -67.12 65.09
CA TRP E 334 -8.70 -67.37 65.91
C TRP E 334 -7.55 -67.91 65.07
N GLU E 335 -7.84 -68.82 64.14
CA GLU E 335 -6.76 -69.43 63.37
C GLU E 335 -6.13 -68.42 62.40
N ASP E 336 -6.93 -67.52 61.83
CA ASP E 336 -6.40 -66.59 60.85
C ASP E 336 -5.80 -65.34 61.47
N ASN E 337 -6.29 -64.91 62.63
CA ASN E 337 -5.74 -63.72 63.27
C ASN E 337 -4.44 -64.01 64.01
N PHE E 338 -4.05 -65.28 64.14
CA PHE E 338 -2.82 -65.65 64.82
C PHE E 338 -2.02 -66.72 64.10
N HIS E 339 -2.46 -67.17 62.93
CA HIS E 339 -1.68 -68.06 62.06
C HIS E 339 -1.25 -69.32 62.80
N CYS E 340 -2.21 -69.96 63.46
CA CYS E 340 -1.95 -71.16 64.25
C CYS E 340 -3.12 -72.11 64.11
N LYS E 341 -2.85 -73.40 64.28
CA LYS E 341 -3.89 -74.40 64.25
C LYS E 341 -4.73 -74.34 65.53
N LEU E 342 -5.96 -74.85 65.43
CA LEU E 342 -6.87 -74.90 66.57
C LEU E 342 -6.27 -75.74 67.70
N TYR E 368 -5.97 -53.65 67.99
CA TYR E 368 -6.98 -53.76 66.95
C TYR E 368 -7.91 -52.56 67.00
N GLU E 369 -8.67 -52.37 65.93
CA GLU E 369 -9.69 -51.33 65.88
C GLU E 369 -10.93 -51.88 65.19
N GLN E 370 -12.09 -51.50 65.70
CA GLN E 370 -13.35 -52.01 65.17
C GLN E 370 -13.62 -51.48 63.78
N GLU E 371 -14.38 -52.25 63.01
CA GLU E 371 -14.70 -51.86 61.64
C GLU E 371 -15.66 -50.68 61.63
N GLY E 372 -15.68 -49.99 60.49
CA GLY E 372 -16.47 -48.76 60.39
C GLY E 372 -17.96 -48.99 60.48
N LYS E 373 -18.46 -50.03 59.81
CA LYS E 373 -19.90 -50.22 59.65
C LYS E 373 -20.58 -50.81 60.88
N VAL E 374 -19.83 -51.31 61.86
CA VAL E 374 -20.43 -52.09 62.94
C VAL E 374 -21.45 -51.24 63.71
N GLN E 375 -21.17 -49.94 63.87
CA GLN E 375 -22.12 -49.05 64.54
C GLN E 375 -23.41 -48.89 63.75
N PHE E 376 -23.35 -49.01 62.42
CA PHE E 376 -24.58 -49.11 61.63
C PHE E 376 -25.22 -50.48 61.75
N VAL E 377 -24.43 -51.53 61.91
CA VAL E 377 -25.00 -52.86 62.14
C VAL E 377 -25.87 -52.84 63.40
N ILE E 378 -25.29 -52.39 64.50
CA ILE E 378 -25.99 -52.33 65.78
C ILE E 378 -27.12 -51.31 65.74
N ASP E 379 -26.96 -50.21 65.00
CA ASP E 379 -28.08 -49.31 64.74
C ASP E 379 -29.22 -50.04 64.05
N ALA E 380 -28.91 -50.83 63.03
CA ALA E 380 -29.95 -51.58 62.32
C ALA E 380 -30.68 -52.53 63.27
N VAL E 381 -29.91 -53.31 64.04
CA VAL E 381 -30.53 -54.24 64.98
C VAL E 381 -31.43 -53.50 65.96
N TYR E 382 -30.90 -52.47 66.62
CA TYR E 382 -31.69 -51.65 67.53
C TYR E 382 -32.96 -51.12 66.85
N ALA E 383 -32.85 -50.71 65.59
CA ALA E 383 -34.02 -50.24 64.84
C ALA E 383 -35.08 -51.33 64.75
N MET E 384 -34.67 -52.51 64.29
CA MET E 384 -35.55 -53.68 64.26
C MET E 384 -36.26 -53.85 65.60
N GLY E 385 -35.47 -54.02 66.65
CA GLY E 385 -36.04 -54.22 67.98
C GLY E 385 -37.04 -53.15 68.37
N HIS E 386 -36.66 -51.88 68.21
CA HIS E 386 -37.52 -50.77 68.58
C HIS E 386 -38.82 -50.80 67.78
N ALA E 387 -38.73 -51.03 66.48
CA ALA E 387 -39.92 -51.17 65.64
C ALA E 387 -40.84 -52.26 66.20
N LEU E 388 -40.29 -53.45 66.44
CA LEU E 388 -41.09 -54.53 67.01
C LEU E 388 -41.73 -54.11 68.32
N HIS E 389 -40.97 -53.45 69.19
CA HIS E 389 -41.49 -52.94 70.45
C HIS E 389 -42.72 -52.06 70.22
N ALA E 390 -42.59 -51.08 69.34
CA ALA E 390 -43.71 -50.20 69.02
C ALA E 390 -44.91 -50.99 68.53
N MET E 391 -44.68 -51.91 67.59
CA MET E 391 -45.79 -52.72 67.08
C MET E 391 -46.48 -53.45 68.21
N HIS E 392 -45.70 -54.05 69.12
CA HIS E 392 -46.27 -54.73 70.27
C HIS E 392 -47.14 -53.78 71.09
N ARG E 393 -46.60 -52.60 71.41
CA ARG E 393 -47.33 -51.64 72.22
C ARG E 393 -48.53 -51.06 71.50
N ASP E 394 -48.65 -51.28 70.19
CA ASP E 394 -49.80 -50.83 69.44
C ASP E 394 -50.80 -51.94 69.14
N LEU E 395 -50.41 -53.19 69.31
CA LEU E 395 -51.26 -54.33 68.99
C LEU E 395 -51.70 -55.14 70.20
N CYS E 396 -50.88 -55.19 71.24
CA CYS E 396 -51.23 -55.89 72.48
C CYS E 396 -50.58 -55.17 73.65
N PRO E 397 -51.10 -53.99 74.00
CA PRO E 397 -50.52 -53.24 75.12
C PRO E 397 -50.72 -53.95 76.45
N GLY E 398 -49.77 -53.75 77.36
CA GLY E 398 -49.84 -54.30 78.69
C GLY E 398 -49.47 -55.77 78.82
N ARG E 399 -49.54 -56.53 77.73
CA ARG E 399 -49.24 -57.96 77.78
C ARG E 399 -47.74 -58.15 77.57
N VAL E 400 -47.03 -58.40 78.67
CA VAL E 400 -45.60 -58.69 78.58
C VAL E 400 -45.39 -60.06 77.93
N GLY E 401 -44.23 -60.25 77.32
CA GLY E 401 -43.95 -61.46 76.59
C GLY E 401 -44.51 -61.42 75.19
N LEU E 402 -44.35 -62.55 74.50
CA LEU E 402 -44.79 -62.67 73.11
C LEU E 402 -46.30 -62.86 73.10
N CYS E 403 -47.03 -61.79 72.85
CA CYS E 403 -48.48 -61.86 72.75
C CYS E 403 -48.87 -62.59 71.47
N PRO E 404 -50.09 -63.13 71.41
CA PRO E 404 -50.48 -63.92 70.23
C PRO E 404 -50.41 -63.15 68.91
N ARG E 405 -50.57 -61.82 68.95
CA ARG E 405 -50.53 -61.03 67.72
C ARG E 405 -49.11 -60.93 67.14
N MET E 406 -48.09 -61.17 67.96
CA MET E 406 -46.71 -61.14 67.47
C MET E 406 -46.23 -62.47 66.92
N ASP E 407 -47.08 -63.50 66.92
CA ASP E 407 -46.68 -64.77 66.30
C ASP E 407 -46.81 -64.70 64.78
N PRO E 408 -47.94 -64.23 64.22
CA PRO E 408 -48.01 -64.04 62.75
C PRO E 408 -47.57 -62.64 62.33
N VAL E 409 -46.34 -62.27 62.72
CA VAL E 409 -45.82 -60.97 62.33
C VAL E 409 -45.65 -60.91 60.82
N ASP E 410 -46.19 -59.86 60.22
CA ASP E 410 -46.19 -59.70 58.77
C ASP E 410 -45.38 -58.47 58.38
N GLY E 411 -44.76 -58.54 57.21
CA GLY E 411 -43.93 -57.43 56.75
C GLY E 411 -44.71 -56.18 56.46
N THR E 412 -45.96 -56.31 55.99
CA THR E 412 -46.73 -55.15 55.57
C THR E 412 -46.95 -54.18 56.73
N GLN E 413 -47.30 -54.69 57.91
CA GLN E 413 -47.54 -53.82 59.05
C GLN E 413 -46.24 -53.37 59.70
N LEU E 414 -45.27 -54.28 59.83
CA LEU E 414 -43.99 -53.94 60.45
C LEU E 414 -43.21 -52.92 59.63
N LEU E 415 -43.48 -52.82 58.32
CA LEU E 415 -42.72 -51.91 57.48
C LEU E 415 -42.94 -50.46 57.91
N LYS E 416 -44.19 -50.11 58.27
CA LYS E 416 -44.46 -48.74 58.70
C LYS E 416 -43.72 -48.40 59.99
N TYR E 417 -43.75 -49.32 60.96
CA TYR E 417 -43.03 -49.08 62.21
C TYR E 417 -41.53 -49.02 61.99
N ILE E 418 -41.02 -49.80 61.05
CA ILE E 418 -39.61 -49.69 60.68
C ILE E 418 -39.33 -48.30 60.09
N ARG E 419 -40.23 -47.81 59.24
CA ARG E 419 -40.00 -46.55 58.56
C ARG E 419 -40.00 -45.37 59.54
N ASN E 420 -41.00 -45.28 60.41
CA ASN E 420 -41.15 -44.10 61.24
C ASN E 420 -40.46 -44.20 62.58
N VAL E 421 -39.67 -45.25 62.82
CA VAL E 421 -39.03 -45.42 64.12
C VAL E 421 -37.99 -44.33 64.34
N ASN E 422 -37.83 -43.91 65.59
CA ASN E 422 -36.85 -42.90 65.96
C ASN E 422 -36.37 -43.21 67.37
N PHE E 423 -35.08 -43.51 67.52
CA PHE E 423 -34.57 -43.98 68.81
C PHE E 423 -33.20 -43.42 69.15
N SER E 424 -32.75 -42.37 68.46
CA SER E 424 -31.58 -41.57 68.81
C SER E 424 -30.27 -42.37 68.84
N GLY E 425 -30.31 -43.64 68.45
CA GLY E 425 -29.07 -44.38 68.23
C GLY E 425 -28.28 -44.74 69.47
N ILE E 426 -27.25 -45.57 69.28
CA ILE E 426 -26.43 -46.06 70.39
C ILE E 426 -25.45 -44.98 70.86
N ALA E 427 -25.04 -44.07 69.96
CA ALA E 427 -24.09 -43.03 70.30
C ALA E 427 -24.65 -41.63 70.04
N GLY E 428 -25.97 -41.48 70.06
CA GLY E 428 -26.60 -40.19 69.97
C GLY E 428 -26.86 -39.69 68.57
N ASN E 429 -26.43 -40.41 67.55
CA ASN E 429 -26.79 -40.05 66.18
C ASN E 429 -28.26 -40.38 65.96
N PRO E 430 -29.05 -39.45 65.44
CA PRO E 430 -30.48 -39.74 65.21
C PRO E 430 -30.65 -40.80 64.12
N VAL E 431 -31.52 -41.76 64.38
CA VAL E 431 -31.85 -42.80 63.42
C VAL E 431 -33.29 -42.60 62.99
N THR E 432 -33.47 -42.26 61.71
CA THR E 432 -34.78 -42.05 61.13
C THR E 432 -34.74 -42.46 59.67
N PHE E 433 -35.92 -42.72 59.10
CA PHE E 433 -36.05 -43.15 57.73
C PHE E 433 -37.01 -42.22 57.00
N ASN E 434 -36.67 -41.85 55.77
CA ASN E 434 -37.54 -41.05 54.93
C ASN E 434 -38.58 -41.96 54.29
N GLU E 435 -39.31 -41.43 53.30
CA GLU E 435 -40.34 -42.22 52.64
C GLU E 435 -39.73 -43.42 51.91
N ASN E 436 -38.57 -43.23 51.28
CA ASN E 436 -37.89 -44.31 50.58
C ASN E 436 -37.09 -45.21 51.51
N GLY E 437 -36.99 -44.86 52.79
CA GLY E 437 -36.28 -45.70 53.73
C GLY E 437 -34.77 -45.55 53.72
N ASP E 438 -34.28 -44.33 53.52
CA ASP E 438 -32.84 -44.08 53.52
C ASP E 438 -32.47 -43.15 54.68
N ALA E 439 -31.28 -43.38 55.23
CA ALA E 439 -30.77 -42.56 56.31
C ALA E 439 -30.37 -41.18 55.79
N PRO E 440 -30.26 -40.19 56.68
CA PRO E 440 -29.88 -38.85 56.24
C PRO E 440 -28.43 -38.81 55.76
N GLY E 441 -28.20 -38.03 54.71
CA GLY E 441 -26.89 -37.98 54.10
C GLY E 441 -25.93 -37.07 54.84
N ARG E 442 -25.11 -37.67 55.71
CA ARG E 442 -24.04 -36.96 56.39
C ARG E 442 -22.80 -37.83 56.38
N TYR E 443 -21.65 -37.22 56.10
CA TYR E 443 -20.40 -37.95 55.88
C TYR E 443 -19.25 -37.31 56.65
N ASP E 444 -18.30 -38.17 57.04
CA ASP E 444 -17.00 -37.75 57.52
C ASP E 444 -15.96 -37.95 56.42
N ILE E 445 -14.96 -37.07 56.40
CA ILE E 445 -13.93 -37.06 55.36
C ILE E 445 -12.58 -37.37 56.00
N TYR E 446 -11.96 -38.45 55.54
CA TYR E 446 -10.75 -38.99 56.14
C TYR E 446 -9.58 -38.87 55.17
N GLN E 447 -8.37 -38.88 55.73
CA GLN E 447 -7.17 -39.04 54.92
C GLN E 447 -6.24 -40.04 55.60
N TYR E 448 -5.58 -40.86 54.80
CA TYR E 448 -4.64 -41.86 55.31
C TYR E 448 -3.27 -41.19 55.46
N GLN E 449 -2.97 -40.72 56.67
CA GLN E 449 -1.76 -39.97 56.94
C GLN E 449 -0.83 -40.77 57.84
N LEU E 450 0.35 -41.09 57.34
CA LEU E 450 1.31 -41.88 58.12
C LEU E 450 2.21 -40.96 58.94
N ARG E 451 2.39 -41.34 60.21
CA ARG E 451 3.29 -40.63 61.13
C ARG E 451 2.96 -39.14 61.21
N ALA E 455 -2.31 -47.63 58.98
CA ALA E 455 -3.39 -47.77 59.95
C ALA E 455 -3.82 -46.43 60.52
N GLU E 456 -3.08 -45.38 60.14
CA GLU E 456 -3.21 -44.07 60.76
C GLU E 456 -4.12 -43.17 59.94
N TYR E 457 -5.40 -43.52 59.92
CA TYR E 457 -6.39 -42.61 59.35
C TYR E 457 -6.64 -41.45 60.31
N LYS E 458 -7.23 -40.38 59.78
CA LYS E 458 -7.50 -39.21 60.60
C LYS E 458 -8.58 -38.36 59.94
N VAL E 459 -9.31 -37.61 60.78
CA VAL E 459 -10.34 -36.72 60.28
C VAL E 459 -9.70 -35.52 59.62
N ILE E 460 -10.18 -35.16 58.43
CA ILE E 460 -9.77 -33.92 57.77
C ILE E 460 -10.93 -33.02 57.42
N GLY E 461 -12.17 -33.50 57.51
CA GLY E 461 -13.31 -32.64 57.29
C GLY E 461 -14.60 -33.41 57.46
N SER E 462 -15.70 -32.73 57.17
CA SER E 462 -17.02 -33.34 57.22
C SER E 462 -17.87 -32.78 56.09
N TRP E 463 -18.68 -33.64 55.47
CA TRP E 463 -19.55 -33.22 54.37
C TRP E 463 -20.98 -33.55 54.74
N THR E 464 -21.79 -32.52 54.93
CA THR E 464 -23.25 -32.68 54.92
C THR E 464 -23.85 -31.37 54.39
N ASP E 465 -24.01 -31.32 53.07
CA ASP E 465 -24.55 -30.16 52.37
C ASP E 465 -23.70 -28.90 52.56
N HIS E 466 -22.56 -29.00 53.24
CA HIS E 466 -21.78 -27.83 53.63
C HIS E 466 -20.32 -27.85 53.18
N LEU E 467 -19.78 -29.00 52.79
CA LEU E 467 -18.40 -29.11 52.31
C LEU E 467 -17.37 -28.64 53.34
N HIS E 468 -17.60 -28.95 54.61
CA HIS E 468 -16.77 -28.41 55.69
C HIS E 468 -15.42 -29.14 55.73
N LEU E 469 -14.54 -28.77 54.80
CA LEU E 469 -13.19 -29.31 54.84
C LEU E 469 -12.32 -28.51 55.80
N ARG E 470 -11.10 -29.02 56.01
CA ARG E 470 -10.09 -28.32 56.80
C ARG E 470 -8.75 -28.59 56.12
N ILE E 471 -8.35 -27.71 55.19
CA ILE E 471 -7.08 -27.90 54.48
C ILE E 471 -5.88 -27.82 55.41
N GLU E 472 -5.92 -26.92 56.41
CA GLU E 472 -4.82 -26.82 57.36
C GLU E 472 -4.72 -28.04 58.27
N ARG E 473 -5.72 -28.91 58.29
CA ARG E 473 -5.70 -30.13 59.10
C ARG E 473 -4.88 -31.22 58.41
N MET E 474 -3.61 -30.90 58.18
CA MET E 474 -2.62 -31.81 57.58
C MET E 474 -3.19 -32.59 56.40
N HIS E 475 -3.57 -31.85 55.36
CA HIS E 475 -4.27 -32.39 54.21
C HIS E 475 -3.35 -32.73 53.04
N TRP E 476 -2.04 -32.59 53.19
CA TRP E 476 -1.17 -32.75 52.03
C TRP E 476 -1.12 -34.23 51.64
N PRO E 477 -1.39 -34.56 50.38
CA PRO E 477 -1.39 -35.98 49.98
C PRO E 477 -0.01 -36.60 49.88
N GLY E 478 0.82 -36.41 50.91
CA GLY E 478 2.03 -37.19 51.07
C GLY E 478 3.22 -36.75 50.26
N SER E 479 3.05 -35.85 49.30
CA SER E 479 4.15 -35.41 48.45
C SER E 479 4.00 -33.93 48.13
N GLY E 480 5.12 -33.27 47.91
CA GLY E 480 5.10 -31.86 47.58
C GLY E 480 4.58 -31.01 48.73
N GLN E 481 3.91 -29.92 48.38
CA GLN E 481 3.30 -29.05 49.38
C GLN E 481 2.05 -28.42 48.80
N GLN E 482 1.12 -28.10 49.70
CA GLN E 482 -0.13 -27.41 49.37
C GLN E 482 -0.92 -28.16 48.30
N LEU E 483 -1.31 -29.39 48.64
CA LEU E 483 -2.31 -30.15 47.91
C LEU E 483 -2.00 -30.21 46.42
N PRO E 484 -1.03 -31.03 46.00
CA PRO E 484 -0.69 -31.10 44.58
C PRO E 484 -1.90 -31.52 43.75
N ARG E 485 -1.96 -31.01 42.52
CA ARG E 485 -3.17 -30.99 41.73
C ARG E 485 -2.99 -31.82 40.46
N SER E 486 -4.06 -32.54 40.09
CA SER E 486 -4.25 -33.01 38.72
C SER E 486 -4.93 -31.93 37.89
N ILE E 487 -4.39 -31.66 36.71
CA ILE E 487 -4.98 -30.68 35.81
C ILE E 487 -4.59 -31.05 34.39
N CYS E 488 -5.55 -30.91 33.47
CA CYS E 488 -5.35 -31.36 32.10
C CYS E 488 -4.49 -30.40 31.28
N SER E 489 -4.54 -29.10 31.58
CA SER E 489 -3.73 -28.14 30.84
C SER E 489 -3.49 -26.91 31.71
N LEU E 490 -2.23 -26.49 31.78
CA LEU E 490 -1.87 -25.39 32.66
C LEU E 490 -2.35 -24.07 32.06
N PRO E 491 -2.45 -23.02 32.87
CA PRO E 491 -2.77 -21.70 32.31
C PRO E 491 -1.62 -21.15 31.50
N CYS E 492 -1.96 -20.28 30.55
CA CYS E 492 -0.97 -19.64 29.68
C CYS E 492 -1.14 -18.12 29.77
N GLN E 493 -0.41 -17.51 30.71
CA GLN E 493 -0.60 -16.10 31.02
C GLN E 493 -0.33 -15.15 29.86
N PRO E 494 0.68 -15.35 29.00
CA PRO E 494 0.90 -14.39 27.90
C PRO E 494 -0.29 -14.22 26.97
N GLY E 495 -1.09 -15.26 26.76
CA GLY E 495 -2.33 -15.09 26.02
C GLY E 495 -2.36 -15.92 24.76
N GLU E 496 -3.52 -16.49 24.47
CA GLU E 496 -3.63 -17.59 23.51
C GLU E 496 -4.68 -17.26 22.46
N ARG E 497 -4.38 -17.64 21.22
CA ARG E 497 -5.20 -17.24 20.07
C ARG E 497 -6.68 -17.57 20.29
N LYS E 498 -6.97 -18.70 20.93
CA LYS E 498 -8.31 -18.99 21.41
C LYS E 498 -8.33 -19.72 22.74
N LYS E 499 -7.17 -20.01 23.33
CA LYS E 499 -7.03 -21.04 24.36
C LYS E 499 -7.97 -22.22 24.10
N THR E 500 -7.90 -22.74 22.87
CA THR E 500 -9.03 -23.45 22.30
C THR E 500 -9.38 -24.70 23.09
N VAL E 501 -10.61 -24.72 23.62
CA VAL E 501 -11.12 -25.90 24.31
C VAL E 501 -11.55 -26.93 23.28
N LYS E 502 -11.45 -28.21 23.64
CA LYS E 502 -12.04 -29.24 22.81
C LYS E 502 -13.52 -29.39 23.20
N GLY E 503 -14.17 -30.47 22.75
CA GLY E 503 -15.55 -30.69 23.14
C GLY E 503 -15.80 -30.88 24.63
N MET E 504 -14.91 -31.59 25.30
CA MET E 504 -14.89 -31.59 26.77
C MET E 504 -14.43 -30.21 27.25
N PRO E 505 -15.27 -29.45 27.96
CA PRO E 505 -14.95 -28.06 28.32
C PRO E 505 -13.92 -27.85 29.44
N CYS E 506 -13.54 -28.87 30.20
CA CYS E 506 -12.63 -28.63 31.33
C CYS E 506 -11.14 -28.58 30.93
N CYS E 507 -10.80 -28.56 29.66
CA CYS E 507 -9.41 -28.58 29.24
C CYS E 507 -9.28 -27.89 27.89
N TRP E 508 -8.09 -27.38 27.61
CA TRP E 508 -7.86 -26.49 26.48
C TRP E 508 -6.49 -26.74 25.89
N HIS E 509 -6.35 -26.41 24.60
CA HIS E 509 -5.05 -26.29 23.96
C HIS E 509 -4.67 -24.82 23.87
N CYS E 510 -3.44 -24.51 24.26
CA CYS E 510 -2.90 -23.15 24.20
C CYS E 510 -2.21 -22.94 22.86
N GLU E 511 -2.86 -22.18 21.96
CA GLU E 511 -2.19 -21.64 20.78
C GLU E 511 -1.89 -20.18 21.02
N PRO E 512 -0.62 -19.79 21.11
CA PRO E 512 -0.27 -18.45 21.59
C PRO E 512 -0.63 -17.34 20.61
N CYS E 513 -0.83 -16.15 21.16
CA CYS E 513 -0.99 -14.94 20.36
C CYS E 513 0.33 -14.51 19.74
N THR E 514 0.93 -15.39 18.94
CA THR E 514 2.15 -15.03 18.23
C THR E 514 1.86 -14.05 17.11
N GLY E 515 2.82 -13.17 16.85
CA GLY E 515 2.69 -12.24 15.76
C GLY E 515 1.69 -11.13 16.04
N TYR E 516 1.27 -10.50 14.93
CA TYR E 516 0.51 -9.26 14.98
C TYR E 516 -0.87 -9.46 15.62
N GLN E 517 -1.36 -10.70 15.65
CA GLN E 517 -2.58 -11.08 16.37
C GLN E 517 -2.34 -11.22 17.88
N TYR E 518 -2.18 -10.08 18.54
CA TYR E 518 -2.10 -10.08 20.00
C TYR E 518 -3.10 -9.09 20.57
N GLN E 519 -3.72 -9.47 21.69
CA GLN E 519 -4.48 -8.56 22.53
C GLN E 519 -4.49 -9.08 23.95
N VAL E 520 -4.97 -8.24 24.87
CA VAL E 520 -5.33 -8.64 26.23
C VAL E 520 -6.57 -9.54 26.28
N ASP E 521 -7.13 -9.89 25.12
CA ASP E 521 -8.24 -10.85 25.09
C ASP E 521 -7.71 -12.24 25.42
N ARG E 522 -8.14 -12.78 26.57
CA ARG E 522 -7.69 -14.11 26.98
C ARG E 522 -8.33 -15.22 26.14
N TYR E 523 -9.51 -14.99 25.57
CA TYR E 523 -10.32 -16.09 25.05
C TYR E 523 -10.38 -16.16 23.53
N THR E 524 -10.17 -15.04 22.84
CA THR E 524 -10.03 -15.08 21.38
C THR E 524 -9.19 -13.88 20.96
N CYS E 525 -8.03 -14.16 20.39
CA CYS E 525 -7.03 -13.13 20.14
C CYS E 525 -7.26 -12.48 18.78
N LYS E 526 -6.90 -11.21 18.67
CA LYS E 526 -7.22 -10.44 17.49
C LYS E 526 -6.09 -9.45 17.23
N THR E 527 -6.03 -8.97 15.98
CA THR E 527 -5.00 -7.99 15.64
C THR E 527 -5.27 -6.66 16.34
N CYS E 528 -4.21 -6.06 16.86
CA CYS E 528 -4.17 -4.63 17.11
C CYS E 528 -4.35 -3.85 15.79
N PRO E 529 -4.96 -2.67 15.80
CA PRO E 529 -5.15 -1.95 14.56
C PRO E 529 -3.82 -1.45 13.94
N TYR E 530 -3.92 -0.95 12.70
CA TYR E 530 -2.82 -0.15 12.14
C TYR E 530 -2.47 1.03 13.04
N ASP E 531 -1.21 1.47 12.91
CA ASP E 531 -0.59 2.59 13.62
C ASP E 531 -0.48 2.38 15.12
N MET E 532 -0.67 1.16 15.60
CA MET E 532 -0.76 0.90 17.05
C MET E 532 -0.08 -0.46 17.19
N ARG E 533 1.18 -0.49 17.65
CA ARG E 533 1.89 -1.78 17.66
C ARG E 533 1.36 -2.69 18.76
N PRO E 534 1.53 -4.01 18.60
CA PRO E 534 1.16 -4.95 19.65
C PRO E 534 2.23 -5.05 20.74
N THR E 535 1.93 -5.85 21.75
CA THR E 535 2.94 -6.47 22.61
C THR E 535 2.27 -7.64 23.30
N GLU E 536 2.67 -8.87 22.95
CA GLU E 536 2.03 -10.07 23.52
C GLU E 536 2.47 -10.29 24.96
N ASN E 537 2.24 -9.25 25.77
CA ASN E 537 2.49 -9.25 27.20
C ASN E 537 1.35 -8.49 27.87
N ARG E 538 1.52 -8.21 29.16
CA ARG E 538 0.48 -7.56 29.95
C ARG E 538 0.21 -6.11 29.51
N THR E 539 1.06 -5.55 28.65
CA THR E 539 1.03 -4.12 28.38
C THR E 539 -0.20 -3.72 27.57
N GLY E 540 -0.76 -4.64 26.78
CA GLY E 540 -1.63 -4.24 25.69
C GLY E 540 -0.87 -3.76 24.47
N CYS E 541 -1.64 -3.40 23.44
CA CYS E 541 -1.08 -2.79 22.24
C CYS E 541 -0.41 -1.46 22.60
N ARG E 542 0.48 -0.99 21.72
CA ARG E 542 1.37 0.12 22.05
C ARG E 542 1.54 1.02 20.85
N PRO E 543 1.91 2.28 21.05
CA PRO E 543 2.12 3.19 19.91
C PRO E 543 3.27 2.76 19.01
N ILE E 544 3.01 2.75 17.71
CA ILE E 544 4.08 2.45 16.74
C ILE E 544 5.07 3.61 16.74
N PRO E 545 6.38 3.36 16.70
CA PRO E 545 7.33 4.47 16.52
C PRO E 545 7.12 5.16 15.19
N ILE E 546 7.16 6.50 15.21
CA ILE E 546 6.97 7.31 14.02
C ILE E 546 8.29 8.00 13.72
N ILE E 547 8.80 7.78 12.50
CA ILE E 547 10.10 8.28 12.09
C ILE E 547 9.93 9.56 11.30
N LYS E 548 10.71 10.58 11.64
CA LYS E 548 10.76 11.83 10.90
C LYS E 548 12.19 12.12 10.48
N LEU E 549 12.35 12.97 9.47
CA LEU E 549 13.67 13.42 9.05
C LEU E 549 14.12 14.61 9.91
N GLU E 550 14.24 14.34 11.20
CA GLU E 550 14.60 15.37 12.16
C GLU E 550 16.03 15.85 11.90
N TRP E 551 16.27 17.12 12.24
CA TRP E 551 17.56 17.75 12.00
C TRP E 551 18.69 17.06 12.76
N GLY E 552 18.37 16.38 13.87
CA GLY E 552 19.40 15.64 14.58
C GLY E 552 19.86 14.38 13.90
N SER E 553 19.17 13.94 12.86
CA SER E 553 19.54 12.72 12.18
C SER E 553 20.87 12.90 11.44
N PRO E 554 21.76 11.90 11.47
CA PRO E 554 22.93 11.94 10.60
C PRO E 554 22.59 11.88 9.11
N TRP E 555 21.39 11.46 8.75
CA TRP E 555 21.02 11.37 7.35
C TRP E 555 20.67 12.73 6.74
N ALA E 556 20.46 13.75 7.57
CA ALA E 556 20.14 15.09 7.08
C ALA E 556 21.33 16.03 7.04
N VAL E 557 22.47 15.64 7.65
CA VAL E 557 23.59 16.56 7.72
C VAL E 557 24.21 16.78 6.35
N LEU E 558 24.17 15.76 5.47
CA LEU E 558 24.69 15.96 4.11
C LEU E 558 23.87 17.00 3.34
N PRO E 559 22.54 16.89 3.26
CA PRO E 559 21.78 17.98 2.62
C PRO E 559 21.94 19.31 3.34
N LEU E 560 22.01 19.29 4.67
CA LEU E 560 22.21 20.53 5.41
C LEU E 560 23.50 21.23 4.99
N PHE E 561 24.60 20.47 4.97
CA PHE E 561 25.90 21.03 4.63
C PHE E 561 25.94 21.50 3.18
N LEU E 562 25.41 20.69 2.25
CA LEU E 562 25.42 21.09 0.85
C LEU E 562 24.60 22.35 0.65
N ALA E 563 23.42 22.43 1.27
CA ALA E 563 22.58 23.61 1.13
C ALA E 563 23.24 24.85 1.73
N VAL E 564 23.89 24.70 2.89
CA VAL E 564 24.46 25.88 3.53
C VAL E 564 25.68 26.38 2.75
N VAL E 565 26.51 25.47 2.24
CA VAL E 565 27.64 25.94 1.44
C VAL E 565 27.16 26.53 0.11
N GLY E 566 26.07 26.00 -0.45
CA GLY E 566 25.53 26.59 -1.66
C GLY E 566 24.97 27.98 -1.42
N ILE E 567 24.28 28.17 -0.29
CA ILE E 567 23.76 29.49 0.05
C ILE E 567 24.91 30.47 0.26
N ALA E 568 25.98 30.03 0.93
CA ALA E 568 27.14 30.90 1.12
C ALA E 568 27.76 31.29 -0.22
N ALA E 569 27.93 30.31 -1.12
CA ALA E 569 28.50 30.62 -2.42
C ALA E 569 27.62 31.57 -3.21
N THR E 570 26.30 31.34 -3.19
CA THR E 570 25.39 32.20 -3.93
C THR E 570 25.44 33.63 -3.38
N LEU E 571 25.42 33.78 -2.06
CA LEU E 571 25.48 35.12 -1.48
C LEU E 571 26.81 35.80 -1.80
N PHE E 572 27.90 35.02 -1.83
CA PHE E 572 29.20 35.60 -2.18
C PHE E 572 29.20 36.12 -3.61
N VAL E 573 28.67 35.32 -4.54
CA VAL E 573 28.62 35.75 -5.94
C VAL E 573 27.70 36.95 -6.10
N VAL E 574 26.57 36.96 -5.38
CA VAL E 574 25.66 38.10 -5.43
C VAL E 574 26.37 39.37 -4.97
N ILE E 575 27.08 39.30 -3.84
CA ILE E 575 27.73 40.51 -3.34
C ILE E 575 28.94 40.89 -4.16
N THR E 576 29.51 39.94 -4.91
CA THR E 576 30.60 40.27 -5.82
C THR E 576 30.07 41.03 -7.04
N PHE E 577 28.97 40.56 -7.62
CA PHE E 577 28.38 41.33 -8.72
C PHE E 577 27.87 42.67 -8.22
N VAL E 578 27.21 42.70 -7.06
CA VAL E 578 26.63 43.94 -6.53
C VAL E 578 27.70 44.99 -6.33
N ARG E 579 28.87 44.62 -5.80
CA ARG E 579 29.91 45.62 -5.62
C ARG E 579 30.84 45.78 -6.81
N TYR E 580 30.80 44.87 -7.79
CA TYR E 580 31.52 45.04 -9.04
C TYR E 580 30.59 45.17 -10.24
N ASN E 581 29.48 45.87 -10.07
CA ASN E 581 28.34 45.92 -10.99
C ASN E 581 28.64 46.70 -12.28
N ASP E 582 29.90 47.07 -12.51
CA ASP E 582 30.25 47.98 -13.58
C ASP E 582 31.50 47.57 -14.35
N THR E 583 32.13 46.45 -14.02
CA THR E 583 33.29 46.00 -14.78
C THR E 583 32.85 45.16 -15.98
N PRO E 584 33.54 45.33 -17.12
CA PRO E 584 33.07 44.73 -18.37
C PRO E 584 32.75 43.24 -18.36
N ILE E 585 33.26 42.48 -17.38
CA ILE E 585 32.86 41.08 -17.32
C ILE E 585 31.50 40.86 -16.66
N VAL E 586 31.08 41.72 -15.73
CA VAL E 586 29.68 41.66 -15.30
C VAL E 586 28.75 42.24 -16.35
N LYS E 587 29.26 43.14 -17.19
CA LYS E 587 28.54 43.53 -18.40
C LYS E 587 28.33 42.34 -19.31
N ALA E 588 29.42 41.61 -19.60
CA ALA E 588 29.32 40.41 -20.43
C ALA E 588 28.40 39.35 -19.83
N SER E 589 28.26 39.33 -18.50
CA SER E 589 27.35 38.39 -17.85
C SER E 589 25.87 38.77 -17.99
N GLY E 590 25.56 39.88 -18.63
CA GLY E 590 24.19 40.26 -18.87
C GLY E 590 23.51 41.01 -17.74
N ARG E 591 24.23 41.25 -16.63
CA ARG E 591 23.66 41.87 -15.43
C ARG E 591 22.39 41.19 -14.93
N GLU E 592 21.29 41.95 -14.86
CA GLU E 592 20.20 41.56 -14.00
C GLU E 592 19.58 40.22 -14.41
N LEU E 593 19.63 39.86 -15.69
CA LEU E 593 19.26 38.50 -16.07
C LEU E 593 20.11 37.46 -15.37
N SER E 594 21.39 37.77 -15.15
CA SER E 594 22.25 36.88 -14.37
C SER E 594 21.90 36.93 -12.90
N TYR E 595 21.48 38.11 -12.40
CA TYR E 595 21.01 38.16 -11.03
C TYR E 595 19.75 37.32 -10.82
N VAL E 596 18.87 37.30 -11.83
CA VAL E 596 17.69 36.43 -11.80
C VAL E 596 18.10 34.96 -11.78
N LEU E 597 19.06 34.59 -12.62
CA LEU E 597 19.57 33.22 -12.60
C LEU E 597 20.11 32.85 -11.22
N LEU E 598 20.93 33.73 -10.65
CA LEU E 598 21.60 33.41 -9.39
C LEU E 598 20.64 33.40 -8.21
N ALA E 599 19.61 34.26 -8.23
CA ALA E 599 18.54 34.14 -7.24
C ALA E 599 17.74 32.86 -7.43
N GLY E 600 17.60 32.40 -8.67
CA GLY E 600 16.97 31.10 -8.90
C GLY E 600 17.78 29.98 -8.29
N ILE E 601 19.10 30.03 -8.44
CA ILE E 601 19.97 29.06 -7.77
C ILE E 601 19.81 29.15 -6.26
N PHE E 602 19.75 30.37 -5.71
CA PHE E 602 19.52 30.53 -4.28
C PHE E 602 18.22 29.85 -3.83
N LEU E 603 17.15 30.04 -4.60
CA LEU E 603 15.87 29.42 -4.24
C LEU E 603 15.94 27.89 -4.36
N CYS E 604 16.61 27.40 -5.41
CA CYS E 604 16.78 25.97 -5.58
C CYS E 604 17.58 25.37 -4.44
N TYR E 605 18.49 26.15 -3.85
CA TYR E 605 19.21 25.70 -2.66
C TYR E 605 18.30 25.70 -1.44
N ALA E 606 17.52 26.77 -1.25
CA ALA E 606 16.66 26.84 -0.08
C ALA E 606 15.58 25.76 -0.11
N THR E 607 15.30 25.20 -1.28
CA THR E 607 14.42 24.04 -1.36
C THR E 607 14.90 22.92 -0.44
N THR E 608 16.22 22.71 -0.38
CA THR E 608 16.77 21.67 0.50
C THR E 608 16.49 21.97 1.97
N PHE E 609 16.73 23.22 2.39
CA PHE E 609 16.39 23.62 3.75
C PHE E 609 14.92 23.39 4.04
N LEU E 610 14.07 23.57 3.03
CA LEU E 610 12.64 23.41 3.23
C LEU E 610 12.23 21.95 3.31
N MET E 611 12.96 21.07 2.62
CA MET E 611 12.55 19.66 2.55
C MET E 611 12.78 18.94 3.87
N ILE E 612 13.92 19.17 4.52
CA ILE E 612 14.26 18.46 5.75
C ILE E 612 13.37 18.83 6.93
N ALA E 613 12.60 19.93 6.83
CA ALA E 613 11.73 20.32 7.91
C ALA E 613 10.57 19.34 8.06
N GLU E 614 9.83 19.50 9.14
CA GLU E 614 8.67 18.65 9.37
C GLU E 614 7.65 18.86 8.24
N PRO E 615 7.02 17.79 7.76
CA PRO E 615 6.07 17.96 6.65
C PRO E 615 4.96 18.96 6.92
N ASP E 616 4.39 18.95 8.13
CA ASP E 616 3.32 19.86 8.51
C ASP E 616 2.26 19.98 7.42
N LEU E 617 1.77 21.21 7.19
CA LEU E 617 0.84 21.48 6.10
C LEU E 617 1.38 22.49 5.11
N GLY E 618 1.89 23.62 5.58
CA GLY E 618 2.44 24.61 4.66
C GLY E 618 3.71 24.12 3.98
N THR E 619 4.54 23.37 4.72
CA THR E 619 5.81 22.92 4.17
C THR E 619 5.61 22.01 2.96
N CYS E 620 4.65 21.08 3.05
CA CYS E 620 4.36 20.21 1.91
C CYS E 620 3.86 21.00 0.71
N SER E 621 3.10 22.08 0.95
CA SER E 621 2.65 22.91 -0.16
C SER E 621 3.82 23.65 -0.80
N LEU E 622 4.72 24.21 0.03
CA LEU E 622 5.86 24.95 -0.50
C LEU E 622 6.90 24.05 -1.15
N ARG E 623 6.90 22.76 -0.81
CA ARG E 623 7.91 21.86 -1.34
C ARG E 623 7.86 21.79 -2.86
N ARG E 624 6.66 21.73 -3.44
CA ARG E 624 6.55 21.68 -4.89
C ARG E 624 6.96 23.01 -5.52
N ILE E 625 6.46 24.12 -4.97
CA ILE E 625 6.64 25.41 -5.63
C ILE E 625 8.10 25.84 -5.60
N PHE E 626 8.79 25.60 -4.48
CA PHE E 626 10.19 26.00 -4.38
C PHE E 626 11.04 25.30 -5.43
N LEU E 627 10.90 23.97 -5.54
CA LEU E 627 11.68 23.24 -6.53
C LEU E 627 11.26 23.61 -7.95
N GLY E 628 9.95 23.75 -8.19
CA GLY E 628 9.47 24.05 -9.52
C GLY E 628 9.93 25.40 -10.01
N LEU E 629 10.14 26.35 -9.10
CA LEU E 629 10.68 27.64 -9.51
C LEU E 629 12.20 27.60 -9.62
N GLY E 630 12.87 27.00 -8.62
CA GLY E 630 14.33 27.02 -8.60
C GLY E 630 14.97 26.22 -9.72
N MET E 631 14.35 25.11 -10.12
CA MET E 631 14.93 24.26 -11.14
C MET E 631 14.51 24.70 -12.53
N SER E 632 13.65 25.71 -12.65
CA SER E 632 13.19 26.15 -13.95
C SER E 632 13.58 27.58 -14.32
N ILE E 633 13.58 28.50 -13.35
CA ILE E 633 13.96 29.88 -13.65
C ILE E 633 15.44 29.99 -13.97
N SER E 634 16.27 29.10 -13.41
CA SER E 634 17.69 29.05 -13.77
C SER E 634 17.85 28.80 -15.27
N TYR E 635 17.16 27.78 -15.77
CA TYR E 635 17.37 27.41 -17.17
C TYR E 635 16.59 28.32 -18.11
N ALA E 636 15.49 28.92 -17.64
CA ALA E 636 14.84 29.95 -18.43
C ALA E 636 15.76 31.16 -18.61
N ALA E 637 16.47 31.54 -17.55
CA ALA E 637 17.44 32.63 -17.65
C ALA E 637 18.60 32.26 -18.57
N LEU E 638 19.13 31.04 -18.43
CA LEU E 638 20.17 30.59 -19.34
C LEU E 638 19.70 30.69 -20.80
N LEU E 639 18.53 30.11 -21.10
CA LEU E 639 18.06 30.06 -22.47
C LEU E 639 17.86 31.47 -23.01
N THR E 640 17.25 32.35 -22.21
CA THR E 640 17.02 33.72 -22.65
C THR E 640 18.35 34.45 -22.92
N LYS E 641 19.34 34.26 -22.05
CA LYS E 641 20.65 34.88 -22.23
C LYS E 641 21.29 34.41 -23.53
N THR E 642 21.28 33.10 -23.76
CA THR E 642 21.87 32.57 -24.98
C THR E 642 21.10 33.04 -26.21
N ASN E 643 19.78 33.14 -26.11
CA ASN E 643 19.02 33.64 -27.26
C ASN E 643 19.37 35.09 -27.54
N ARG E 644 19.60 35.88 -26.48
CA ARG E 644 20.03 37.26 -26.65
C ARG E 644 21.33 37.34 -27.44
N ILE E 645 22.37 36.68 -26.93
CA ILE E 645 23.67 36.66 -27.60
C ILE E 645 23.54 36.15 -29.03
N TYR E 646 22.83 35.03 -29.22
CA TYR E 646 22.73 34.42 -30.55
C TYR E 646 22.02 35.34 -31.52
N ARG E 647 20.90 35.93 -31.12
CA ARG E 647 20.16 36.78 -32.04
C ARG E 647 20.96 38.02 -32.39
N ILE E 648 21.61 38.65 -31.40
CA ILE E 648 22.42 39.83 -31.68
C ILE E 648 23.52 39.50 -32.67
N PHE E 649 24.26 38.42 -32.42
CA PHE E 649 25.40 38.13 -33.28
C PHE E 649 24.96 37.67 -34.66
N GLU E 650 23.96 36.79 -34.74
CA GLU E 650 23.57 36.23 -36.02
C GLU E 650 22.62 37.14 -36.79
N GLN E 651 22.25 38.30 -36.24
CA GLN E 651 21.73 39.37 -37.09
C GLN E 651 22.79 40.39 -37.46
N GLY E 652 23.82 40.54 -36.62
CA GLY E 652 24.84 41.55 -36.89
C GLY E 652 25.51 41.38 -38.24
N LYS E 653 25.69 40.14 -38.66
CA LYS E 653 26.24 39.78 -39.97
C LYS E 653 25.24 39.96 -41.11
N ARG E 654 24.07 40.55 -40.85
CA ARG E 654 22.97 40.48 -41.80
C ARG E 654 22.25 41.83 -41.90
N SER E 655 22.15 42.56 -40.79
CA SER E 655 21.64 43.93 -40.86
C SER E 655 22.14 44.71 -39.66
N VAL E 656 22.13 46.03 -39.81
CA VAL E 656 22.55 46.92 -38.73
C VAL E 656 21.48 47.04 -37.66
N SER E 657 20.20 46.84 -38.01
CA SER E 657 19.15 47.03 -37.03
C SER E 657 19.31 46.06 -35.87
N ALA E 658 19.09 46.57 -34.66
CA ALA E 658 19.16 45.72 -33.48
C ALA E 658 17.96 44.78 -33.44
N PRO E 659 18.16 43.47 -33.38
CA PRO E 659 17.02 42.54 -33.41
C PRO E 659 16.03 42.90 -32.31
N ARG E 660 14.75 42.74 -32.58
CA ARG E 660 13.78 43.17 -31.58
C ARG E 660 13.89 42.26 -30.34
N PHE E 661 13.37 42.77 -29.23
CA PHE E 661 13.30 42.03 -27.97
C PHE E 661 14.70 41.56 -27.53
N ILE E 662 15.58 42.53 -27.31
CA ILE E 662 16.87 42.28 -26.68
C ILE E 662 17.16 43.25 -25.54
N SER E 663 16.28 44.20 -25.28
CA SER E 663 16.53 45.23 -24.29
C SER E 663 16.74 44.58 -22.92
N PRO E 664 17.53 45.18 -22.04
CA PRO E 664 17.88 44.49 -20.79
C PRO E 664 16.69 44.32 -19.86
N ALA E 665 15.70 45.20 -19.94
CA ALA E 665 14.55 45.19 -19.05
C ALA E 665 13.44 44.27 -19.57
N SER E 666 12.97 44.54 -20.79
CA SER E 666 11.84 43.81 -21.36
C SER E 666 12.17 42.36 -21.68
N GLN E 667 13.45 42.04 -21.84
CA GLN E 667 13.87 40.66 -22.05
C GLN E 667 13.50 39.76 -20.87
N LEU E 668 13.51 40.31 -19.65
CA LEU E 668 13.05 39.55 -18.49
C LEU E 668 11.66 38.98 -18.70
N ALA E 669 10.83 39.66 -19.49
CA ALA E 669 9.48 39.18 -19.69
C ALA E 669 9.48 37.85 -20.42
N ILE E 670 10.46 37.65 -21.32
CA ILE E 670 10.62 36.36 -21.97
C ILE E 670 10.86 35.26 -20.94
N THR E 671 11.68 35.55 -19.93
CA THR E 671 11.89 34.60 -18.84
C THR E 671 10.60 34.30 -18.10
N PHE E 672 9.80 35.33 -17.84
CA PHE E 672 8.56 35.08 -17.11
C PHE E 672 7.54 34.34 -17.97
N SER E 673 7.57 34.53 -19.29
CA SER E 673 6.72 33.74 -20.15
C SER E 673 7.18 32.28 -20.18
N LEU E 674 8.49 32.06 -20.24
CA LEU E 674 9.01 30.70 -20.19
C LEU E 674 8.76 30.04 -18.83
N ILE E 675 8.51 30.85 -17.80
CA ILE E 675 8.13 30.32 -16.49
C ILE E 675 6.63 30.13 -16.37
N SER E 676 5.84 30.80 -17.22
CA SER E 676 4.38 30.78 -17.12
C SER E 676 3.82 29.36 -17.15
N LEU E 677 4.25 28.55 -18.12
CA LEU E 677 3.75 27.17 -18.22
C LEU E 677 4.06 26.38 -16.94
N GLN E 678 5.23 26.61 -16.36
CA GLN E 678 5.55 26.01 -15.06
C GLN E 678 4.57 26.49 -14.00
N LEU E 679 4.34 27.79 -13.93
CA LEU E 679 3.50 28.35 -12.88
C LEU E 679 2.10 27.76 -12.99
N LEU E 680 1.51 27.87 -14.18
CA LEU E 680 0.27 27.16 -14.50
C LEU E 680 0.32 25.73 -13.99
N GLY E 681 1.36 24.99 -14.36
CA GLY E 681 1.60 23.63 -13.89
C GLY E 681 1.36 23.43 -12.41
N ILE E 682 2.13 24.18 -11.61
CA ILE E 682 2.07 23.99 -10.16
C ILE E 682 0.69 24.35 -9.64
N CYS E 683 0.09 25.43 -10.16
CA CYS E 683 -1.27 25.76 -9.72
C CYS E 683 -2.24 24.63 -10.07
N VAL E 684 -2.06 24.03 -11.24
CA VAL E 684 -2.90 22.90 -11.63
C VAL E 684 -2.75 21.79 -10.60
N TRP E 685 -1.52 21.52 -10.17
CA TRP E 685 -1.34 20.50 -9.15
C TRP E 685 -2.02 20.91 -7.85
N PHE E 686 -1.95 22.21 -7.52
CA PHE E 686 -2.59 22.80 -6.34
C PHE E 686 -4.11 22.79 -6.43
N VAL E 687 -4.67 22.32 -7.53
CA VAL E 687 -6.09 22.02 -7.58
C VAL E 687 -6.39 20.56 -7.90
N VAL E 688 -5.42 19.81 -8.43
CA VAL E 688 -5.60 18.39 -8.71
C VAL E 688 -5.17 17.53 -7.52
N ASP E 689 -4.06 17.90 -6.88
CA ASP E 689 -3.57 17.25 -5.68
C ASP E 689 -3.88 18.11 -4.47
N PRO E 690 -4.70 17.64 -3.54
CA PRO E 690 -5.08 18.47 -2.38
C PRO E 690 -3.92 18.90 -1.50
N SER E 691 -2.74 18.28 -1.66
CA SER E 691 -1.54 18.64 -0.90
C SER E 691 -1.75 18.45 0.60
N HIS E 692 -2.02 17.21 0.97
CA HIS E 692 -2.27 16.83 2.35
C HIS E 692 -1.19 15.89 2.84
N SER E 693 -0.69 16.14 4.05
CA SER E 693 0.27 15.25 4.69
C SER E 693 -0.47 14.23 5.54
N VAL E 694 0.09 13.01 5.59
CA VAL E 694 -0.55 11.90 6.28
C VAL E 694 0.54 11.05 6.93
N VAL E 695 0.24 10.52 8.11
CA VAL E 695 1.07 9.45 8.66
C VAL E 695 0.94 8.22 7.79
N ASP E 696 2.05 7.79 7.20
CA ASP E 696 2.02 6.69 6.25
C ASP E 696 1.45 5.43 6.89
N PHE E 697 0.54 4.77 6.19
CA PHE E 697 0.04 3.48 6.65
C PHE E 697 1.21 2.51 6.75
N GLN E 698 1.32 1.83 7.90
CA GLN E 698 2.58 1.24 8.35
C GLN E 698 2.85 -0.15 7.77
N ASP E 699 2.82 -0.26 6.44
CA ASP E 699 3.29 -1.46 5.76
C ASP E 699 4.69 -1.25 5.21
N GLN E 700 5.36 -0.16 5.62
CA GLN E 700 6.79 -0.02 5.39
C GLN E 700 7.55 -1.18 6.02
N ARG E 701 6.98 -1.80 7.04
CA ARG E 701 7.49 -3.05 7.59
C ARG E 701 6.28 -3.81 8.08
N THR E 702 6.30 -5.14 7.90
CA THR E 702 5.31 -5.99 8.54
C THR E 702 5.36 -5.82 10.06
N LEU E 703 4.19 -5.53 10.64
CA LEU E 703 4.11 -5.16 12.05
C LEU E 703 4.30 -6.35 12.97
N ASP E 704 4.23 -7.58 12.42
CA ASP E 704 4.45 -8.80 13.20
C ASP E 704 5.84 -8.79 13.85
N PRO E 705 6.96 -8.64 13.10
CA PRO E 705 8.20 -8.26 13.79
C PRO E 705 8.05 -6.89 14.43
N ARG E 706 8.00 -6.91 15.76
CA ARG E 706 7.47 -5.84 16.58
C ARG E 706 8.08 -4.46 16.34
N PHE E 707 9.29 -4.37 15.78
CA PHE E 707 9.92 -3.06 15.66
C PHE E 707 9.67 -2.54 14.25
N ALA E 708 8.44 -2.05 14.06
CA ALA E 708 7.92 -1.56 12.79
C ALA E 708 7.72 -0.06 12.87
N ARG E 709 7.91 0.62 11.74
CA ARG E 709 8.00 2.08 11.74
C ARG E 709 7.11 2.67 10.66
N GLY E 710 6.71 3.92 10.89
CA GLY E 710 6.04 4.74 9.89
C GLY E 710 6.77 6.05 9.71
N VAL E 711 7.19 6.33 8.48
CA VAL E 711 8.16 7.40 8.24
C VAL E 711 7.51 8.75 8.00
N LEU E 712 6.19 8.83 8.22
CA LEU E 712 5.47 10.11 8.14
C LEU E 712 5.76 10.83 6.83
N LYS E 713 5.56 10.11 5.73
CA LYS E 713 5.89 10.66 4.41
C LYS E 713 4.97 11.83 4.07
N CYS E 714 5.58 12.94 3.65
CA CYS E 714 4.82 14.07 3.13
C CYS E 714 4.31 13.71 1.74
N ASP E 715 3.07 13.22 1.68
CA ASP E 715 2.58 12.57 0.46
C ASP E 715 2.36 13.57 -0.66
N ILE E 716 3.38 13.75 -1.49
CA ILE E 716 3.27 14.48 -2.75
C ILE E 716 3.43 13.47 -3.88
N SER E 717 2.44 13.42 -4.77
CA SER E 717 2.43 12.42 -5.83
C SER E 717 3.65 12.59 -6.74
N ASP E 718 4.27 11.45 -7.08
CA ASP E 718 5.48 11.48 -7.89
C ASP E 718 5.23 11.97 -9.31
N LEU E 719 3.98 11.89 -9.78
CA LEU E 719 3.67 12.36 -11.13
C LEU E 719 3.92 13.85 -11.28
N SER E 720 3.58 14.64 -10.25
CA SER E 720 3.86 16.07 -10.31
C SER E 720 5.36 16.34 -10.39
N LEU E 721 6.15 15.60 -9.60
CA LEU E 721 7.61 15.74 -9.65
C LEU E 721 8.13 15.40 -11.03
N ILE E 722 7.64 14.32 -11.62
CA ILE E 722 8.09 13.91 -12.95
C ILE E 722 7.71 14.96 -13.99
N CYS E 723 6.50 15.50 -13.91
CA CYS E 723 6.07 16.51 -14.88
C CYS E 723 6.95 17.78 -14.77
N LEU E 724 7.18 18.24 -13.54
CA LEU E 724 7.98 19.44 -13.36
C LEU E 724 9.41 19.23 -13.84
N LEU E 725 9.99 18.06 -13.55
CA LEU E 725 11.34 17.81 -13.99
C LEU E 725 11.40 17.60 -15.49
N GLY E 726 10.36 17.04 -16.10
CA GLY E 726 10.36 16.90 -17.55
C GLY E 726 10.29 18.25 -18.23
N TYR E 727 9.52 19.18 -17.65
CA TYR E 727 9.51 20.54 -18.16
C TYR E 727 10.91 21.15 -18.09
N SER E 728 11.58 20.99 -16.94
CA SER E 728 12.94 21.54 -16.85
C SER E 728 13.89 20.85 -17.81
N MET E 729 13.71 19.54 -18.06
CA MET E 729 14.57 18.84 -19.01
C MET E 729 14.39 19.37 -20.42
N LEU E 730 13.14 19.58 -20.85
CA LEU E 730 12.90 20.18 -22.16
C LEU E 730 13.47 21.59 -22.24
N LEU E 731 13.32 22.37 -21.16
CA LEU E 731 13.86 23.72 -21.16
C LEU E 731 15.38 23.70 -21.31
N MET E 732 16.05 22.78 -20.63
CA MET E 732 17.49 22.69 -20.73
C MET E 732 17.93 22.07 -22.05
N VAL E 733 17.10 21.24 -22.68
CA VAL E 733 17.38 20.79 -24.04
C VAL E 733 17.38 21.98 -25.00
N THR E 734 16.40 22.88 -24.86
CA THR E 734 16.41 24.09 -25.66
C THR E 734 17.64 24.95 -25.36
N CYS E 735 18.03 25.01 -24.09
CA CYS E 735 19.24 25.74 -23.71
C CYS E 735 20.45 25.18 -24.41
N THR E 736 20.57 23.84 -24.43
CA THR E 736 21.69 23.19 -25.10
C THR E 736 21.67 23.44 -26.60
N VAL E 737 20.48 23.44 -27.20
CA VAL E 737 20.38 23.69 -28.63
C VAL E 737 20.90 25.09 -28.96
N TYR E 738 20.45 26.08 -28.19
CA TYR E 738 20.92 27.44 -28.45
C TYR E 738 22.39 27.62 -28.11
N ALA E 739 22.88 26.92 -27.08
CA ALA E 739 24.31 26.97 -26.77
C ALA E 739 25.14 26.41 -27.92
N ILE E 740 24.68 25.32 -28.52
CA ILE E 740 25.36 24.77 -29.69
C ILE E 740 25.33 25.77 -30.84
N LYS E 741 24.18 26.41 -31.06
CA LYS E 741 24.07 27.39 -32.13
C LYS E 741 24.92 28.63 -31.89
N THR E 742 25.28 28.90 -30.63
CA THR E 742 26.14 30.04 -30.30
C THR E 742 27.63 29.72 -30.42
N ARG E 743 28.00 28.74 -31.25
CA ARG E 743 29.40 28.34 -31.34
C ARG E 743 30.28 29.48 -31.84
N GLY E 744 29.79 30.25 -32.79
CA GLY E 744 30.57 31.31 -33.41
C GLY E 744 30.71 32.59 -32.62
N VAL E 745 30.11 32.68 -31.44
CA VAL E 745 30.24 33.89 -30.62
C VAL E 745 31.69 34.04 -30.19
N PRO E 746 32.27 35.24 -30.29
CA PRO E 746 33.66 35.43 -29.90
C PRO E 746 33.81 35.92 -28.46
N GLU E 747 35.01 35.70 -27.93
CA GLU E 747 35.55 36.29 -26.70
C GLU E 747 34.56 36.07 -25.54
N THR E 748 34.48 37.04 -24.62
CA THR E 748 33.86 36.84 -23.32
C THR E 748 32.36 36.63 -23.38
N PHE E 749 31.74 36.89 -24.53
CA PHE E 749 30.31 36.69 -24.68
C PHE E 749 29.96 35.24 -24.98
N ASN E 750 30.95 34.44 -25.37
CA ASN E 750 30.76 33.03 -25.65
C ASN E 750 31.02 32.22 -24.39
N GLU E 751 30.01 31.47 -23.94
CA GLU E 751 30.17 30.51 -22.86
C GLU E 751 29.44 29.21 -23.20
N ALA E 752 29.44 28.85 -24.48
CA ALA E 752 28.74 27.65 -24.93
C ALA E 752 29.30 26.39 -24.29
N LYS E 753 30.64 26.30 -24.20
CA LYS E 753 31.25 25.11 -23.60
C LYS E 753 30.92 24.97 -22.12
N PRO E 754 31.03 26.00 -21.28
CA PRO E 754 30.58 25.83 -19.89
C PRO E 754 29.11 25.45 -19.79
N ILE E 755 28.26 26.00 -20.66
CA ILE E 755 26.85 25.66 -20.63
C ILE E 755 26.64 24.20 -20.98
N GLY E 756 27.32 23.71 -22.01
CA GLY E 756 27.23 22.30 -22.36
C GLY E 756 27.72 21.41 -21.24
N PHE E 757 28.80 21.82 -20.56
CA PHE E 757 29.30 21.05 -19.43
C PHE E 757 28.26 21.00 -18.32
N THR E 758 27.63 22.13 -18.04
CA THR E 758 26.58 22.17 -17.02
C THR E 758 25.44 21.24 -17.42
N MET E 759 25.07 21.24 -18.70
CA MET E 759 23.94 20.43 -19.13
C MET E 759 24.26 18.95 -19.06
N TYR E 760 25.48 18.57 -19.43
CA TYR E 760 25.90 17.18 -19.29
C TYR E 760 25.88 16.76 -17.83
N THR E 761 26.42 17.61 -16.94
CA THR E 761 26.44 17.27 -15.52
C THR E 761 25.03 17.18 -14.96
N THR E 762 24.15 18.09 -15.36
CA THR E 762 22.77 18.06 -14.88
C THR E 762 22.03 16.84 -15.41
N CYS E 763 22.26 16.44 -16.65
CA CYS E 763 21.63 15.23 -17.17
C CYS E 763 22.10 14.00 -16.41
N ILE E 764 23.41 13.92 -16.13
CA ILE E 764 23.91 12.78 -15.37
C ILE E 764 23.32 12.79 -13.98
N VAL E 765 23.22 13.96 -13.36
CA VAL E 765 22.67 14.05 -12.01
C VAL E 765 21.21 13.63 -12.03
N TRP E 766 20.44 14.15 -12.98
CA TRP E 766 19.01 13.89 -13.04
C TRP E 766 18.71 12.61 -13.77
N LEU E 767 19.70 11.75 -13.88
CA LEU E 767 19.51 10.39 -14.34
C LEU E 767 19.94 9.43 -13.25
N ALA E 768 21.09 9.71 -12.61
CA ALA E 768 21.50 9.01 -11.41
C ALA E 768 20.44 9.13 -10.32
N PHE E 769 19.60 10.17 -10.41
CA PHE E 769 18.47 10.31 -9.50
C PHE E 769 17.38 9.27 -9.78
N ILE E 770 17.15 8.94 -11.05
CA ILE E 770 16.00 8.10 -11.41
C ILE E 770 16.05 6.71 -10.79
N PRO E 771 17.19 5.98 -10.70
CA PRO E 771 17.12 4.60 -10.23
C PRO E 771 16.98 4.47 -8.72
N ILE E 772 17.62 5.34 -7.94
CA ILE E 772 17.47 5.25 -6.49
C ILE E 772 16.06 5.68 -6.08
N PHE E 773 15.57 6.77 -6.64
CA PHE E 773 14.29 7.32 -6.18
C PHE E 773 13.13 6.41 -6.60
N PHE E 774 13.16 5.90 -7.83
CA PHE E 774 12.10 5.03 -8.31
C PHE E 774 12.42 3.56 -8.10
N GLY E 775 13.55 3.11 -8.63
CA GLY E 775 13.86 1.68 -8.61
C GLY E 775 14.18 1.16 -7.22
N THR E 776 15.14 1.80 -6.55
CA THR E 776 15.52 1.36 -5.20
C THR E 776 14.37 1.47 -4.21
N SER E 777 13.36 2.30 -4.49
CA SER E 777 12.25 2.50 -3.57
C SER E 777 11.48 1.22 -3.28
N GLN E 778 11.73 0.13 -4.00
CA GLN E 778 11.18 -1.17 -3.60
C GLN E 778 11.70 -1.59 -2.25
N SER E 779 12.91 -1.18 -1.89
CA SER E 779 13.46 -1.45 -0.56
C SER E 779 12.70 -0.62 0.46
N ALA E 780 11.81 -1.28 1.21
CA ALA E 780 10.96 -0.57 2.15
C ALA E 780 11.74 0.04 3.30
N ASP E 781 12.84 -0.59 3.70
CA ASP E 781 13.61 -0.10 4.83
C ASP E 781 14.27 1.24 4.49
N LYS E 782 14.09 2.21 5.37
CA LYS E 782 14.64 3.56 5.22
C LYS E 782 14.27 4.13 3.85
N LEU E 783 12.95 4.28 3.64
CA LEU E 783 12.46 4.85 2.40
C LEU E 783 12.80 6.34 2.29
N TYR E 784 13.13 7.00 3.39
CA TYR E 784 13.47 8.42 3.33
C TYR E 784 14.81 8.66 2.65
N ILE E 785 15.51 7.61 2.21
CA ILE E 785 16.64 7.80 1.32
C ILE E 785 16.21 8.49 0.03
N GLN E 786 14.91 8.45 -0.27
CA GLN E 786 14.39 9.25 -1.38
C GLN E 786 14.66 10.72 -1.13
N THR E 787 14.38 11.18 0.09
CA THR E 787 14.43 12.61 0.37
C THR E 787 15.82 13.15 0.06
N THR E 788 16.84 12.54 0.66
CA THR E 788 18.22 12.90 0.37
C THR E 788 18.55 12.74 -1.11
N THR E 789 18.14 11.64 -1.73
CA THR E 789 18.42 11.42 -3.15
C THR E 789 17.89 12.56 -4.01
N LEU E 790 16.78 13.18 -3.59
CA LEU E 790 16.31 14.40 -4.22
C LEU E 790 17.17 15.61 -3.84
N THR E 791 17.23 15.92 -2.55
CA THR E 791 17.82 17.18 -2.09
C THR E 791 19.27 17.30 -2.55
N VAL E 792 20.07 16.27 -2.27
CA VAL E 792 21.49 16.27 -2.67
C VAL E 792 21.61 16.52 -4.17
N SER E 793 20.84 15.77 -4.96
CA SER E 793 20.83 15.93 -6.41
C SER E 793 20.56 17.37 -6.83
N VAL E 794 19.49 17.95 -6.27
CA VAL E 794 19.14 19.34 -6.56
C VAL E 794 20.28 20.28 -6.21
N SER E 795 20.81 20.18 -4.99
CA SER E 795 21.88 21.10 -4.61
C SER E 795 23.19 20.81 -5.33
N LEU E 796 23.34 19.63 -5.93
CA LEU E 796 24.49 19.39 -6.79
C LEU E 796 24.27 20.12 -8.11
N SER E 797 23.07 20.02 -8.66
CA SER E 797 22.82 20.61 -9.96
C SER E 797 23.02 22.12 -9.85
N ALA E 798 22.47 22.70 -8.78
CA ALA E 798 22.72 24.11 -8.49
C ALA E 798 24.21 24.39 -8.32
N SER E 799 24.93 23.55 -7.56
CA SER E 799 26.37 23.75 -7.39
C SER E 799 27.13 23.70 -8.70
N VAL E 800 26.57 23.05 -9.71
CA VAL E 800 27.16 23.07 -11.05
C VAL E 800 26.80 24.36 -11.77
N SER E 801 25.51 24.69 -11.81
CA SER E 801 25.13 25.87 -12.58
C SER E 801 25.77 27.12 -12.00
N LEU E 802 25.84 27.22 -10.67
CA LEU E 802 26.59 28.28 -10.02
C LEU E 802 28.09 28.19 -10.30
N GLY E 803 28.68 27.00 -10.22
CA GLY E 803 30.12 26.88 -10.35
C GLY E 803 30.57 27.14 -11.77
N MET E 804 30.25 26.25 -12.69
CA MET E 804 30.86 26.29 -14.01
C MET E 804 30.43 27.52 -14.79
N LEU E 805 29.43 28.25 -14.31
CA LEU E 805 29.02 29.48 -14.97
C LEU E 805 29.53 30.75 -14.30
N TYR E 806 29.78 30.76 -12.98
CA TYR E 806 30.17 32.01 -12.34
C TYR E 806 31.52 31.98 -11.62
N MET E 807 31.98 30.82 -11.16
CA MET E 807 33.36 30.79 -10.66
C MET E 807 34.37 31.21 -11.73
N PRO E 808 34.23 30.79 -13.03
CA PRO E 808 35.21 31.25 -14.02
C PRO E 808 34.88 32.67 -14.46
N LYS E 809 34.24 33.40 -13.55
CA LYS E 809 33.81 34.77 -13.77
C LYS E 809 34.05 35.61 -12.54
N VAL E 810 34.19 35.00 -11.37
CA VAL E 810 34.54 35.69 -10.15
C VAL E 810 36.04 35.63 -9.97
N TYR E 811 36.61 34.48 -10.33
CA TYR E 811 38.03 34.23 -10.12
C TYR E 811 38.88 35.37 -10.68
N ILE E 812 38.40 35.98 -11.76
CA ILE E 812 39.06 37.16 -12.33
C ILE E 812 38.74 38.40 -11.51
N ILE E 813 37.45 38.72 -11.34
CA ILE E 813 37.11 40.02 -10.76
C ILE E 813 37.72 40.15 -9.37
N LEU E 814 37.89 39.03 -8.68
CA LEU E 814 38.46 39.05 -7.35
C LEU E 814 39.98 38.86 -7.37
N PHE E 815 40.52 38.18 -8.39
CA PHE E 815 41.95 37.92 -8.44
C PHE E 815 42.66 38.73 -9.52
N HIS E 816 42.16 38.70 -10.75
CA HIS E 816 42.85 39.29 -11.88
C HIS E 816 42.18 40.58 -12.33
N PRO E 817 42.79 41.75 -12.11
CA PRO E 817 42.29 42.97 -12.76
C PRO E 817 42.60 42.97 -14.24
N GLU E 818 42.04 42.00 -14.97
CA GLU E 818 42.38 41.81 -16.37
C GLU E 818 41.79 42.90 -17.26
N GLN E 819 40.68 43.52 -16.87
CA GLN E 819 39.98 44.45 -17.73
C GLN E 819 39.69 45.74 -16.97
N ASN E 820 39.49 46.81 -17.73
CA ASN E 820 39.18 48.12 -17.19
C ASN E 820 37.88 48.12 -16.41
#